data_8SKQ
# 
_entry.id   8SKQ 
# 
_audit_conform.dict_name       mmcif_pdbx.dic 
_audit_conform.dict_version    5.404 
_audit_conform.dict_location   http://mmcif.pdb.org/dictionaries/ascii/mmcif_pdbx.dic 
# 
loop_
_database_2.database_id 
_database_2.database_code 
_database_2.pdbx_database_accession 
_database_2.pdbx_DOI 
PDB   8SKQ         pdb_00008skq 10.2210/pdb8skq/pdb 
WWPDB D_1000273968 ?            ?                   
# 
loop_
_pdbx_audit_revision_history.ordinal 
_pdbx_audit_revision_history.data_content_type 
_pdbx_audit_revision_history.major_revision 
_pdbx_audit_revision_history.minor_revision 
_pdbx_audit_revision_history.revision_date 
_pdbx_audit_revision_history.part_number 
1 'Structure model' 1 0 2024-02-14 ? 
2 'Structure model' 2 0 2025-07-30 ? 
# 
_pdbx_audit_revision_details.ordinal             1 
_pdbx_audit_revision_details.revision_ordinal    1 
_pdbx_audit_revision_details.data_content_type   'Structure model' 
_pdbx_audit_revision_details.provider            repository 
_pdbx_audit_revision_details.type                'Initial release' 
_pdbx_audit_revision_details.description         ? 
_pdbx_audit_revision_details.details             ? 
# 
loop_
_pdbx_audit_revision_group.ordinal 
_pdbx_audit_revision_group.revision_ordinal 
_pdbx_audit_revision_group.data_content_type 
_pdbx_audit_revision_group.group 
1 2 'Structure model' 'Atomic model'      
2 2 'Structure model' 'Structure summary' 
# 
loop_
_pdbx_audit_revision_category.ordinal 
_pdbx_audit_revision_category.revision_ordinal 
_pdbx_audit_revision_category.data_content_type 
_pdbx_audit_revision_category.category 
1 2 'Structure model' atom_site          
2 2 'Structure model' pdbx_entry_details 
# 
loop_
_pdbx_audit_revision_item.ordinal 
_pdbx_audit_revision_item.revision_ordinal 
_pdbx_audit_revision_item.data_content_type 
_pdbx_audit_revision_item.item 
1 2 'Structure model' '_atom_site.B_iso_or_equiv'                    
2 2 'Structure model' '_atom_site.Cartn_x'                           
3 2 'Structure model' '_atom_site.Cartn_y'                           
4 2 'Structure model' '_atom_site.Cartn_z'                           
5 2 'Structure model' '_atom_site.auth_atom_id'                      
6 2 'Structure model' '_atom_site.label_atom_id'                     
7 2 'Structure model' '_atom_site.type_symbol'                       
8 2 'Structure model' '_pdbx_entry_details.has_protein_modification' 
# 
_database_PDB_caveat.id     1 
_database_PDB_caveat.text   
'There are a number of linkage issues in the model, possibly due to the unusual representation of the multiple-strand arrangement.' 
# 
_pdbx_database_status.status_code                     REL 
_pdbx_database_status.status_code_sf                  REL 
_pdbx_database_status.status_code_mr                  ? 
_pdbx_database_status.entry_id                        8SKQ 
_pdbx_database_status.recvd_initial_deposition_date   2023-04-20 
_pdbx_database_status.SG_entry                        N 
_pdbx_database_status.deposit_site                    RCSB 
_pdbx_database_status.process_site                    RCSB 
_pdbx_database_status.status_code_cs                  ? 
_pdbx_database_status.status_code_nmr_data            ? 
_pdbx_database_status.methods_development_category    ? 
_pdbx_database_status.pdb_format_compatible           Y 
# 
_pdbx_contact_author.id                 2 
_pdbx_contact_author.email              martin.egli@vanderbilt.edu 
_pdbx_contact_author.name_first         Martin 
_pdbx_contact_author.name_last          Egli 
_pdbx_contact_author.name_mi            ? 
_pdbx_contact_author.role               'principal investigator/group leader' 
_pdbx_contact_author.identifier_ORCID   0000-0003-4145-356X 
# 
loop_
_audit_author.name 
_audit_author.pdbx_ordinal 
_audit_author.identifier_ORCID 
'Harp, J.M.' 1 0000-0002-9116-5606 
'Egli, M.'   2 0000-0003-4145-356X 
# 
loop_
_citation.abstract 
_citation.abstract_id_CAS 
_citation.book_id_ISBN 
_citation.book_publisher 
_citation.book_publisher_city 
_citation.book_title 
_citation.coordinate_linkage 
_citation.country 
_citation.database_id_Medline 
_citation.details 
_citation.id 
_citation.journal_abbrev 
_citation.journal_id_ASTM 
_citation.journal_id_CSD 
_citation.journal_id_ISSN 
_citation.journal_full 
_citation.journal_issue 
_citation.journal_volume 
_citation.language 
_citation.page_first 
_citation.page_last 
_citation.title 
_citation.year 
_citation.database_id_CSD 
_citation.pdbx_database_id_DOI 
_citation.pdbx_database_id_PubMed 
_citation.pdbx_database_id_patent 
_citation.unpublished_flag 
? ? ? ? ? ? ? US ? ? primary J.Am.Chem.Soc.                        JACSAT ? 1520-5126 ? ? 145 ? 19691 19706 
;Shorter Is Better: The alpha-(l)-Threofuranosyl Nucleic Acid Modification Improves Stability, Potency, Safety, and Ago2 Binding and Mitigates Off-Target Effects of Small Interfering RNAs.
;
2023 ? 10.1021/jacs.3c04744      37638886 ? ? 
? ? ? ? ? ? ? US ? ? 1       'Acta Crystallogr D Biol Crystallogr' ABCRE6 ? 1399-0047 ? ? 67  ? 293   302   
'Data processing and analysis with the autoPROC toolbox.' 2011 ? 10.1107/S0907444911007773 21460447 ? ? 
# 
loop_
_citation_author.citation_id 
_citation_author.name 
_citation_author.ordinal 
_citation_author.identifier_ORCID 
primary 'Matsuda, S.'     1  ?                   
primary 'Bala, S.'        2  0000-0002-5285-4476 
primary 'Liao, J.Y.'      3  ?                   
primary 'Datta, D.'       4  ?                   
primary 'Mikami, A.'      5  ?                   
primary 'Woods, L.'       6  ?                   
primary 'Harp, J.M.'      7  ?                   
primary 'Gilbert, J.A.'   8  ?                   
primary 'Bisbe, A.'       9  ?                   
primary 'Manoharan, R.M.' 10 ?                   
primary 'Kim, M.'         11 ?                   
primary 'Theile, C.S.'    12 ?                   
primary 'Guenther, D.C.'  13 ?                   
primary 'Jiang, Y.'       14 ?                   
primary 'Agarwal, S.'     15 0000-0002-1681-2842 
primary 'Maganti, R.'     16 ?                   
primary 'Schlegel, M.K.'  17 0000-0002-0127-608X 
primary 'Zlatev, I.'      18 ?                   
primary 'Charisse, K.'    19 ?                   
primary 'Rajeev, K.G.'    20 ?                   
primary 'Castoreno, A.'   21 ?                   
primary 'Maier, M.'       22 ?                   
primary 'Janas, M.M.'     23 ?                   
primary 'Egli, M.'        24 0000-0003-4145-356X 
primary 'Chaput, J.C.'    25 0000-0003-1393-135X 
primary 'Manoharan, M.'   26 0000-0002-7931-1172 
1       'Vonrhein, C.'    27 ?                   
1       'Flensburg, C.'   28 ?                   
1       'Keller, P.'      29 ?                   
1       'Sharff, A.'      30 ?                   
1       'Smart, O.'       31 ?                   
1       'Paciorek, W.'    32 ?                   
1       'Womack, T.'      33 ?                   
1       'Bricogne, G.'    34 ?                   
# 
loop_
_entity.id 
_entity.type 
_entity.src_method 
_entity.pdbx_description 
_entity.formula_weight 
_entity.pdbx_number_of_molecules 
_entity.pdbx_ec 
_entity.pdbx_mutation 
_entity.pdbx_fragment 
_entity.details 
1 polymer syn 'TNA-containing RNA oligonucleotide' 3993.153 1 ? ? ? ? 
2 water   nat water                                18.015   9 ? ? ? ? 
# 
_entity_poly.entity_id                      1 
_entity_poly.type                           polyribonucleotide 
_entity_poly.nstd_linkage                   no 
_entity_poly.nstd_monomer                   yes 
_entity_poly.pdbx_seq_one_letter_code       'G(CBV)GAAU(TFT)CG(CBV)GA' 
_entity_poly.pdbx_seq_one_letter_code_can   GCGAAUTCGCGA 
_entity_poly.pdbx_strand_id                 A 
_entity_poly.pdbx_target_identifier         ? 
# 
_pdbx_entity_nonpoly.entity_id   2 
_pdbx_entity_nonpoly.name        water 
_pdbx_entity_nonpoly.comp_id     HOH 
# 
loop_
_entity_poly_seq.entity_id 
_entity_poly_seq.num 
_entity_poly_seq.mon_id 
_entity_poly_seq.hetero 
1 1  G   y 
1 1  C   y 
1 1  A   y 
1 2  CBV y 
1 2  G   y 
1 2  U   y 
1 2  A   y 
1 3  G   y 
1 3  CBV y 
1 3  TFT y 
1 3  U   y 
1 4  A   y 
1 4  G   y 
1 4  C   y 
1 4  TFT y 
1 5  A   y 
1 5  G   y 
1 5  C   y 
1 6  U   y 
1 6  A   y 
1 6  CBV y 
1 6  G   y 
1 7  TFT y 
1 7  U   y 
1 7  G   y 
1 7  CBV y 
1 8  C   y 
1 8  TFT y 
1 8  A   y 
1 8  G   y 
1 9  G   y 
1 9  C   y 
1 9  A   y 
1 10 CBV y 
1 10 G   y 
1 10 U   y 
1 10 A   y 
1 11 G   y 
1 11 CBV y 
1 11 TFT y 
1 11 U   y 
1 12 A   y 
1 12 G   y 
1 12 C   y 
1 12 TFT y 
# 
_pdbx_entity_src_syn.entity_id              1 
_pdbx_entity_src_syn.pdbx_src_id            1 
_pdbx_entity_src_syn.pdbx_alt_source_flag   sample 
_pdbx_entity_src_syn.pdbx_beg_seq_num       1 
_pdbx_entity_src_syn.pdbx_end_seq_num       12 
_pdbx_entity_src_syn.organism_scientific    'synthetic construct' 
_pdbx_entity_src_syn.organism_common_name   ? 
_pdbx_entity_src_syn.ncbi_taxonomy_id       32630 
_pdbx_entity_src_syn.details                ? 
# 
loop_
_chem_comp.id 
_chem_comp.type 
_chem_comp.mon_nstd_flag 
_chem_comp.name 
_chem_comp.pdbx_synonyms 
_chem_comp.formula 
_chem_comp.formula_weight 
A   'RNA linking' y "ADENOSINE-5'-MONOPHOSPHATE"                        ? 'C10 H14 N5 O7 P'   347.221 
C   'RNA linking' y "CYTIDINE-5'-MONOPHOSPHATE"                         ? 'C9 H14 N3 O8 P'    323.197 
CBV 'RNA linking' n 
;5-BROMOCYTIDINE 5'-(DIHYDROGEN PHOSPHATE)
;
? 'C9 H13 Br N3 O8 P' 402.093 
G   'RNA linking' y "GUANOSINE-5'-MONOPHOSPHATE"                        ? 'C10 H14 N5 O8 P'   363.221 
HOH non-polymer   . WATER                                               ? 'H2 O'              18.015  
TFT 'DNA linking' n "(L)-ALPHA-THREOFURANOSYL-THYMINE-3'-MONOPHOSPHATE" ? 'C9 H13 N2 O8 P'    308.182 
U   'RNA linking' y "URIDINE-5'-MONOPHOSPHATE"                          ? 'C9 H13 N2 O9 P'    324.181 
# 
loop_
_pdbx_poly_seq_scheme.asym_id 
_pdbx_poly_seq_scheme.entity_id 
_pdbx_poly_seq_scheme.seq_id 
_pdbx_poly_seq_scheme.mon_id 
_pdbx_poly_seq_scheme.ndb_seq_num 
_pdbx_poly_seq_scheme.pdb_seq_num 
_pdbx_poly_seq_scheme.auth_seq_num 
_pdbx_poly_seq_scheme.pdb_mon_id 
_pdbx_poly_seq_scheme.auth_mon_id 
_pdbx_poly_seq_scheme.pdb_strand_id 
_pdbx_poly_seq_scheme.pdb_ins_code 
_pdbx_poly_seq_scheme.hetero 
A 1 1  G   1  0  0  G   G   A . y 
A 1 1  C   1  0  0  C   C   A . y 
A 1 1  A   1  0  0  A   A   A . y 
A 1 2  CBV 2  1  1  CBV CBV A . y 
A 1 2  G   2  1  1  G   G   A . y 
A 1 2  U   2  1  1  U   U   A . y 
A 1 2  A   2  1  1  A   A   A . y 
A 1 3  G   3  2  2  G   G   A . y 
A 1 3  CBV 3  2  2  CBV CBV A . y 
A 1 3  TFT 3  2  2  TFT TFT A . y 
A 1 3  U   3  2  2  U   U   A . y 
A 1 4  A   4  3  3  A   A   A . y 
A 1 4  G   4  3  3  G   G   A . y 
A 1 4  C   4  3  3  C   C   A . y 
A 1 4  TFT 4  3  3  TFT TFT A . y 
A 1 5  A   5  4  4  A   A   A . y 
A 1 5  G   5  4  4  G   G   A . y 
A 1 5  C   5  4  4  C   C   A . y 
A 1 6  U   6  5  5  U   U   A . y 
A 1 6  A   6  5  5  A   A   A . y 
A 1 6  CBV 6  5  5  CBV CBV A . y 
A 1 6  G   6  5  5  G   G   A . y 
A 1 7  TFT 7  6  6  TFT TFT A . y 
A 1 7  U   7  6  6  U   U   A . y 
A 1 7  G   7  6  6  G   G   A . y 
A 1 7  CBV 7  6  6  CBV CBV A . y 
A 1 8  C   8  7  7  C   C   A . y 
A 1 8  TFT 8  7  7  TFT TFT A . y 
A 1 8  A   8  7  7  A   A   A . y 
A 1 8  G   8  7  7  G   G   A . y 
A 1 9  G   9  8  8  G   G   A . y 
A 1 9  C   9  8  8  C   C   A . y 
A 1 9  A   9  8  8  A   A   A . y 
A 1 10 CBV 10 9  9  CBV CBV A . y 
A 1 10 G   10 9  9  G   G   A . y 
A 1 10 U   10 9  9  U   U   A . y 
A 1 10 A   10 9  9  A   A   A . y 
A 1 11 G   11 10 10 G   G   A . y 
A 1 11 CBV 11 10 10 CBV CBV A . y 
A 1 11 TFT 11 10 10 TFT TFT A . y 
A 1 11 U   11 10 10 U   U   A . y 
A 1 12 A   12 11 11 A   A   A . y 
A 1 12 G   12 11 11 G   G   A . y 
A 1 12 C   12 11 11 C   C   A . y 
A 1 12 TFT 12 11 11 TFT TFT A . y 
# 
loop_
_pdbx_entity_instance_feature.ordinal 
_pdbx_entity_instance_feature.comp_id 
_pdbx_entity_instance_feature.asym_id 
_pdbx_entity_instance_feature.seq_num 
_pdbx_entity_instance_feature.auth_comp_id 
_pdbx_entity_instance_feature.auth_asym_id 
_pdbx_entity_instance_feature.auth_seq_num 
_pdbx_entity_instance_feature.feature_type 
_pdbx_entity_instance_feature.details 
1 CBV ? ? CBV ? ? 'SUBJECT OF INVESTIGATION' ? 
2 TFT ? ? TFT ? ? 'SUBJECT OF INVESTIGATION' ? 
# 
loop_
_pdbx_nonpoly_scheme.asym_id 
_pdbx_nonpoly_scheme.entity_id 
_pdbx_nonpoly_scheme.mon_id 
_pdbx_nonpoly_scheme.ndb_seq_num 
_pdbx_nonpoly_scheme.pdb_seq_num 
_pdbx_nonpoly_scheme.auth_seq_num 
_pdbx_nonpoly_scheme.pdb_mon_id 
_pdbx_nonpoly_scheme.auth_mon_id 
_pdbx_nonpoly_scheme.pdb_strand_id 
_pdbx_nonpoly_scheme.pdb_ins_code 
B 2 HOH 1 101 9 HOH HOH A . 
B 2 HOH 2 102 6 HOH HOH A . 
B 2 HOH 3 103 4 HOH HOH A . 
B 2 HOH 4 104 1 HOH HOH A . 
B 2 HOH 5 105 5 HOH HOH A . 
B 2 HOH 6 106 2 HOH HOH A . 
B 2 HOH 7 107 3 HOH HOH A . 
B 2 HOH 8 108 8 HOH HOH A . 
B 2 HOH 9 109 7 HOH HOH A . 
# 
loop_
_pdbx_unobs_or_zero_occ_atoms.id 
_pdbx_unobs_or_zero_occ_atoms.PDB_model_num 
_pdbx_unobs_or_zero_occ_atoms.polymer_flag 
_pdbx_unobs_or_zero_occ_atoms.occupancy_flag 
_pdbx_unobs_or_zero_occ_atoms.auth_asym_id 
_pdbx_unobs_or_zero_occ_atoms.auth_comp_id 
_pdbx_unobs_or_zero_occ_atoms.auth_seq_id 
_pdbx_unobs_or_zero_occ_atoms.PDB_ins_code 
_pdbx_unobs_or_zero_occ_atoms.auth_atom_id 
_pdbx_unobs_or_zero_occ_atoms.label_alt_id 
_pdbx_unobs_or_zero_occ_atoms.label_asym_id 
_pdbx_unobs_or_zero_occ_atoms.label_comp_id 
_pdbx_unobs_or_zero_occ_atoms.label_seq_id 
_pdbx_unobs_or_zero_occ_atoms.label_atom_id 
1  1 Y 1 A CBV 1  ? P   ? A CBV 2  P   
2  1 Y 1 A CBV 1  ? O1P ? A CBV 2  O1P 
3  1 Y 1 A CBV 1  ? O2P ? A CBV 2  O2P 
4  1 Y 1 A G   2  ? P   ? A G   3  P   
5  1 Y 1 A G   2  ? OP1 ? A G   3  OP1 
6  1 Y 1 A G   2  ? OP2 ? A G   3  OP2 
7  1 Y 1 A U   5  ? P   ? A U   6  P   
8  1 Y 1 A U   5  ? O1P ? A U   6  O1P 
9  1 Y 1 A U   5  ? O2P ? A U   6  O2P 
10 1 Y 1 A TFT 6  ? P   ? A TFT 7  P   
11 1 Y 1 A TFT 6  ? O1P ? A TFT 7  O1P 
12 1 Y 1 A TFT 6  ? O2P ? A TFT 7  O2P 
13 1 Y 1 A CBV 9  ? P   ? A CBV 10 P   
14 1 Y 1 A CBV 9  ? O1P ? A CBV 10 O1P 
15 1 Y 1 A CBV 9  ? O2P ? A CBV 10 O2P 
16 1 Y 1 A G   10 ? P   ? A G   11 P   
17 1 Y 1 A G   10 ? O1P ? A G   11 O1P 
18 1 Y 1 A G   10 ? O2P ? A G   11 O2P 
# 
loop_
_software.citation_id 
_software.classification 
_software.compiler_name 
_software.compiler_version 
_software.contact_author 
_software.contact_author_email 
_software.date 
_software.description 
_software.dependencies 
_software.hardware 
_software.language 
_software.location 
_software.mods 
_software.name 
_software.os 
_software.os_version 
_software.type 
_software.version 
_software.pdbx_ordinal 
? refinement       ? ? ? ? ? ? ? ? ? ? ? PHENIX   ? ? ? 1.19.2-4158-000 1 
? 'data reduction' ? ? ? ? ? ? ? ? ? ? ? autoPROC ? ? ? .               2 
? 'data scaling'   ? ? ? ? ? ? ? ? ? ? ? Aimless  ? ? ? .               3 
? phasing          ? ? ? ? ? ? ? ? ? ? ? HKL2Map  ? ? ? .               4 
# 
_cell.angle_alpha                  90.000 
_cell.angle_alpha_esd              ? 
_cell.angle_beta                   107.850 
_cell.angle_beta_esd               ? 
_cell.angle_gamma                  90.000 
_cell.angle_gamma_esd              ? 
_cell.entry_id                     8SKQ 
_cell.details                      ? 
_cell.formula_units_Z              ? 
_cell.length_a                     32.659 
_cell.length_a_esd                 ? 
_cell.length_b                     39.775 
_cell.length_b_esd                 ? 
_cell.length_c                     25.728 
_cell.length_c_esd                 ? 
_cell.volume                       31812.164 
_cell.volume_esd                   ? 
_cell.Z_PDB                        4 
_cell.reciprocal_angle_alpha       ? 
_cell.reciprocal_angle_beta        ? 
_cell.reciprocal_angle_gamma       ? 
_cell.reciprocal_angle_alpha_esd   ? 
_cell.reciprocal_angle_beta_esd    ? 
_cell.reciprocal_angle_gamma_esd   ? 
_cell.reciprocal_length_a          ? 
_cell.reciprocal_length_b          ? 
_cell.reciprocal_length_c          ? 
_cell.reciprocal_length_a_esd      ? 
_cell.reciprocal_length_b_esd      ? 
_cell.reciprocal_length_c_esd      ? 
_cell.pdbx_unique_axis             ? 
_cell.pdbx_esd_method              ? 
# 
_symmetry.entry_id                         8SKQ 
_symmetry.cell_setting                     ? 
_symmetry.Int_Tables_number                5 
_symmetry.space_group_name_Hall            'C 2y' 
_symmetry.space_group_name_H-M             'C 1 2 1' 
_symmetry.pdbx_full_space_group_name_H-M   ? 
# 
_exptl.absorpt_coefficient_mu     ? 
_exptl.absorpt_correction_T_max   ? 
_exptl.absorpt_correction_T_min   ? 
_exptl.absorpt_correction_type    ? 
_exptl.absorpt_process_details    ? 
_exptl.entry_id                   8SKQ 
_exptl.crystals_number            1 
_exptl.details                    ? 
_exptl.method                     'X-RAY DIFFRACTION' 
_exptl.method_details             ? 
# 
_exptl_crystal.colour                       ? 
_exptl_crystal.density_diffrn               ? 
_exptl_crystal.density_Matthews             1.99 
_exptl_crystal.density_method               ? 
_exptl_crystal.density_percent_sol          38.24 
_exptl_crystal.description                  ? 
_exptl_crystal.F_000                        ? 
_exptl_crystal.id                           1 
_exptl_crystal.preparation                  ? 
_exptl_crystal.size_max                     ? 
_exptl_crystal.size_mid                     ? 
_exptl_crystal.size_min                     ? 
_exptl_crystal.size_rad                     ? 
_exptl_crystal.colour_lustre                ? 
_exptl_crystal.colour_modifier              ? 
_exptl_crystal.colour_primary               ? 
_exptl_crystal.density_meas                 ? 
_exptl_crystal.density_meas_esd             ? 
_exptl_crystal.density_meas_gt              ? 
_exptl_crystal.density_meas_lt              ? 
_exptl_crystal.density_meas_temp            ? 
_exptl_crystal.density_meas_temp_esd        ? 
_exptl_crystal.density_meas_temp_gt         ? 
_exptl_crystal.density_meas_temp_lt         ? 
_exptl_crystal.pdbx_crystal_image_url       ? 
_exptl_crystal.pdbx_crystal_image_format    ? 
_exptl_crystal.pdbx_mosaicity               ? 
_exptl_crystal.pdbx_mosaicity_esd           ? 
_exptl_crystal.pdbx_mosaic_method           ? 
_exptl_crystal.pdbx_mosaic_block_size       ? 
_exptl_crystal.pdbx_mosaic_block_size_esd   ? 
# 
_exptl_crystal_grow.apparatus       ? 
_exptl_crystal_grow.atmosphere      ? 
_exptl_crystal_grow.crystal_id      1 
_exptl_crystal_grow.details         ? 
_exptl_crystal_grow.method          'VAPOR DIFFUSION, SITTING DROP' 
_exptl_crystal_grow.method_ref      ? 
_exptl_crystal_grow.pH              7.0 
_exptl_crystal_grow.pressure        ? 
_exptl_crystal_grow.pressure_esd    ? 
_exptl_crystal_grow.seeding         ? 
_exptl_crystal_grow.seeding_ref     ? 
_exptl_crystal_grow.temp_details    ? 
_exptl_crystal_grow.temp_esd        ? 
_exptl_crystal_grow.time            ? 
_exptl_crystal_grow.pdbx_details    
'1 mM RNA, 1 mM HoCl3, 5 mM spermine 4 HCl, 20 mM sodium cacodylate equilibrated against 40% MPD' 
_exptl_crystal_grow.pdbx_pH_range   ? 
_exptl_crystal_grow.temp            293.15 
# 
_diffrn.ambient_environment              ? 
_diffrn.ambient_temp                     100 
_diffrn.ambient_temp_details             ? 
_diffrn.ambient_temp_esd                 ? 
_diffrn.crystal_id                       1 
_diffrn.crystal_support                  ? 
_diffrn.crystal_treatment                ? 
_diffrn.details                          ? 
_diffrn.id                               1 
_diffrn.ambient_pressure                 ? 
_diffrn.ambient_pressure_esd             ? 
_diffrn.ambient_pressure_gt              ? 
_diffrn.ambient_pressure_lt              ? 
_diffrn.ambient_temp_gt                  ? 
_diffrn.ambient_temp_lt                  ? 
_diffrn.pdbx_serial_crystal_experiment   N 
# 
_diffrn_detector.details                      ? 
_diffrn_detector.detector                     PIXEL 
_diffrn_detector.diffrn_id                    1 
_diffrn_detector.type                         'DECTRIS EIGER X 9M' 
_diffrn_detector.area_resol_mean              ? 
_diffrn_detector.dtime                        ? 
_diffrn_detector.pdbx_frames_total            ? 
_diffrn_detector.pdbx_collection_time_total   ? 
_diffrn_detector.pdbx_collection_date         2019-08-15 
_diffrn_detector.pdbx_frequency               ? 
_diffrn_detector.id                           ? 
_diffrn_detector.number_of_axes               ? 
# 
_diffrn_radiation.collimation                      ? 
_diffrn_radiation.diffrn_id                        1 
_diffrn_radiation.filter_edge                      ? 
_diffrn_radiation.inhomogeneity                    ? 
_diffrn_radiation.monochromator                    ? 
_diffrn_radiation.polarisn_norm                    ? 
_diffrn_radiation.polarisn_ratio                   ? 
_diffrn_radiation.probe                            ? 
_diffrn_radiation.type                             ? 
_diffrn_radiation.xray_symbol                      ? 
_diffrn_radiation.wavelength_id                    1 
_diffrn_radiation.pdbx_monochromatic_or_laue_m_l   M 
_diffrn_radiation.pdbx_wavelength_list             ? 
_diffrn_radiation.pdbx_wavelength                  ? 
_diffrn_radiation.pdbx_diffrn_protocol             'SINGLE WAVELENGTH' 
_diffrn_radiation.pdbx_analyzer                    ? 
_diffrn_radiation.pdbx_scattering_type             x-ray 
# 
_diffrn_radiation_wavelength.id           1 
_diffrn_radiation_wavelength.wavelength   0.9184 
_diffrn_radiation_wavelength.wt           1.0 
# 
_diffrn_source.current                     ? 
_diffrn_source.details                     ? 
_diffrn_source.diffrn_id                   1 
_diffrn_source.power                       ? 
_diffrn_source.size                        ? 
_diffrn_source.source                      SYNCHROTRON 
_diffrn_source.target                      ? 
_diffrn_source.type                        'APS BEAMLINE 21-ID-D' 
_diffrn_source.voltage                     ? 
_diffrn_source.take-off_angle              ? 
_diffrn_source.pdbx_wavelength_list        0.9184 
_diffrn_source.pdbx_wavelength             ? 
_diffrn_source.pdbx_synchrotron_beamline   21-ID-D 
_diffrn_source.pdbx_synchrotron_site       APS 
# 
_reflns.B_iso_Wilson_estimate                          16.72 
_reflns.entry_id                                       8SKQ 
_reflns.data_reduction_details                         ? 
_reflns.data_reduction_method                          ? 
_reflns.d_resolution_high                              1.347 
_reflns.d_resolution_low                               19.89 
_reflns.details                                        ? 
_reflns.limit_h_max                                    ? 
_reflns.limit_h_min                                    ? 
_reflns.limit_k_max                                    ? 
_reflns.limit_k_min                                    ? 
_reflns.limit_l_max                                    ? 
_reflns.limit_l_min                                    ? 
_reflns.number_all                                     ? 
_reflns.number_obs                                     6922 
_reflns.observed_criterion                             ? 
_reflns.observed_criterion_F_max                       ? 
_reflns.observed_criterion_F_min                       ? 
_reflns.observed_criterion_I_max                       ? 
_reflns.observed_criterion_I_min                       ? 
_reflns.observed_criterion_sigma_F                     ? 
_reflns.observed_criterion_sigma_I                     ? 
_reflns.percent_possible_obs                           98.37 
_reflns.R_free_details                                 ? 
_reflns.Rmerge_F_all                                   ? 
_reflns.Rmerge_F_obs                                   ? 
_reflns.Friedel_coverage                               ? 
_reflns.number_gt                                      ? 
_reflns.threshold_expression                           ? 
_reflns.pdbx_redundancy                                19.2 
_reflns.pdbx_netI_over_av_sigmaI                       ? 
_reflns.pdbx_netI_over_sigmaI                          15.5 
_reflns.pdbx_res_netI_over_av_sigmaI_2                 ? 
_reflns.pdbx_res_netI_over_sigmaI_2                    ? 
_reflns.pdbx_chi_squared                               ? 
_reflns.pdbx_scaling_rejects                           ? 
_reflns.pdbx_d_res_high_opt                            ? 
_reflns.pdbx_d_res_low_opt                             ? 
_reflns.pdbx_d_res_opt_method                          ? 
_reflns.phase_calculation_details                      ? 
_reflns.pdbx_Rrim_I_all                                ? 
_reflns.pdbx_Rpim_I_all                                ? 
_reflns.pdbx_d_opt                                     ? 
_reflns.pdbx_number_measured_all                       ? 
_reflns.pdbx_diffrn_id                                 1 
_reflns.pdbx_ordinal                                   1 
_reflns.pdbx_CC_half                                   0.999 
_reflns.pdbx_CC_star                                   ? 
_reflns.pdbx_R_split                                   ? 
_reflns.pdbx_Rmerge_I_obs                              ? 
_reflns.pdbx_Rmerge_I_all                              ? 
_reflns.pdbx_Rsym_value                                ? 
_reflns.pdbx_CC_split_method                           ? 
_reflns.pdbx_aniso_diffraction_limit_axis_1_ortho[1]   ? 
_reflns.pdbx_aniso_diffraction_limit_axis_1_ortho[2]   ? 
_reflns.pdbx_aniso_diffraction_limit_axis_1_ortho[3]   ? 
_reflns.pdbx_aniso_diffraction_limit_axis_2_ortho[1]   ? 
_reflns.pdbx_aniso_diffraction_limit_axis_2_ortho[2]   ? 
_reflns.pdbx_aniso_diffraction_limit_axis_2_ortho[3]   ? 
_reflns.pdbx_aniso_diffraction_limit_axis_3_ortho[1]   ? 
_reflns.pdbx_aniso_diffraction_limit_axis_3_ortho[2]   ? 
_reflns.pdbx_aniso_diffraction_limit_axis_3_ortho[3]   ? 
_reflns.pdbx_aniso_diffraction_limit_1                 ? 
_reflns.pdbx_aniso_diffraction_limit_2                 ? 
_reflns.pdbx_aniso_diffraction_limit_3                 ? 
_reflns.pdbx_aniso_B_tensor_eigenvector_1_ortho[1]     ? 
_reflns.pdbx_aniso_B_tensor_eigenvector_1_ortho[2]     ? 
_reflns.pdbx_aniso_B_tensor_eigenvector_1_ortho[3]     ? 
_reflns.pdbx_aniso_B_tensor_eigenvector_2_ortho[1]     ? 
_reflns.pdbx_aniso_B_tensor_eigenvector_2_ortho[2]     ? 
_reflns.pdbx_aniso_B_tensor_eigenvector_2_ortho[3]     ? 
_reflns.pdbx_aniso_B_tensor_eigenvector_3_ortho[1]     ? 
_reflns.pdbx_aniso_B_tensor_eigenvector_3_ortho[2]     ? 
_reflns.pdbx_aniso_B_tensor_eigenvector_3_ortho[3]     ? 
_reflns.pdbx_aniso_B_tensor_eigenvalue_1               ? 
_reflns.pdbx_aniso_B_tensor_eigenvalue_2               ? 
_reflns.pdbx_aniso_B_tensor_eigenvalue_3               ? 
_reflns.pdbx_orthogonalization_convention              ? 
_reflns.pdbx_percent_possible_ellipsoidal              ? 
_reflns.pdbx_percent_possible_spherical                ? 
_reflns.pdbx_percent_possible_ellipsoidal_anomalous    ? 
_reflns.pdbx_percent_possible_spherical_anomalous      ? 
_reflns.pdbx_redundancy_anomalous                      ? 
_reflns.pdbx_CC_half_anomalous                         ? 
_reflns.pdbx_absDiff_over_sigma_anomalous              ? 
_reflns.pdbx_percent_possible_anomalous                ? 
_reflns.pdbx_observed_signal_threshold                 ? 
_reflns.pdbx_signal_type                               ? 
_reflns.pdbx_signal_details                            ? 
_reflns.pdbx_signal_software_id                        ? 
# 
_reflns_shell.d_res_high                                    1.347 
_reflns_shell.d_res_low                                     1.395 
_reflns_shell.meanI_over_sigI_all                           ? 
_reflns_shell.meanI_over_sigI_obs                           ? 
_reflns_shell.number_measured_all                           ? 
_reflns_shell.number_measured_obs                           ? 
_reflns_shell.number_possible                               ? 
_reflns_shell.number_unique_all                             ? 
_reflns_shell.number_unique_obs                             616 
_reflns_shell.percent_possible_obs                          ? 
_reflns_shell.Rmerge_F_all                                  ? 
_reflns_shell.Rmerge_F_obs                                  ? 
_reflns_shell.meanI_over_sigI_gt                            ? 
_reflns_shell.meanI_over_uI_all                             ? 
_reflns_shell.meanI_over_uI_gt                              ? 
_reflns_shell.number_measured_gt                            ? 
_reflns_shell.number_unique_gt                              ? 
_reflns_shell.percent_possible_gt                           ? 
_reflns_shell.Rmerge_F_gt                                   ? 
_reflns_shell.Rmerge_I_gt                                   ? 
_reflns_shell.pdbx_redundancy                               ? 
_reflns_shell.pdbx_chi_squared                              ? 
_reflns_shell.pdbx_netI_over_sigmaI_all                     ? 
_reflns_shell.pdbx_netI_over_sigmaI_obs                     ? 
_reflns_shell.pdbx_Rrim_I_all                               ? 
_reflns_shell.pdbx_Rpim_I_all                               ? 
_reflns_shell.pdbx_rejects                                  ? 
_reflns_shell.pdbx_ordinal                                  1 
_reflns_shell.pdbx_diffrn_id                                1 
_reflns_shell.pdbx_CC_half                                  0.851 
_reflns_shell.pdbx_CC_star                                  ? 
_reflns_shell.pdbx_R_split                                  ? 
_reflns_shell.percent_possible_all                          ? 
_reflns_shell.Rmerge_I_all                                  ? 
_reflns_shell.Rmerge_I_obs                                  ? 
_reflns_shell.pdbx_Rsym_value                               ? 
_reflns_shell.pdbx_percent_possible_ellipsoidal             ? 
_reflns_shell.pdbx_percent_possible_spherical               ? 
_reflns_shell.pdbx_percent_possible_ellipsoidal_anomalous   ? 
_reflns_shell.pdbx_percent_possible_spherical_anomalous     ? 
_reflns_shell.pdbx_redundancy_anomalous                     ? 
_reflns_shell.pdbx_CC_half_anomalous                        ? 
_reflns_shell.pdbx_absDiff_over_sigma_anomalous             ? 
_reflns_shell.pdbx_percent_possible_anomalous               ? 
# 
_refine.aniso_B[1][1]                            ? 
_refine.aniso_B[1][2]                            ? 
_refine.aniso_B[1][3]                            ? 
_refine.aniso_B[2][2]                            ? 
_refine.aniso_B[2][3]                            ? 
_refine.aniso_B[3][3]                            ? 
_refine.B_iso_max                                ? 
_refine.B_iso_mean                               18.68 
_refine.B_iso_min                                ? 
_refine.correlation_coeff_Fo_to_Fc               ? 
_refine.correlation_coeff_Fo_to_Fc_free          ? 
_refine.details                                  ? 
_refine.diff_density_max                         ? 
_refine.diff_density_max_esd                     ? 
_refine.diff_density_min                         ? 
_refine.diff_density_min_esd                     ? 
_refine.diff_density_rms                         ? 
_refine.diff_density_rms_esd                     ? 
_refine.entry_id                                 8SKQ 
_refine.pdbx_refine_id                           'X-RAY DIFFRACTION' 
_refine.ls_abs_structure_details                 ? 
_refine.ls_abs_structure_Flack                   ? 
_refine.ls_abs_structure_Flack_esd               ? 
_refine.ls_abs_structure_Rogers                  ? 
_refine.ls_abs_structure_Rogers_esd              ? 
_refine.ls_d_res_high                            1.35 
_refine.ls_d_res_low                             19.89 
_refine.ls_extinction_coef                       ? 
_refine.ls_extinction_coef_esd                   ? 
_refine.ls_extinction_expression                 ? 
_refine.ls_extinction_method                     ? 
_refine.ls_goodness_of_fit_all                   ? 
_refine.ls_goodness_of_fit_all_esd               ? 
_refine.ls_goodness_of_fit_obs                   ? 
_refine.ls_goodness_of_fit_obs_esd               ? 
_refine.ls_hydrogen_treatment                    ? 
_refine.ls_matrix_type                           ? 
_refine.ls_number_constraints                    ? 
_refine.ls_number_parameters                     ? 
_refine.ls_number_reflns_all                     ? 
_refine.ls_number_reflns_obs                     6880 
_refine.ls_number_reflns_R_free                  363 
_refine.ls_number_reflns_R_work                  6517 
_refine.ls_number_restraints                     ? 
_refine.ls_percent_reflns_obs                    98.37 
_refine.ls_percent_reflns_R_free                 5.28 
_refine.ls_R_factor_all                          ? 
_refine.ls_R_factor_obs                          0.2415 
_refine.ls_R_factor_R_free                       0.2714 
_refine.ls_R_factor_R_free_error                 ? 
_refine.ls_R_factor_R_free_error_details         ? 
_refine.ls_R_factor_R_work                       0.2398 
_refine.ls_R_Fsqd_factor_obs                     ? 
_refine.ls_R_I_factor_obs                        ? 
_refine.ls_redundancy_reflns_all                 ? 
_refine.ls_redundancy_reflns_obs                 ? 
_refine.ls_restrained_S_all                      ? 
_refine.ls_restrained_S_obs                      ? 
_refine.ls_shift_over_esd_max                    ? 
_refine.ls_shift_over_esd_mean                   ? 
_refine.ls_structure_factor_coef                 ? 
_refine.ls_weighting_details                     ? 
_refine.ls_weighting_scheme                      ? 
_refine.ls_wR_factor_all                         ? 
_refine.ls_wR_factor_obs                         ? 
_refine.ls_wR_factor_R_free                      ? 
_refine.ls_wR_factor_R_work                      ? 
_refine.occupancy_max                            ? 
_refine.occupancy_min                            ? 
_refine.solvent_model_details                    'FLAT BULK SOLVENT MODEL' 
_refine.solvent_model_param_bsol                 ? 
_refine.solvent_model_param_ksol                 ? 
_refine.pdbx_R_complete                          ? 
_refine.ls_R_factor_gt                           ? 
_refine.ls_goodness_of_fit_gt                    ? 
_refine.ls_goodness_of_fit_ref                   ? 
_refine.ls_shift_over_su_max                     ? 
_refine.ls_shift_over_su_max_lt                  ? 
_refine.ls_shift_over_su_mean                    ? 
_refine.ls_shift_over_su_mean_lt                 ? 
_refine.pdbx_ls_sigma_I                          ? 
_refine.pdbx_ls_sigma_F                          1.41 
_refine.pdbx_ls_sigma_Fsqd                       ? 
_refine.pdbx_data_cutoff_high_absF               ? 
_refine.pdbx_data_cutoff_high_rms_absF           ? 
_refine.pdbx_data_cutoff_low_absF                ? 
_refine.pdbx_isotropic_thermal_model             ? 
_refine.pdbx_ls_cross_valid_method               'FREE R-VALUE' 
_refine.pdbx_method_to_determine_struct          SAD 
_refine.pdbx_starting_model                      ? 
_refine.pdbx_stereochemistry_target_values       'GeoStd + Monomer Library + CDL v1.2' 
_refine.pdbx_R_Free_selection_details            ? 
_refine.pdbx_stereochem_target_val_spec_case     ? 
_refine.pdbx_overall_ESU_R                       ? 
_refine.pdbx_overall_ESU_R_Free                  ? 
_refine.pdbx_solvent_vdw_probe_radii             1.1100 
_refine.pdbx_solvent_ion_probe_radii             ? 
_refine.pdbx_solvent_shrinkage_radii             0.9000 
_refine.pdbx_real_space_R                        ? 
_refine.pdbx_density_correlation                 ? 
_refine.pdbx_pd_number_of_powder_patterns        ? 
_refine.pdbx_pd_number_of_points                 ? 
_refine.pdbx_pd_meas_number_of_points            ? 
_refine.pdbx_pd_proc_ls_prof_R_factor            ? 
_refine.pdbx_pd_proc_ls_prof_wR_factor           ? 
_refine.pdbx_pd_Marquardt_correlation_coeff      ? 
_refine.pdbx_pd_Fsqrd_R_factor                   ? 
_refine.pdbx_pd_ls_matrix_band_width             ? 
_refine.pdbx_overall_phase_error                 43.4094 
_refine.pdbx_overall_SU_R_free_Cruickshank_DPI   ? 
_refine.pdbx_overall_SU_R_free_Blow_DPI          ? 
_refine.pdbx_overall_SU_R_Blow_DPI               ? 
_refine.pdbx_TLS_residual_ADP_flag               ? 
_refine.pdbx_diffrn_id                           1 
_refine.overall_SU_B                             ? 
_refine.overall_SU_ML                            0.2057 
_refine.overall_SU_R_Cruickshank_DPI             ? 
_refine.overall_SU_R_free                        ? 
_refine.overall_FOM_free_R_set                   ? 
_refine.overall_FOM_work_R_set                   ? 
_refine.pdbx_average_fsc_overall                 ? 
_refine.pdbx_average_fsc_work                    ? 
_refine.pdbx_average_fsc_free                    ? 
# 
_refine_hist.pdbx_refine_id                   'X-RAY DIFFRACTION' 
_refine_hist.cycle_id                         LAST 
_refine_hist.details                          ? 
_refine_hist.d_res_high                       1.35 
_refine_hist.d_res_low                        19.89 
_refine_hist.number_atoms_solvent             9 
_refine_hist.number_atoms_total               945 
_refine_hist.number_reflns_all                ? 
_refine_hist.number_reflns_obs                ? 
_refine_hist.number_reflns_R_free             ? 
_refine_hist.number_reflns_R_work             ? 
_refine_hist.R_factor_all                     ? 
_refine_hist.R_factor_obs                     ? 
_refine_hist.R_factor_R_free                  ? 
_refine_hist.R_factor_R_work                  ? 
_refine_hist.pdbx_number_residues_total       ? 
_refine_hist.pdbx_B_iso_mean_ligand           ? 
_refine_hist.pdbx_B_iso_mean_solvent          ? 
_refine_hist.pdbx_number_atoms_protein        0 
_refine_hist.pdbx_number_atoms_nucleic_acid   936 
_refine_hist.pdbx_number_atoms_ligand         0 
_refine_hist.pdbx_number_atoms_lipid          ? 
_refine_hist.pdbx_number_atoms_carb           ? 
_refine_hist.pdbx_pseudo_atom_details         ? 
# 
loop_
_refine_ls_restr.pdbx_refine_id 
_refine_ls_restr.criterion 
_refine_ls_restr.dev_ideal 
_refine_ls_restr.dev_ideal_target 
_refine_ls_restr.number 
_refine_ls_restr.rejects 
_refine_ls_restr.type 
_refine_ls_restr.weight 
_refine_ls_restr.pdbx_restraint_function 
'X-RAY DIFFRACTION' ? 0.0090  ? 1096 ? f_bond_d           ? ? 
'X-RAY DIFFRACTION' ? 1.6367  ? 1654 ? f_angle_d          ? ? 
'X-RAY DIFFRACTION' ? 0.0788  ? 227  ? f_chiral_restr     ? ? 
'X-RAY DIFFRACTION' ? 0.0073  ? 48   ? f_plane_restr      ? ? 
'X-RAY DIFFRACTION' ? 21.6515 ? 650  ? f_dihedral_angle_d ? ? 
# 
loop_
_refine_ls_shell.pdbx_refine_id 
_refine_ls_shell.d_res_high 
_refine_ls_shell.d_res_low 
_refine_ls_shell.number_reflns_all 
_refine_ls_shell.number_reflns_obs 
_refine_ls_shell.number_reflns_R_free 
_refine_ls_shell.number_reflns_R_work 
_refine_ls_shell.percent_reflns_obs 
_refine_ls_shell.percent_reflns_R_free 
_refine_ls_shell.R_factor_all 
_refine_ls_shell.R_factor_obs 
_refine_ls_shell.R_factor_R_free_error 
_refine_ls_shell.R_factor_R_work 
_refine_ls_shell.redundancy_reflns_all 
_refine_ls_shell.redundancy_reflns_obs 
_refine_ls_shell.wR_factor_all 
_refine_ls_shell.wR_factor_obs 
_refine_ls_shell.wR_factor_R_free 
_refine_ls_shell.wR_factor_R_work 
_refine_ls_shell.pdbx_R_complete 
_refine_ls_shell.pdbx_total_number_of_bins_used 
_refine_ls_shell.pdbx_phase_error 
_refine_ls_shell.pdbx_fsc_work 
_refine_ls_shell.pdbx_fsc_free 
_refine_ls_shell.R_factor_R_free 
'X-RAY DIFFRACTION' 1.35 1.54  . . 123 2119 97.06 . . . . 0.2683 . . . . . . . . . . . 0.3672 
'X-RAY DIFFRACTION' 1.54 1.94  . . 131 2162 98.84 . . . . 0.2787 . . . . . . . . . . . 0.2993 
'X-RAY DIFFRACTION' 1.94 19.89 . . 109 2236 99.20 . . . . 0.2247 . . . . . . . . . . . 0.2480 
# 
_struct.entry_id                     8SKQ 
_struct.title                        'RNA oligonucleotide containing an alpha-(L)-threofuranosyl nucleic acid (TNA)' 
_struct.pdbx_model_details           ? 
_struct.pdbx_formula_weight          ? 
_struct.pdbx_formula_weight_method   ? 
_struct.pdbx_model_type_details      ? 
_struct.pdbx_CASP_flag               N 
# 
_struct_keywords.entry_id        8SKQ 
_struct_keywords.text            'TNA, RNA, oligonucleotide' 
_struct_keywords.pdbx_keywords   RNA 
# 
loop_
_struct_asym.id 
_struct_asym.pdbx_blank_PDB_chainid_flag 
_struct_asym.pdbx_modified 
_struct_asym.entity_id 
_struct_asym.details 
A N N 1 ? 
B N N 2 ? 
# 
_struct_ref.id                         1 
_struct_ref.db_name                    PDB 
_struct_ref.db_code                    8SKQ 
_struct_ref.pdbx_db_accession          8SKQ 
_struct_ref.pdbx_db_isoform            ? 
_struct_ref.entity_id                  1 
_struct_ref.pdbx_seq_one_letter_code   ? 
_struct_ref.pdbx_align_begin           1 
# 
_struct_ref_seq.align_id                      1 
_struct_ref_seq.ref_id                        1 
_struct_ref_seq.pdbx_PDB_id_code              8SKQ 
_struct_ref_seq.pdbx_strand_id                A 
_struct_ref_seq.seq_align_beg                 1 
_struct_ref_seq.pdbx_seq_align_beg_ins_code   ? 
_struct_ref_seq.seq_align_end                 12 
_struct_ref_seq.pdbx_seq_align_end_ins_code   ? 
_struct_ref_seq.pdbx_db_accession             8SKQ 
_struct_ref_seq.db_align_beg                  0 
_struct_ref_seq.pdbx_db_align_beg_ins_code    ? 
_struct_ref_seq.db_align_end                  11 
_struct_ref_seq.pdbx_db_align_end_ins_code    ? 
_struct_ref_seq.pdbx_auth_seq_align_beg       0 
_struct_ref_seq.pdbx_auth_seq_align_end       11 
# 
_pdbx_struct_assembly.id                   1 
_pdbx_struct_assembly.details              author_defined_assembly 
_pdbx_struct_assembly.method_details       ? 
_pdbx_struct_assembly.oligomeric_details   dimeric 
_pdbx_struct_assembly.oligomeric_count     2 
# 
loop_
_pdbx_struct_assembly_gen.assembly_id 
_pdbx_struct_assembly_gen.oper_expression 
_pdbx_struct_assembly_gen.asym_id_list 
1 1 A,B 
1 2 A,B 
# 
_pdbx_struct_assembly_auth_evidence.id                     1 
_pdbx_struct_assembly_auth_evidence.assembly_id            1 
_pdbx_struct_assembly_auth_evidence.experimental_support   none 
_pdbx_struct_assembly_auth_evidence.details                ? 
# 
loop_
_pdbx_struct_oper_list.id 
_pdbx_struct_oper_list.type 
_pdbx_struct_oper_list.name 
_pdbx_struct_oper_list.symmetry_operation 
_pdbx_struct_oper_list.matrix[1][1] 
_pdbx_struct_oper_list.matrix[1][2] 
_pdbx_struct_oper_list.matrix[1][3] 
_pdbx_struct_oper_list.vector[1] 
_pdbx_struct_oper_list.matrix[2][1] 
_pdbx_struct_oper_list.matrix[2][2] 
_pdbx_struct_oper_list.matrix[2][3] 
_pdbx_struct_oper_list.vector[2] 
_pdbx_struct_oper_list.matrix[3][1] 
_pdbx_struct_oper_list.matrix[3][2] 
_pdbx_struct_oper_list.matrix[3][3] 
_pdbx_struct_oper_list.vector[3] 
1 'identity operation'         1_555 x,y,z   1.0000000000  0.0000000000  0.0000000000  0.0000000000 0.0000000000  1.0000000000 0.0000000000 0.0000000000 0.0000000000  0.0000000000 1.0000000000  0.0000000000 
2 'crystal symmetry operation' 2_555 -x,y,-z -0.4165486976 -0.9076618093 -0.0513538940 2.5830401111 -0.9076618093 0.4120286590 0.0798900750 1.3680217692 -0.0513538940 0.0798900750 -0.9954799614 5.1676120767 
# 
loop_
_struct_conn.id 
_struct_conn.conn_type_id 
_struct_conn.pdbx_leaving_atom_flag 
_struct_conn.pdbx_PDB_id 
_struct_conn.ptnr1_label_asym_id 
_struct_conn.ptnr1_label_comp_id 
_struct_conn.ptnr1_label_seq_id 
_struct_conn.ptnr1_label_atom_id 
_struct_conn.pdbx_ptnr1_label_alt_id 
_struct_conn.pdbx_ptnr1_PDB_ins_code 
_struct_conn.pdbx_ptnr1_standard_comp_id 
_struct_conn.ptnr1_symmetry 
_struct_conn.ptnr2_label_asym_id 
_struct_conn.ptnr2_label_comp_id 
_struct_conn.ptnr2_label_seq_id 
_struct_conn.ptnr2_label_atom_id 
_struct_conn.pdbx_ptnr2_label_alt_id 
_struct_conn.pdbx_ptnr2_PDB_ins_code 
_struct_conn.ptnr1_auth_asym_id 
_struct_conn.ptnr1_auth_comp_id 
_struct_conn.ptnr1_auth_seq_id 
_struct_conn.ptnr2_auth_asym_id 
_struct_conn.ptnr2_auth_comp_id 
_struct_conn.ptnr2_auth_seq_id 
_struct_conn.ptnr2_symmetry 
_struct_conn.pdbx_ptnr3_label_atom_id 
_struct_conn.pdbx_ptnr3_label_seq_id 
_struct_conn.pdbx_ptnr3_label_comp_id 
_struct_conn.pdbx_ptnr3_label_asym_id 
_struct_conn.pdbx_ptnr3_label_alt_id 
_struct_conn.pdbx_ptnr3_PDB_ins_code 
_struct_conn.details 
_struct_conn.pdbx_dist_value 
_struct_conn.pdbx_value_order 
_struct_conn.pdbx_role 
covale1 covale both ? A G   2  "O3'" B ? ? 1_555 A CBV 3  P  B ? A G   1  A CBV 2  1_555 ? ? ? ? ? ? ?               1.605 ? ? 
covale2 covale both ? A U   2  "O3'" C ? ? 1_555 A TFT 3  P  C ? A U   1  A TFT 2  1_555 ? ? ? ? ? ? ?               1.561 ? ? 
covale3 covale one  ? A CBV 3  "O3'" B ? ? 1_555 A G   4  P  B ? A CBV 2  A G   3  1_555 ? ? ? ? ? ? ?               1.598 ? ? 
covale4 covale one  ? A CBV 6  "O3'" C ? ? 1_555 A G   7  P  C ? A CBV 5  A G   6  1_555 ? ? ? ? ? ? ?               1.583 ? ? 
covale5 covale one  ? A CBV 7  "O3'" D ? ? 1_555 A G   8  P  D ? A CBV 6  A G   7  1_555 ? ? ? ? ? ? ?               1.595 ? ? 
covale6 covale one  ? A TFT 8  O2T   B ? ? 1_555 A C   9  P  B ? A TFT 7  A C   8  1_555 ? ? ? ? ? ? ?               1.558 ? ? 
covale7 covale one  ? A CBV 10 "O3'" A ? ? 1_555 A G   11 P  A ? A CBV 9  A G   10 1_555 ? ? ? ? ? ? ?               1.617 ? ? 
covale8 covale both ? A U   10 "O3'" C ? ? 1_555 A TFT 11 P  C ? A U   9  A TFT 10 1_555 ? ? ? ? ? ? ?               1.561 ? ? 
covale9 covale one  ? A CBV 11 "O3'" B ? ? 1_555 A G   12 P  B ? A CBV 10 A G   11 1_555 ? ? ? ? ? ? ?               1.608 ? ? 
hydrog1 hydrog ?    ? A A   4  N6    A ? ? 1_555 A A   12 N1 A ? A A   3  A A   11 2_555 ? ? ? ? ? ? 'A-A MISPAIR'   ?     ? ? 
hydrog2 hydrog ?    ? A A   5  N3    A ? ? 1_555 A G   11 N2 A ? A A   4  A G   10 2_555 ? ? ? ? ? ? 'A-G MISPAIR'   ?     ? ? 
hydrog3 hydrog ?    ? A TFT 7  O2    A ? ? 1_555 A G   9  N2 A ? A TFT 6  A G   8  2_555 ? ? ? ? ? ? 'TFT-G MISPAIR' ?     ? ? 
hydrog4 hydrog ?    ? A G   9  N2    A ? ? 1_555 A TFT 7  O2 A ? A G   8  A TFT 6  2_555 ? ? ? ? ? ? 'G-TFT MISPAIR' ?     ? ? 
hydrog5 hydrog ?    ? A G   11 N2    A ? ? 1_555 A A   5  N3 A ? A G   10 A A   4  2_555 ? ? ? ? ? ? 'G-A MISPAIR'   ?     ? ? 
hydrog6 hydrog ?    ? A A   12 N1    A ? ? 1_555 A A   4  N6 A ? A A   11 A A   3  2_555 ? ? ? ? ? ? 'A-A MISPAIR'   ?     ? ? 
# 
loop_
_struct_conn_type.id 
_struct_conn_type.criteria 
_struct_conn_type.reference 
covale ? ? 
hydrog ? ? 
# 
_pdbx_entry_details.entry_id                   8SKQ 
_pdbx_entry_details.has_ligand_of_interest     Y 
_pdbx_entry_details.compound_details           ? 
_pdbx_entry_details.source_details             ? 
_pdbx_entry_details.nonpolymer_details         ? 
_pdbx_entry_details.sequence_details           ? 
_pdbx_entry_details.has_protein_modification   N 
# 
_pdbx_validate_close_contact.id               1 
_pdbx_validate_close_contact.PDB_model_num    1 
_pdbx_validate_close_contact.auth_atom_id_1   N7 
_pdbx_validate_close_contact.auth_asym_id_1   A 
_pdbx_validate_close_contact.auth_comp_id_1   A 
_pdbx_validate_close_contact.auth_seq_id_1    8 
_pdbx_validate_close_contact.PDB_ins_code_1   ? 
_pdbx_validate_close_contact.label_alt_id_1   C 
_pdbx_validate_close_contact.auth_atom_id_2   O 
_pdbx_validate_close_contact.auth_asym_id_2   A 
_pdbx_validate_close_contact.auth_comp_id_2   HOH 
_pdbx_validate_close_contact.auth_seq_id_2    101 
_pdbx_validate_close_contact.PDB_ins_code_2   ? 
_pdbx_validate_close_contact.label_alt_id_2   ? 
_pdbx_validate_close_contact.dist             2.12 
# 
loop_
_pdbx_validate_rmsd_angle.id 
_pdbx_validate_rmsd_angle.PDB_model_num 
_pdbx_validate_rmsd_angle.auth_atom_id_1 
_pdbx_validate_rmsd_angle.auth_asym_id_1 
_pdbx_validate_rmsd_angle.auth_comp_id_1 
_pdbx_validate_rmsd_angle.auth_seq_id_1 
_pdbx_validate_rmsd_angle.PDB_ins_code_1 
_pdbx_validate_rmsd_angle.label_alt_id_1 
_pdbx_validate_rmsd_angle.auth_atom_id_2 
_pdbx_validate_rmsd_angle.auth_asym_id_2 
_pdbx_validate_rmsd_angle.auth_comp_id_2 
_pdbx_validate_rmsd_angle.auth_seq_id_2 
_pdbx_validate_rmsd_angle.PDB_ins_code_2 
_pdbx_validate_rmsd_angle.label_alt_id_2 
_pdbx_validate_rmsd_angle.auth_atom_id_3 
_pdbx_validate_rmsd_angle.auth_asym_id_3 
_pdbx_validate_rmsd_angle.auth_comp_id_3 
_pdbx_validate_rmsd_angle.auth_seq_id_3 
_pdbx_validate_rmsd_angle.PDB_ins_code_3 
_pdbx_validate_rmsd_angle.label_alt_id_3 
_pdbx_validate_rmsd_angle.angle_value 
_pdbx_validate_rmsd_angle.angle_target_value 
_pdbx_validate_rmsd_angle.angle_deviation 
_pdbx_validate_rmsd_angle.angle_standard_deviation 
_pdbx_validate_rmsd_angle.linker_flag 
1 1 "C3'" A U 1  ? C "O3'" A U   1  ? C P   A TFT 2  ? C 149.25 119.70 29.55  1.20 Y 
2 1 "O3'" A U 1  ? C P     A TFT 2  ? C OP2 A TFT 2  ? C 76.23  105.20 -28.97 2.20 Y 
3 1 "O3'" A U 1  ? C P     A TFT 2  ? C OP1 A TFT 2  ? C 142.64 110.50 32.14  1.10 Y 
4 1 C5    A G 6  ? C C6    A G   6  ? C O6  A G   6  ? C 124.51 128.60 -4.09  0.60 N 
5 1 "C3'" A U 9  ? C "O3'" A U   9  ? C P   A TFT 10 ? C 131.59 119.70 11.89  1.20 Y 
6 1 C8    A A 11 ? A N9    A A   11 ? A C4  A A   11 ? A 102.96 105.80 -2.84  0.40 N 
7 1 N3    A G 11 ? B C4    A G   11 ? B N9  A G   11 ? B 121.46 126.00 -4.54  0.60 N 
8 1 C5    A G 11 ? B C6    A G   11 ? B O6  A G   11 ? B 132.32 128.60 3.72   0.60 N 
# 
loop_
_pdbx_validate_polymer_linkage.id 
_pdbx_validate_polymer_linkage.PDB_model_num 
_pdbx_validate_polymer_linkage.auth_atom_id_1 
_pdbx_validate_polymer_linkage.auth_asym_id_1 
_pdbx_validate_polymer_linkage.auth_comp_id_1 
_pdbx_validate_polymer_linkage.auth_seq_id_1 
_pdbx_validate_polymer_linkage.PDB_ins_code_1 
_pdbx_validate_polymer_linkage.label_alt_id_1 
_pdbx_validate_polymer_linkage.auth_atom_id_2 
_pdbx_validate_polymer_linkage.auth_asym_id_2 
_pdbx_validate_polymer_linkage.auth_comp_id_2 
_pdbx_validate_polymer_linkage.auth_seq_id_2 
_pdbx_validate_polymer_linkage.PDB_ins_code_2 
_pdbx_validate_polymer_linkage.label_alt_id_2 
_pdbx_validate_polymer_linkage.dist 
1 1 "O3'" A A 0  ? D P A A   1  ? D 3.05 
2 1 "O3'" A U 2  ? D P A TFT 3  ? D 4.66 
3 1 "O3'" A G 3  ? B P A A   4  ? B 2.86 
4 1 "O3'" A A 4  ? B P A A   5  ? B 3.03 
5 1 "O3'" A U 5  ? A P A TFT 6  ? A 2.79 
6 1 "O3'" A U 6  ? B P A TFT 7  ? B 2.84 
7 1 "O3'" A G 7  ? D P A A   8  ? D 3.19 
8 1 "O3'" A A 8  ? D P A A   9  ? D 2.74 
9 1 "O3'" A U 10 ? D P A TFT 11 ? D 2.95 
# 
loop_
_pdbx_struct_special_symmetry.id 
_pdbx_struct_special_symmetry.PDB_model_num 
_pdbx_struct_special_symmetry.auth_asym_id 
_pdbx_struct_special_symmetry.auth_comp_id 
_pdbx_struct_special_symmetry.auth_seq_id 
_pdbx_struct_special_symmetry.PDB_ins_code 
_pdbx_struct_special_symmetry.label_asym_id 
_pdbx_struct_special_symmetry.label_comp_id 
_pdbx_struct_special_symmetry.label_seq_id 
1 1 A G   7   ? A G   8 
2 1 A HOH 108 ? B HOH . 
# 
loop_
_space_group_symop.id 
_space_group_symop.operation_xyz 
1 x,y,z           
2 -x,y,-z         
3 x+1/2,y+1/2,z   
4 -x+1/2,y+1/2,-z 
# 
loop_
_chem_comp_atom.comp_id 
_chem_comp_atom.atom_id 
_chem_comp_atom.type_symbol 
_chem_comp_atom.pdbx_aromatic_flag 
_chem_comp_atom.pdbx_stereo_config 
_chem_comp_atom.pdbx_ordinal 
A   OP3    O  N N 1   
A   P      P  N N 2   
A   OP1    O  N N 3   
A   OP2    O  N N 4   
A   "O5'"  O  N N 5   
A   "C5'"  C  N N 6   
A   "C4'"  C  N R 7   
A   "O4'"  O  N N 8   
A   "C3'"  C  N S 9   
A   "O3'"  O  N N 10  
A   "C2'"  C  N R 11  
A   "O2'"  O  N N 12  
A   "C1'"  C  N R 13  
A   N9     N  Y N 14  
A   C8     C  Y N 15  
A   N7     N  Y N 16  
A   C5     C  Y N 17  
A   C6     C  Y N 18  
A   N6     N  N N 19  
A   N1     N  Y N 20  
A   C2     C  Y N 21  
A   N3     N  Y N 22  
A   C4     C  Y N 23  
A   HOP3   H  N N 24  
A   HOP2   H  N N 25  
A   "H5'"  H  N N 26  
A   "H5''" H  N N 27  
A   "H4'"  H  N N 28  
A   "H3'"  H  N N 29  
A   "HO3'" H  N N 30  
A   "H2'"  H  N N 31  
A   "HO2'" H  N N 32  
A   "H1'"  H  N N 33  
A   H8     H  N N 34  
A   H61    H  N N 35  
A   H62    H  N N 36  
A   H2     H  N N 37  
C   OP3    O  N N 38  
C   P      P  N N 39  
C   OP1    O  N N 40  
C   OP2    O  N N 41  
C   "O5'"  O  N N 42  
C   "C5'"  C  N N 43  
C   "C4'"  C  N R 44  
C   "O4'"  O  N N 45  
C   "C3'"  C  N S 46  
C   "O3'"  O  N N 47  
C   "C2'"  C  N R 48  
C   "O2'"  O  N N 49  
C   "C1'"  C  N R 50  
C   N1     N  N N 51  
C   C2     C  N N 52  
C   O2     O  N N 53  
C   N3     N  N N 54  
C   C4     C  N N 55  
C   N4     N  N N 56  
C   C5     C  N N 57  
C   C6     C  N N 58  
C   HOP3   H  N N 59  
C   HOP2   H  N N 60  
C   "H5'"  H  N N 61  
C   "H5''" H  N N 62  
C   "H4'"  H  N N 63  
C   "H3'"  H  N N 64  
C   "HO3'" H  N N 65  
C   "H2'"  H  N N 66  
C   "HO2'" H  N N 67  
C   "H1'"  H  N N 68  
C   H41    H  N N 69  
C   H42    H  N N 70  
C   H5     H  N N 71  
C   H6     H  N N 72  
CBV O3P    O  N N 73  
CBV P      P  N N 74  
CBV O1P    O  N N 75  
CBV O2P    O  N N 76  
CBV "O5'"  O  N N 77  
CBV "C5'"  C  N N 78  
CBV "C4'"  C  N R 79  
CBV "O4'"  O  N N 80  
CBV "C3'"  C  N S 81  
CBV "O3'"  O  N N 82  
CBV "C2'"  C  N R 83  
CBV "O2'"  O  N N 84  
CBV "C1'"  C  N R 85  
CBV N1     N  N N 86  
CBV C2     C  N N 87  
CBV O2     O  N N 88  
CBV N3     N  N N 89  
CBV C4     C  N N 90  
CBV N4     N  N N 91  
CBV C5     C  N N 92  
CBV C6     C  N N 93  
CBV BR     BR N N 94  
CBV HO3P   H  N N 95  
CBV HO1P   H  N N 96  
CBV "H5'1" H  N N 97  
CBV "H5'2" H  N N 98  
CBV "H4'"  H  N N 99  
CBV "H3'"  H  N N 100 
CBV "HO3'" H  N N 101 
CBV "H2'"  H  N N 102 
CBV "HO2'" H  N N 103 
CBV "H1'"  H  N N 104 
CBV HN41   H  N N 105 
CBV HN42   H  N N 106 
CBV H6     H  N N 107 
G   OP3    O  N N 108 
G   P      P  N N 109 
G   OP1    O  N N 110 
G   OP2    O  N N 111 
G   "O5'"  O  N N 112 
G   "C5'"  C  N N 113 
G   "C4'"  C  N R 114 
G   "O4'"  O  N N 115 
G   "C3'"  C  N S 116 
G   "O3'"  O  N N 117 
G   "C2'"  C  N R 118 
G   "O2'"  O  N N 119 
G   "C1'"  C  N R 120 
G   N9     N  Y N 121 
G   C8     C  Y N 122 
G   N7     N  Y N 123 
G   C5     C  Y N 124 
G   C6     C  N N 125 
G   O6     O  N N 126 
G   N1     N  N N 127 
G   C2     C  N N 128 
G   N2     N  N N 129 
G   N3     N  N N 130 
G   C4     C  Y N 131 
G   HOP3   H  N N 132 
G   HOP2   H  N N 133 
G   "H5'"  H  N N 134 
G   "H5''" H  N N 135 
G   "H4'"  H  N N 136 
G   "H3'"  H  N N 137 
G   "HO3'" H  N N 138 
G   "H2'"  H  N N 139 
G   "HO2'" H  N N 140 
G   "H1'"  H  N N 141 
G   H8     H  N N 142 
G   H1     H  N N 143 
G   H21    H  N N 144 
G   H22    H  N N 145 
HOH O      O  N N 146 
HOH H1     H  N N 147 
HOH H2     H  N N 148 
TFT P      P  N N 149 
TFT OP1    O  N N 150 
TFT OP2    O  N N 151 
TFT O3T    O  N N 152 
TFT N1     N  N N 153 
TFT C6     C  N N 154 
TFT C2     C  N N 155 
TFT O2     O  N N 156 
TFT N3     N  N N 157 
TFT C4     C  N N 158 
TFT O4     O  N N 159 
TFT C5     C  N N 160 
TFT C5M    C  N N 161 
TFT C2T    C  N R 162 
TFT C4T    C  N N 163 
TFT O4T    O  N N 164 
TFT C1T    C  N R 165 
TFT C3T    C  N S 166 
TFT O2T    O  N N 167 
TFT OP3    O  N N 168 
TFT HOP2   H  N N 169 
TFT H6     H  N N 170 
TFT H3     H  N N 171 
TFT H71    H  N N 172 
TFT H72    H  N N 173 
TFT H73    H  N N 174 
TFT H2TC   H  N N 175 
TFT H4T1   H  N N 176 
TFT H4T2   H  N N 177 
TFT H1TC   H  N N 178 
TFT H3TC   H  N N 179 
TFT H2T    H  N N 180 
TFT HOP3   H  N N 181 
U   OP3    O  N N 182 
U   P      P  N N 183 
U   OP1    O  N N 184 
U   OP2    O  N N 185 
U   "O5'"  O  N N 186 
U   "C5'"  C  N N 187 
U   "C4'"  C  N R 188 
U   "O4'"  O  N N 189 
U   "C3'"  C  N S 190 
U   "O3'"  O  N N 191 
U   "C2'"  C  N R 192 
U   "O2'"  O  N N 193 
U   "C1'"  C  N R 194 
U   N1     N  N N 195 
U   C2     C  N N 196 
U   O2     O  N N 197 
U   N3     N  N N 198 
U   C4     C  N N 199 
U   O4     O  N N 200 
U   C5     C  N N 201 
U   C6     C  N N 202 
U   HOP3   H  N N 203 
U   HOP2   H  N N 204 
U   "H5'"  H  N N 205 
U   "H5''" H  N N 206 
U   "H4'"  H  N N 207 
U   "H3'"  H  N N 208 
U   "HO3'" H  N N 209 
U   "H2'"  H  N N 210 
U   "HO2'" H  N N 211 
U   "H1'"  H  N N 212 
U   H3     H  N N 213 
U   H5     H  N N 214 
U   H6     H  N N 215 
# 
loop_
_chem_comp_bond.comp_id 
_chem_comp_bond.atom_id_1 
_chem_comp_bond.atom_id_2 
_chem_comp_bond.value_order 
_chem_comp_bond.pdbx_aromatic_flag 
_chem_comp_bond.pdbx_stereo_config 
_chem_comp_bond.pdbx_ordinal 
A   OP3   P      sing N N 1   
A   OP3   HOP3   sing N N 2   
A   P     OP1    doub N N 3   
A   P     OP2    sing N N 4   
A   P     "O5'"  sing N N 5   
A   OP2   HOP2   sing N N 6   
A   "O5'" "C5'"  sing N N 7   
A   "C5'" "C4'"  sing N N 8   
A   "C5'" "H5'"  sing N N 9   
A   "C5'" "H5''" sing N N 10  
A   "C4'" "O4'"  sing N N 11  
A   "C4'" "C3'"  sing N N 12  
A   "C4'" "H4'"  sing N N 13  
A   "O4'" "C1'"  sing N N 14  
A   "C3'" "O3'"  sing N N 15  
A   "C3'" "C2'"  sing N N 16  
A   "C3'" "H3'"  sing N N 17  
A   "O3'" "HO3'" sing N N 18  
A   "C2'" "O2'"  sing N N 19  
A   "C2'" "C1'"  sing N N 20  
A   "C2'" "H2'"  sing N N 21  
A   "O2'" "HO2'" sing N N 22  
A   "C1'" N9     sing N N 23  
A   "C1'" "H1'"  sing N N 24  
A   N9    C8     sing Y N 25  
A   N9    C4     sing Y N 26  
A   C8    N7     doub Y N 27  
A   C8    H8     sing N N 28  
A   N7    C5     sing Y N 29  
A   C5    C6     sing Y N 30  
A   C5    C4     doub Y N 31  
A   C6    N6     sing N N 32  
A   C6    N1     doub Y N 33  
A   N6    H61    sing N N 34  
A   N6    H62    sing N N 35  
A   N1    C2     sing Y N 36  
A   C2    N3     doub Y N 37  
A   C2    H2     sing N N 38  
A   N3    C4     sing Y N 39  
C   OP3   P      sing N N 40  
C   OP3   HOP3   sing N N 41  
C   P     OP1    doub N N 42  
C   P     OP2    sing N N 43  
C   P     "O5'"  sing N N 44  
C   OP2   HOP2   sing N N 45  
C   "O5'" "C5'"  sing N N 46  
C   "C5'" "C4'"  sing N N 47  
C   "C5'" "H5'"  sing N N 48  
C   "C5'" "H5''" sing N N 49  
C   "C4'" "O4'"  sing N N 50  
C   "C4'" "C3'"  sing N N 51  
C   "C4'" "H4'"  sing N N 52  
C   "O4'" "C1'"  sing N N 53  
C   "C3'" "O3'"  sing N N 54  
C   "C3'" "C2'"  sing N N 55  
C   "C3'" "H3'"  sing N N 56  
C   "O3'" "HO3'" sing N N 57  
C   "C2'" "O2'"  sing N N 58  
C   "C2'" "C1'"  sing N N 59  
C   "C2'" "H2'"  sing N N 60  
C   "O2'" "HO2'" sing N N 61  
C   "C1'" N1     sing N N 62  
C   "C1'" "H1'"  sing N N 63  
C   N1    C2     sing N N 64  
C   N1    C6     sing N N 65  
C   C2    O2     doub N N 66  
C   C2    N3     sing N N 67  
C   N3    C4     doub N N 68  
C   C4    N4     sing N N 69  
C   C4    C5     sing N N 70  
C   N4    H41    sing N N 71  
C   N4    H42    sing N N 72  
C   C5    C6     doub N N 73  
C   C5    H5     sing N N 74  
C   C6    H6     sing N N 75  
CBV O3P   P      sing N N 76  
CBV O3P   HO3P   sing N N 77  
CBV P     O1P    sing N N 78  
CBV P     O2P    doub N N 79  
CBV P     "O5'"  sing N N 80  
CBV O1P   HO1P   sing N N 81  
CBV "O5'" "C5'"  sing N N 82  
CBV "C5'" "C4'"  sing N N 83  
CBV "C5'" "H5'1" sing N N 84  
CBV "C5'" "H5'2" sing N N 85  
CBV "C4'" "O4'"  sing N N 86  
CBV "C4'" "C3'"  sing N N 87  
CBV "C4'" "H4'"  sing N N 88  
CBV "O4'" "C1'"  sing N N 89  
CBV "C3'" "O3'"  sing N N 90  
CBV "C3'" "C2'"  sing N N 91  
CBV "C3'" "H3'"  sing N N 92  
CBV "O3'" "HO3'" sing N N 93  
CBV "C2'" "O2'"  sing N N 94  
CBV "C2'" "C1'"  sing N N 95  
CBV "C2'" "H2'"  sing N N 96  
CBV "O2'" "HO2'" sing N N 97  
CBV "C1'" N1     sing N N 98  
CBV "C1'" "H1'"  sing N N 99  
CBV N1    C2     sing N N 100 
CBV N1    C6     sing N N 101 
CBV C2    O2     doub N N 102 
CBV C2    N3     sing N N 103 
CBV N3    C4     doub N N 104 
CBV C4    N4     sing N N 105 
CBV C4    C5     sing N N 106 
CBV N4    HN41   sing N N 107 
CBV N4    HN42   sing N N 108 
CBV C5    C6     doub N N 109 
CBV C5    BR     sing N N 110 
CBV C6    H6     sing N N 111 
G   OP3   P      sing N N 112 
G   OP3   HOP3   sing N N 113 
G   P     OP1    doub N N 114 
G   P     OP2    sing N N 115 
G   P     "O5'"  sing N N 116 
G   OP2   HOP2   sing N N 117 
G   "O5'" "C5'"  sing N N 118 
G   "C5'" "C4'"  sing N N 119 
G   "C5'" "H5'"  sing N N 120 
G   "C5'" "H5''" sing N N 121 
G   "C4'" "O4'"  sing N N 122 
G   "C4'" "C3'"  sing N N 123 
G   "C4'" "H4'"  sing N N 124 
G   "O4'" "C1'"  sing N N 125 
G   "C3'" "O3'"  sing N N 126 
G   "C3'" "C2'"  sing N N 127 
G   "C3'" "H3'"  sing N N 128 
G   "O3'" "HO3'" sing N N 129 
G   "C2'" "O2'"  sing N N 130 
G   "C2'" "C1'"  sing N N 131 
G   "C2'" "H2'"  sing N N 132 
G   "O2'" "HO2'" sing N N 133 
G   "C1'" N9     sing N N 134 
G   "C1'" "H1'"  sing N N 135 
G   N9    C8     sing Y N 136 
G   N9    C4     sing Y N 137 
G   C8    N7     doub Y N 138 
G   C8    H8     sing N N 139 
G   N7    C5     sing Y N 140 
G   C5    C6     sing N N 141 
G   C5    C4     doub Y N 142 
G   C6    O6     doub N N 143 
G   C6    N1     sing N N 144 
G   N1    C2     sing N N 145 
G   N1    H1     sing N N 146 
G   C2    N2     sing N N 147 
G   C2    N3     doub N N 148 
G   N2    H21    sing N N 149 
G   N2    H22    sing N N 150 
G   N3    C4     sing N N 151 
HOH O     H1     sing N N 152 
HOH O     H2     sing N N 153 
TFT P     OP1    doub N N 154 
TFT P     OP2    sing N N 155 
TFT P     O3T    sing N N 156 
TFT P     OP3    sing N N 157 
TFT OP2   HOP2   sing N N 158 
TFT O3T   C3T    sing N N 159 
TFT N1    C6     sing N N 160 
TFT N1    C2     sing N N 161 
TFT N1    C1T    sing N N 162 
TFT C6    C5     doub N N 163 
TFT C6    H6     sing N N 164 
TFT C2    O2     doub N N 165 
TFT C2    N3     sing N N 166 
TFT N3    C4     sing N N 167 
TFT N3    H3     sing N N 168 
TFT C4    O4     doub N N 169 
TFT C4    C5     sing N N 170 
TFT C5    C5M    sing N N 171 
TFT C5M   H71    sing N N 172 
TFT C5M   H72    sing N N 173 
TFT C5M   H73    sing N N 174 
TFT C2T   C1T    sing N N 175 
TFT C2T   C3T    sing N N 176 
TFT C2T   O2T    sing N N 177 
TFT C2T   H2TC   sing N N 178 
TFT C4T   O4T    sing N N 179 
TFT C4T   C3T    sing N N 180 
TFT C4T   H4T1   sing N N 181 
TFT C4T   H4T2   sing N N 182 
TFT O4T   C1T    sing N N 183 
TFT C1T   H1TC   sing N N 184 
TFT C3T   H3TC   sing N N 185 
TFT O2T   H2T    sing N N 186 
TFT OP3   HOP3   sing N N 187 
U   OP3   P      sing N N 188 
U   OP3   HOP3   sing N N 189 
U   P     OP1    doub N N 190 
U   P     OP2    sing N N 191 
U   P     "O5'"  sing N N 192 
U   OP2   HOP2   sing N N 193 
U   "O5'" "C5'"  sing N N 194 
U   "C5'" "C4'"  sing N N 195 
U   "C5'" "H5'"  sing N N 196 
U   "C5'" "H5''" sing N N 197 
U   "C4'" "O4'"  sing N N 198 
U   "C4'" "C3'"  sing N N 199 
U   "C4'" "H4'"  sing N N 200 
U   "O4'" "C1'"  sing N N 201 
U   "C3'" "O3'"  sing N N 202 
U   "C3'" "C2'"  sing N N 203 
U   "C3'" "H3'"  sing N N 204 
U   "O3'" "HO3'" sing N N 205 
U   "C2'" "O2'"  sing N N 206 
U   "C2'" "C1'"  sing N N 207 
U   "C2'" "H2'"  sing N N 208 
U   "O2'" "HO2'" sing N N 209 
U   "C1'" N1     sing N N 210 
U   "C1'" "H1'"  sing N N 211 
U   N1    C2     sing N N 212 
U   N1    C6     sing N N 213 
U   C2    O2     doub N N 214 
U   C2    N3     sing N N 215 
U   N3    C4     sing N N 216 
U   N3    H3     sing N N 217 
U   C4    O4     doub N N 218 
U   C4    C5     sing N N 219 
U   C5    C6     doub N N 220 
U   C5    H5     sing N N 221 
U   C6    H6     sing N N 222 
# 
_ndb_struct_conf_na.entry_id   8SKQ 
_ndb_struct_conf_na.feature    'double helix' 
# 
loop_
_ndb_struct_na_base_pair.model_number 
_ndb_struct_na_base_pair.i_label_asym_id 
_ndb_struct_na_base_pair.i_label_comp_id 
_ndb_struct_na_base_pair.i_label_seq_id 
_ndb_struct_na_base_pair.i_symmetry 
_ndb_struct_na_base_pair.j_label_asym_id 
_ndb_struct_na_base_pair.j_label_comp_id 
_ndb_struct_na_base_pair.j_label_seq_id 
_ndb_struct_na_base_pair.j_symmetry 
_ndb_struct_na_base_pair.shear 
_ndb_struct_na_base_pair.stretch 
_ndb_struct_na_base_pair.stagger 
_ndb_struct_na_base_pair.buckle 
_ndb_struct_na_base_pair.propeller 
_ndb_struct_na_base_pair.opening 
_ndb_struct_na_base_pair.pair_number 
_ndb_struct_na_base_pair.pair_name 
_ndb_struct_na_base_pair.i_auth_asym_id 
_ndb_struct_na_base_pair.i_auth_seq_id 
_ndb_struct_na_base_pair.i_PDB_ins_code 
_ndb_struct_na_base_pair.j_auth_asym_id 
_ndb_struct_na_base_pair.j_auth_seq_id 
_ndb_struct_na_base_pair.j_PDB_ins_code 
_ndb_struct_na_base_pair.hbond_type_28 
_ndb_struct_na_base_pair.hbond_type_12 
1 A A   4  1_555 A A   12 2_555 -3.156 0.928 -0.832 -1.234 -27.565 34.142 1 A_A3:A11_A  A 3  ? A 11 ? ? 1 
1 A A   5  1_555 A G   11 2_555 2.242  2.579 0.502  0.847  -12.019 48.979 2 A_A4:G10_A  A 4  ? A 10 ? ? ? 
1 A TFT 7  1_555 A G   9  2_555 -0.507 0.480 -0.429 7.462  -6.788  6.875  3 A_TFT6:G8_A A 6  ? A 8  ? ? ? 
1 A G   9  1_555 A TFT 7  2_555 0.507  0.480 -0.429 -7.462 -6.788  6.875  4 A_G8:TFT6_A A 8  ? A 6  ? ? ? 
1 A G   11 1_555 A A   5  2_555 -2.242 2.579 0.502  -0.847 -12.019 48.979 5 A_G10:A4_A  A 10 ? A 4  ? ? ? 
1 A A   12 1_555 A A   4  2_555 3.156  0.928 -0.832 1.234  -27.565 34.142 6 A_A11:A3_A  A 11 ? A 3  ? ? 1 
# 
loop_
_ndb_struct_na_base_pair_step.model_number 
_ndb_struct_na_base_pair_step.i_label_asym_id_1 
_ndb_struct_na_base_pair_step.i_label_comp_id_1 
_ndb_struct_na_base_pair_step.i_label_seq_id_1 
_ndb_struct_na_base_pair_step.i_symmetry_1 
_ndb_struct_na_base_pair_step.j_label_asym_id_1 
_ndb_struct_na_base_pair_step.j_label_comp_id_1 
_ndb_struct_na_base_pair_step.j_label_seq_id_1 
_ndb_struct_na_base_pair_step.j_symmetry_1 
_ndb_struct_na_base_pair_step.i_label_asym_id_2 
_ndb_struct_na_base_pair_step.i_label_comp_id_2 
_ndb_struct_na_base_pair_step.i_label_seq_id_2 
_ndb_struct_na_base_pair_step.i_symmetry_2 
_ndb_struct_na_base_pair_step.j_label_asym_id_2 
_ndb_struct_na_base_pair_step.j_label_comp_id_2 
_ndb_struct_na_base_pair_step.j_label_seq_id_2 
_ndb_struct_na_base_pair_step.j_symmetry_2 
_ndb_struct_na_base_pair_step.shift 
_ndb_struct_na_base_pair_step.slide 
_ndb_struct_na_base_pair_step.rise 
_ndb_struct_na_base_pair_step.tilt 
_ndb_struct_na_base_pair_step.roll 
_ndb_struct_na_base_pair_step.twist 
_ndb_struct_na_base_pair_step.x_displacement 
_ndb_struct_na_base_pair_step.y_displacement 
_ndb_struct_na_base_pair_step.helical_rise 
_ndb_struct_na_base_pair_step.inclination 
_ndb_struct_na_base_pair_step.tip 
_ndb_struct_na_base_pair_step.helical_twist 
_ndb_struct_na_base_pair_step.step_number 
_ndb_struct_na_base_pair_step.step_name 
_ndb_struct_na_base_pair_step.i_auth_asym_id_1 
_ndb_struct_na_base_pair_step.i_auth_seq_id_1 
_ndb_struct_na_base_pair_step.i_PDB_ins_code_1 
_ndb_struct_na_base_pair_step.j_auth_asym_id_1 
_ndb_struct_na_base_pair_step.j_auth_seq_id_1 
_ndb_struct_na_base_pair_step.j_PDB_ins_code_1 
_ndb_struct_na_base_pair_step.i_auth_asym_id_2 
_ndb_struct_na_base_pair_step.i_auth_seq_id_2 
_ndb_struct_na_base_pair_step.i_PDB_ins_code_2 
_ndb_struct_na_base_pair_step.j_auth_asym_id_2 
_ndb_struct_na_base_pair_step.j_auth_seq_id_2 
_ndb_struct_na_base_pair_step.j_PDB_ins_code_2 
1 A A   4  1_555 A A   12 2_555 A A   5  1_555 A G   11 2_555 1.336  0.976  3.585 -11.734 5.604  49.839 0.715  -2.400 3.297 6.523  
13.657  51.402 1 AA_A3A4:G10A11_AA   A 3  ? A 11 ? A 4  ? A 10 ? 
1 A A   5  1_555 A G   11 2_555 A TFT 7  1_555 A G   9  2_555 -2.118 -3.223 6.088 2.703   9.048  48.812 -5.010 2.871  5.330 10.831 
-3.236  49.662 2 AA_A4TFT6:G8G10_AA  A 4  ? A 10 ? A 6  ? A 8  ? 
1 A TFT 7  1_555 A G   9  2_555 A G   9  1_555 A TFT 7  2_555 0.000  -2.697 6.695 0.000   17.782 65.318 -3.775 0.000  5.876 16.166 
0.000   67.436 3 AA_TFT6G8:TFT6G8_AA A 6  ? A 8  ? A 8  ? A 6  ? 
1 A G   9  1_555 A TFT 7  2_555 A G   11 1_555 A A   5  2_555 2.118  -3.223 6.088 -2.703  9.048  48.812 -5.010 -2.871 5.330 10.831 
3.236   49.662 4 AA_G8G10:A4TFT6_AA  A 8  ? A 6  ? A 10 ? A 4  ? 
1 A G   11 1_555 A A   5  2_555 A A   12 1_555 A A   4  2_555 -1.336 0.976  3.585 11.734  5.604  49.839 0.715  2.400  3.297 6.523  
-13.657 51.402 5 AA_G10A11:A3A4_AA   A 10 ? A 4  ? A 11 ? A 3  ? 
# 
_pdbx_audit_support.funding_organization   'Other private' 
_pdbx_audit_support.country                'United States' 
_pdbx_audit_support.grant_number           ? 
_pdbx_audit_support.ordinal                1 
# 
_space_group.name_H-M_alt     'C 1 2 1' 
_space_group.name_Hall        'C 2y' 
_space_group.IT_number        5 
_space_group.crystal_system   monoclinic 
_space_group.id               1 
# 
_atom_sites.entry_id                    8SKQ 
_atom_sites.Cartn_transf_matrix[1][1]   ? 
_atom_sites.Cartn_transf_matrix[1][2]   ? 
_atom_sites.Cartn_transf_matrix[1][3]   ? 
_atom_sites.Cartn_transf_matrix[2][1]   ? 
_atom_sites.Cartn_transf_matrix[2][2]   ? 
_atom_sites.Cartn_transf_matrix[2][3]   ? 
_atom_sites.Cartn_transf_matrix[3][1]   ? 
_atom_sites.Cartn_transf_matrix[3][2]   ? 
_atom_sites.Cartn_transf_matrix[3][3]   ? 
_atom_sites.Cartn_transf_vector[1]      ? 
_atom_sites.Cartn_transf_vector[2]      ? 
_atom_sites.Cartn_transf_vector[3]      ? 
_atom_sites.fract_transf_matrix[1][1]   -0.02293320 
_atom_sites.fract_transf_matrix[1][2]   -0.01372901 
_atom_sites.fract_transf_matrix[1][3]   -0.01789764 
_atom_sites.fract_transf_matrix[2][1]   -0.01357906 
_atom_sites.fract_transf_matrix[2][2]   0.02112464 
_atom_sites.fract_transf_matrix[2][3]   0.00119519 
_atom_sites.fract_transf_matrix[3][1]   0.00845912 
_atom_sites.fract_transf_matrix[3][2]   0.00765589 
_atom_sites.fract_transf_matrix[3][3]   -0.03920773 
_atom_sites.fract_transf_vector[1]      0.085253 
_atom_sites.fract_transf_vector[2]      0.604828 
_atom_sites.fract_transf_vector[3]      0.085143 
_atom_sites.solution_primary            ? 
_atom_sites.solution_secondary          ? 
_atom_sites.solution_hydrogens          ? 
_atom_sites.special_details             ? 
# 
loop_
_atom_type.symbol 
_atom_type.scat_dispersion_real 
_atom_type.scat_dispersion_imag 
_atom_type.scat_Cromer_Mann_a1 
_atom_type.scat_Cromer_Mann_a2 
_atom_type.scat_Cromer_Mann_a3 
_atom_type.scat_Cromer_Mann_a4 
_atom_type.scat_Cromer_Mann_b1 
_atom_type.scat_Cromer_Mann_b2 
_atom_type.scat_Cromer_Mann_b3 
_atom_type.scat_Cromer_Mann_b4 
_atom_type.scat_Cromer_Mann_c 
_atom_type.scat_source 
_atom_type.scat_dispersion_source 
BR ? ? 25.79822 9.11301 ? ? 1.35700  25.34896 ? ? 0.0 
;2-Gaussian fit: Grosse-Kunstleve RW, Sauter NK, Adams PD: Newsletter of the IUCr Commission on Crystallographic Computing 2004, 3, 22-31.
;
? 
C  ? ? 3.54356  2.42580 ? ? 25.62398 1.50364  ? ? 0.0 
;2-Gaussian fit: Grosse-Kunstleve RW, Sauter NK, Adams PD: Newsletter of the IUCr Commission on Crystallographic Computing 2004, 3, 22-31.
;
? 
N  ? ? 4.01032  2.96436 ? ? 19.97189 1.75589  ? ? 0.0 
;2-Gaussian fit: Grosse-Kunstleve RW, Sauter NK, Adams PD: Newsletter of the IUCr Commission on Crystallographic Computing 2004, 3, 22-31.
;
? 
O  ? ? 4.49882  3.47563 ? ? 15.80542 1.70748  ? ? 0.0 
;2-Gaussian fit: Grosse-Kunstleve RW, Sauter NK, Adams PD: Newsletter of the IUCr Commission on Crystallographic Computing 2004, 3, 22-31.
;
? 
P  ? ? 9.51135  5.44231 ? ? 1.42069  35.72801 ? ? 0.0 
;2-Gaussian fit: Grosse-Kunstleve RW, Sauter NK, Adams PD: Newsletter of the IUCr Commission on Crystallographic Computing 2004, 3, 22-31.
;
? 
# 
loop_
_atom_site.group_PDB 
_atom_site.id 
_atom_site.type_symbol 
_atom_site.label_atom_id 
_atom_site.label_alt_id 
_atom_site.label_comp_id 
_atom_site.label_asym_id 
_atom_site.label_entity_id 
_atom_site.label_seq_id 
_atom_site.pdbx_PDB_ins_code 
_atom_site.Cartn_x 
_atom_site.Cartn_y 
_atom_site.Cartn_z 
_atom_site.occupancy 
_atom_site.B_iso_or_equiv 
_atom_site.pdbx_formal_charge 
_atom_site.auth_seq_id 
_atom_site.auth_comp_id 
_atom_site.auth_asym_id 
_atom_site.auth_atom_id 
_atom_site.pdbx_PDB_model_num 
ATOM   1    P  P     A G   A 1 1  ? 1.39303   -0.35809  -17.42818 0.250 19.56477 ? 0   G   A P     1 
ATOM   2    O  OP1   A G   A 1 1  ? 1.31200   -0.98254  -16.08192 0.250 34.83327 ? 0   G   A OP1   1 
ATOM   3    O  OP2   A G   A 1 1  ? 2.66918   0.26045   -17.87266 0.250 19.34804 ? 0   G   A OP2   1 
ATOM   4    O  "O5'" A G   A 1 1  ? 0.21049   0.70688   -17.56339 0.250 17.93070 ? 0   G   A "O5'" 1 
ATOM   5    C  "C5'" A G   A 1 1  ? 0.50166   2.08975   -17.73828 0.250 18.99077 ? 0   G   A "C5'" 1 
ATOM   6    C  "C4'" A G   A 1 1  ? -0.74205  2.94056   -17.73799 0.250 21.83039 ? 0   G   A "C4'" 1 
ATOM   7    O  "O4'" A G   A 1 1  ? -1.81855  2.26435   -18.44511 0.250 24.34478 ? 0   G   A "O4'" 1 
ATOM   8    C  "C3'" A G   A 1 1  ? -1.33609  3.24116   -16.37401 0.250 13.03899 ? 0   G   A "C3'" 1 
ATOM   9    O  "O3'" A G   A 1 1  ? -0.62725  4.25381   -15.66950 0.250 12.51888 ? 0   G   A "O3'" 1 
ATOM   10   C  "C2'" A G   A 1 1  ? -2.78906  3.57129   -16.71525 0.250 11.44918 ? 0   G   A "C2'" 1 
ATOM   11   O  "O2'" A G   A 1 1  ? -2.90562  4.87581   -17.26366 0.250 18.03695 ? 0   G   A "O2'" 1 
ATOM   12   C  "C1'" A G   A 1 1  ? -3.05802  2.56113   -17.83038 0.250 18.31336 ? 0   G   A "C1'" 1 
ATOM   13   N  N9    A G   A 1 1  ? -3.62982  1.30229   -17.31391 0.250 19.57157 ? 0   G   A N9    1 
ATOM   14   C  C8    A G   A 1 1  ? -2.94216  0.12698   -17.14526 0.250 12.94284 ? 0   G   A C8    1 
ATOM   15   N  N7    A G   A 1 1  ? -3.68437  -0.83715  -16.68135 0.250 27.80796 ? 0   G   A N7    1 
ATOM   16   C  C5    A G   A 1 1  ? -4.93336  -0.26942  -16.51476 0.250 16.46257 ? 0   G   A C5    1 
ATOM   17   C  C6    A G   A 1 1  ? -6.12870  -0.84916  -16.02984 0.250 19.22813 ? 0   G   A C6    1 
ATOM   18   O  O6    A G   A 1 1  ? -6.33264  -2.00868  -15.63877 0.250 20.03097 ? 0   G   A O6    1 
ATOM   19   N  N1    A G   A 1 1  ? -7.15457  0.08735   -16.02624 0.250 20.35348 ? 0   G   A N1    1 
ATOM   20   C  C2    A G   A 1 1  ? -7.06113  1.39891   -16.41794 0.250 16.27538 ? 0   G   A C2    1 
ATOM   21   N  N2    A G   A 1 1  ? -8.20178  2.09877   -16.32730 0.250 26.66414 ? 0   G   A N2    1 
ATOM   22   N  N3    A G   A 1 1  ? -5.94342  1.94827   -16.87508 0.250 15.87439 ? 0   G   A N3    1 
ATOM   23   C  C4    A G   A 1 1  ? -4.92469  1.06106   -16.89970 0.250 14.61172 ? 0   G   A C4    1 
ATOM   24   P  P     B C   A 1 1  ? 0.49512   0.20110   -16.28556 0.250 47.50706 ? 0   C   A P     1 
ATOM   25   O  OP1   B C   A 1 1  ? 0.06132   -0.03703  -14.87899 0.250 32.54102 ? 0   C   A OP1   1 
ATOM   26   O  OP2   B C   A 1 1  ? 1.94568   0.37269   -16.59150 0.250 35.26501 ? 0   C   A OP2   1 
ATOM   27   O  "O5'" B C   A 1 1  ? -0.34631  1.40758   -16.92364 0.250 19.08174 ? 0   C   A "O5'" 1 
ATOM   28   C  "C5'" B C   A 1 1  ? 0.28070   2.53140   -17.53809 0.250 22.01011 ? 0   C   A "C5'" 1 
ATOM   29   C  "C4'" B C   A 1 1  ? -0.70679  3.64222   -17.82415 0.250 15.85465 ? 0   C   A "C4'" 1 
ATOM   30   O  "O4'" B C   A 1 1  ? -1.81258  3.13534   -18.62033 0.250 16.39456 ? 0   C   A "O4'" 1 
ATOM   31   C  "C3'" B C   A 1 1  ? -1.37785  4.24093   -16.60728 0.250 10.54078 ? 0   C   A "C3'" 1 
ATOM   32   O  "O3'" B C   A 1 1  ? -0.56464  5.19392   -15.94616 0.250 9.76574  ? 0   C   A "O3'" 1 
ATOM   33   C  "C2'" B C   A 1 1  ? -2.68438  4.79108   -17.17291 0.250 16.79078 ? 0   C   A "C2'" 1 
ATOM   34   O  "O2'" B C   A 1 1  ? -2.47239  6.02576   -17.82811 0.250 21.00689 ? 0   C   A "O2'" 1 
ATOM   35   C  "C1'" B C   A 1 1  ? -3.02202  3.74650   -18.23283 0.250 13.97506 ? 0   C   A "C1'" 1 
ATOM   36   N  N1    B C   A 1 1  ? -3.91356  2.68178   -17.71391 0.250 16.12523 ? 0   C   A N1    1 
ATOM   37   C  C2    B C   A 1 1  ? -5.28401  2.88355   -17.52302 0.250 15.26161 ? 0   C   A C2    1 
ATOM   38   O  O2    B C   A 1 1  ? -5.81101  3.98240   -17.78254 0.250 15.13783 ? 0   C   A O2    1 
ATOM   39   N  N3    B C   A 1 1  ? -6.01535  1.84997   -17.04130 0.250 15.83576 ? 0   C   A N3    1 
ATOM   40   C  C4    B C   A 1 1  ? -5.44953  0.67582   -16.75047 0.250 14.66160 ? 0   C   A C4    1 
ATOM   41   N  N4    B C   A 1 1  ? -6.22652  -0.30560  -16.28717 0.250 15.00205 ? 0   C   A N4    1 
ATOM   42   C  C5    B C   A 1 1  ? -4.06054  0.44612   -16.94522 0.250 16.30742 ? 0   C   A C5    1 
ATOM   43   C  C6    B C   A 1 1  ? -3.34442  1.46502   -17.42966 0.250 11.68837 ? 0   C   A C6    1 
ATOM   44   P  P     C A   A 1 1  ? 1.08539   0.46381   -17.86922 0.250 14.23819 ? 0   A   A P     1 
ATOM   45   P  P     D A   A 1 1  ? 1.75237   0.69989   -18.44777 0.250 11.72547 ? 0   A   A P     1 
ATOM   46   O  OP1   C A   A 1 1  ? 0.55630   -0.63003  -17.01634 0.250 15.81107 ? 0   A   A OP1   1 
ATOM   47   O  OP1   D A   A 1 1  ? 3.05523   1.36824   -18.35181 0.250 14.17268 ? 0   A   A OP1   1 
ATOM   48   O  OP2   C A   A 1 1  ? 2.48591   0.93074   -17.70403 0.250 21.59926 ? 0   A   A OP2   1 
ATOM   49   O  OP2   D A   A 1 1  ? 1.50161   -0.58749  -17.77263 0.250 18.34358 ? 0   A   A OP2   1 
ATOM   50   O  "O5'" C A   A 1 1  ? 0.04097   1.67804   -17.85267 0.250 14.04287 ? 0   A   A "O5'" 1 
ATOM   51   O  "O5'" D A   A 1 1  ? 0.53259   1.68170   -18.17248 0.250 12.36278 ? 0   A   A "O5'" 1 
ATOM   52   C  "C5'" C A   A 1 1  ? 0.37742   2.96562   -18.34915 0.250 13.95535 ? 0   A   A "C5'" 1 
ATOM   53   C  "C5'" D A   A 1 1  ? 0.40556   2.89558   -18.89142 0.250 10.89453 ? 0   A   A "C5'" 1 
ATOM   54   C  "C4'" C A   A 1 1  ? -0.84686  3.84952   -18.45570 0.250 7.40259  ? 0   A   A "C4'" 1 
ATOM   55   C  "C4'" D A   A 1 1  ? -0.86385  3.65291   -18.56466 0.250 12.74221 ? 0   A   A "C4'" 1 
ATOM   56   O  "O4'" C A   A 1 1  ? -1.83096  3.19028   -19.30584 0.250 17.47119 ? 0   A   A "O4'" 1 
ATOM   57   O  "O4'" D A   A 1 1  ? -2.03892  2.95979   -19.06171 0.250 14.58147 ? 0   A   A "O4'" 1 
ATOM   58   C  "C3'" C A   A 1 1  ? -1.59079  4.09705   -17.15194 0.250 13.59685 ? 0   A   A "C3'" 1 
ATOM   59   C  "C3'" D A   A 1 1  ? -1.18468  3.88062   -17.10645 0.250 9.15669  ? 0   A   A "C3'" 1 
ATOM   60   O  "O3'" C A   A 1 1  ? -1.05398  5.17034   -16.40968 0.250 13.06125 ? 0   A   A "O3'" 1 
ATOM   61   O  "O3'" D A   A 1 1  ? -0.39082  4.89753   -16.54069 0.250 8.89430  ? 0   A   A "O3'" 1 
ATOM   62   C  "C2'" C A   A 1 1  ? -3.00734  4.35299   -17.62461 0.250 16.97422 ? 0   A   A "C2'" 1 
ATOM   63   C  "C2'" D A   A 1 1  ? -2.66415  4.24579   -17.16569 0.250 12.85629 ? 0   A   A "C2'" 1 
ATOM   64   O  "O2'" C A   A 1 1  ? -3.08597  5.64860   -18.18770 0.250 11.94952 ? 0   A   A "O2'" 1 
ATOM   65   O  "O2'" D A   A 1 1  ? -2.83226  5.58350   -17.60819 0.250 16.68881 ? 0   A   A "O2'" 1 
ATOM   66   C  "C1'" C A   A 1 1  ? -3.11841  3.32670   -18.74269 0.250 17.58075 ? 0   A   A "C1'" 1 
ATOM   67   C  "C1'" D A   A 1 1  ? -3.15814  3.31436   -18.27213 0.250 11.95626 ? 0   A   A "C1'" 1 
ATOM   68   N  N9    C A   A 1 1  ? -3.51974  2.01150   -18.20341 0.250 17.58786 ? 0   A   A N9    1 
ATOM   69   N  N9    D A   A 1 1  ? -3.76000  2.09855   -17.70658 0.250 16.50114 ? 0   A   A N9    1 
ATOM   70   C  C8    C A   A 1 1  ? -2.75726  0.88177   -18.02354 0.250 19.75505 ? 0   A   A C8    1 
ATOM   71   C  C8    D A   A 1 1  ? -3.14917  0.89345   -17.44835 0.250 10.31691 ? 0   A   A C8    1 
ATOM   72   N  N7    C A   A 1 1  ? -3.40650  -0.13099  -17.49559 0.250 16.44457 ? 0   A   A N7    1 
ATOM   73   N  N7    D A   A 1 1  ? -3.96741  0.01269   -16.91623 0.250 7.57643  ? 0   A   A N7    1 
ATOM   74   C  C5    C A   A 1 1  ? -4.68458  0.36924   -17.30600 0.250 19.47179 ? 0   A   A C5    1 
ATOM   75   C  C5    D A   A 1 1  ? -5.18033  0.69521   -16.80678 0.250 15.01959 ? 0   A   A C5    1 
ATOM   76   C  C6    C A   A 1 1  ? -5.86012  -0.19146  -16.78057 0.250 16.01385 ? 0   A   A C6    1 
ATOM   77   C  C6    D A   A 1 1  ? -6.44572  0.31670   -16.32418 0.250 19.54790 ? 0   A   A C6    1 
ATOM   78   N  N6    C A   A 1 1  ? -5.98245  -1.43872  -16.33089 0.250 13.88939 ? 0   A   A N6    1 
ATOM   79   N  N6    D A   A 1 1  ? -6.71682  -0.90158  -15.84057 0.250 16.80304 ? 0   A   A N6    1 
ATOM   80   N  N1    C A   A 1 1  ? -6.95387  0.59634   -16.74423 0.250 15.54400 ? 0   A   A N1    1 
ATOM   81   N  N1    D A   A 1 1  ? -7.43058  1.24903   -16.36403 0.250 16.79620 ? 0   A   A N1    1 
ATOM   82   C  C2    C A   A 1 1  ? -6.87529  1.85388   -17.19177 0.250 13.33761 ? 0   A   A C2    1 
ATOM   83   C  C2    D A   A 1 1  ? -7.15280  2.46812   -16.85439 0.250 5.08124  ? 0   A   A C2    1 
ATOM   84   N  N3    C A   A 1 1  ? -5.83010  2.49565   -17.70059 0.250 14.28402 ? 0   A   A N3    1 
ATOM   85   N  N3    D A   A 1 1  ? -6.00604  2.95637   -17.33894 0.250 8.30962  ? 0   A   A N3    1 
ATOM   86   C  C4    C A   A 1 1  ? -4.75969  1.69007   -17.72270 0.250 16.64619 ? 0   A   A C4    1 
ATOM   87   C  C4    D A   A 1 1  ? -5.06061  1.98921   -17.28851 0.250 8.71479  ? 0   A   A C4    1 
HETATM 88   O  "O5'" A CBV A 1 2  ? -2.43716  5.62356   -14.49595 0.250 26.67343 ? 1   CBV A "O5'" 1 
HETATM 89   C  "C5'" A CBV A 1 2  ? -2.84673  6.96675   -14.32793 0.250 11.52785 ? 1   CBV A "C5'" 1 
HETATM 90   C  "C4'" A CBV A 1 2  ? -4.30878  7.08060   -13.93962 0.250 9.92933  ? 1   CBV A "C4'" 1 
HETATM 91   O  "O4'" A CBV A 1 2  ? -5.12231  6.08231   -14.61707 0.250 12.76846 ? 1   CBV A "O4'" 1 
HETATM 92   C  "C3'" A CBV A 1 2  ? -4.65764  6.88833   -12.47508 0.250 15.93296 ? 1   CBV A "C3'" 1 
HETATM 93   O  "O3'" A CBV A 1 2  ? -4.28180  7.98415   -11.64717 0.250 17.08172 ? 1   CBV A "O3'" 1 
HETATM 94   C  "C2'" A CBV A 1 2  ? -6.15325  6.61047   -12.54586 0.250 10.38673 ? 1   CBV A "C2'" 1 
HETATM 95   O  "O2'" A CBV A 1 2  ? -6.84287  7.81695   -12.85418 0.250 8.86549  ? 1   CBV A "O2'" 1 
HETATM 96   C  "C1'" A CBV A 1 2  ? -6.20667  5.71482   -13.78675 0.250 13.83982 ? 1   CBV A "C1'" 1 
HETATM 97   N  N1    A CBV A 1 2  ? -6.07638  4.26346   -13.51272 0.250 14.75377 ? 1   CBV A N1    1 
HETATM 98   C  C2    A CBV A 1 2  ? -7.14896  3.53728   -13.12089 0.250 12.52749 ? 1   CBV A C2    1 
HETATM 99   O  O2    A CBV A 1 2  ? -8.23711  4.07723   -12.92343 0.250 20.35846 ? 1   CBV A O2    1 
HETATM 100  N  N3    A CBV A 1 2  ? -7.05636  2.15790   -12.90876 0.250 12.64637 ? 1   CBV A N3    1 
HETATM 101  C  C4    A CBV A 1 2  ? -5.84885  1.52417   -13.13159 0.250 13.93154 ? 1   CBV A C4    1 
HETATM 102  N  N4    A CBV A 1 2  ? -5.61770  0.21908   -12.98390 0.250 25.72305 ? 1   CBV A N4    1 
HETATM 103  C  C5    A CBV A 1 2  ? -4.76349  2.24054   -13.55966 0.250 9.77674  ? 1   CBV A C5    1 
HETATM 104  C  C6    A CBV A 1 2  ? -4.84399  3.61999   -13.76111 0.250 9.05589  ? 1   CBV A C6    1 
HETATM 105  BR BR    A CBV A 1 2  ? -3.22973  1.26872   -13.81672 0.250 34.70857 ? 1   CBV A BR    1 
ATOM   106  P  P     B G   A 1 2  ? -0.25255  4.95079   -14.41322 0.250 11.54563 ? 1   G   A P     1 
ATOM   107  O  OP1   B G   A 1 2  ? 0.66309   6.01612   -13.96063 0.250 11.80289 ? 1   G   A OP1   1 
ATOM   108  O  OP2   B G   A 1 2  ? 0.08826   3.52477   -14.21199 0.250 22.36417 ? 1   G   A OP2   1 
ATOM   109  O  "O5'" B G   A 1 2  ? -1.66940  5.25857   -13.75315 0.250 22.36764 ? 1   G   A "O5'" 1 
ATOM   110  C  "C5'" B G   A 1 2  ? -2.30298  6.50683   -14.01172 0.250 16.61270 ? 1   G   A "C5'" 1 
ATOM   111  C  "C4'" B G   A 1 2  ? -3.80078  6.48309   -13.82810 0.250 15.77192 ? 1   G   A "C4'" 1 
ATOM   112  O  "O4'" B G   A 1 2  ? -4.44660  5.52929   -14.70248 0.250 14.80713 ? 1   G   A "O4'" 1 
ATOM   113  C  "C3'" B G   A 1 2  ? -4.35689  6.13550   -12.46143 0.250 7.33350  ? 1   G   A "C3'" 1 
ATOM   114  O  "O3'" B G   A 1 2  ? -4.16630  7.18735   -11.53279 0.250 7.83049  ? 1   G   A "O3'" 1 
ATOM   115  C  "C2'" B G   A 1 2  ? -5.81646  5.89141   -12.79814 0.250 7.74264  ? 1   G   A "C2'" 1 
ATOM   116  O  "O2'" B G   A 1 2  ? -6.45789  7.13142   -13.02411 0.250 8.68776  ? 1   G   A "O2'" 1 
ATOM   117  C  "C1'" B G   A 1 2  ? -5.69319  5.16723   -14.14169 0.250 13.58511 ? 1   G   A "C1'" 1 
ATOM   118  N  N9    B G   A 1 2  ? -5.73982  3.71322   -13.94484 0.250 10.76454 ? 1   G   A N9    1 
ATOM   119  C  C8    B G   A 1 2  ? -4.76023  2.77520   -14.15895 0.250 13.09029 ? 1   G   A C8    1 
ATOM   120  N  N7    B G   A 1 2  ? -5.14521  1.56995   -13.82883 0.250 13.73674 ? 1   G   A N7    1 
ATOM   121  C  C5    B G   A 1 2  ? -6.44581  1.73950   -13.35817 0.250 14.48109 ? 1   G   A C5    1 
ATOM   122  C  C6    B G   A 1 2  ? -7.39219  0.80946   -12.87063 0.250 20.46127 ? 1   G   A C6    1 
ATOM   123  O  O6    B G   A 1 2  ? -7.24086  -0.40547  -12.75628 0.250 17.73160 ? 1   G   A O6    1 
ATOM   124  N  N1    B G   A 1 2  ? -8.60136  1.41069   -12.50557 0.250 13.68662 ? 1   G   A N1    1 
ATOM   125  C  C2    B G   A 1 2  ? -8.85934  2.76554   -12.59523 0.250 8.82808  ? 1   G   A C2    1 
ATOM   126  N  N2    B G   A 1 2  ? -10.06867 3.24000   -12.23443 0.250 12.04387 ? 1   G   A N2    1 
ATOM   127  N  N3    B G   A 1 2  ? -7.98788  3.62520   -13.07169 0.250 13.79901 ? 1   G   A N3    1 
ATOM   128  C  C4    B G   A 1 2  ? -6.81836  3.05696   -13.41528 0.250 13.19846 ? 1   G   A C4    1 
ATOM   129  P  P     C U   A 1 2  ? -0.81503  5.00917   -14.84545 0.250 8.93615  ? 1   U   A P     1 
ATOM   130  O  OP1   C U   A 1 2  ? -0.01407  6.10035   -14.32696 0.250 7.46632  ? 1   U   A OP1   1 
ATOM   131  O  OP2   C U   A 1 2  ? -0.36025  3.65493   -14.59529 0.250 11.69438 ? 1   U   A OP2   1 
ATOM   132  O  "O5'" C U   A 1 2  ? -2.28337  5.00496   -14.24967 0.250 13.35794 ? 1   U   A "O5'" 1 
ATOM   133  C  "C5'" C U   A 1 2  ? -2.80682  6.14674   -13.58930 0.250 18.25939 ? 1   U   A "C5'" 1 
ATOM   134  C  "C4'" C U   A 1 2  ? -4.31108  6.20617   -13.65438 0.250 10.04500 ? 1   U   A "C4'" 1 
ATOM   135  O  "O4'" C U   A 1 2  ? -4.82680  5.15367   -14.51075 0.250 19.06004 ? 1   U   A "O4'" 1 
ATOM   136  C  "C3'" C U   A 1 2  ? -5.05329  5.98805   -12.34784 0.250 14.63671 ? 1   U   A "C3'" 1 
ATOM   137  O  "O3'" C U   A 1 2  ? -5.03636  7.11091   -11.47663 0.250 18.10437 ? 1   U   A "O3'" 1 
ATOM   138  C  "C2'" C U   A 1 2  ? -6.44271  5.62862   -12.84280 0.250 19.36232 ? 1   U   A "C2'" 1 
ATOM   139  O  "O2'" C U   A 1 2  ? -7.10804  6.78443   -13.32618 0.250 17.34948 ? 1   U   A "O2'" 1 
ATOM   140  C  "C1'" C U   A 1 2  ? -6.10640  4.76205   -14.05435 0.250 18.12263 ? 1   U   A "C1'" 1 
ATOM   141  N  N1    C U   A 1 2  ? -6.09596  3.31828   -13.72350 0.250 20.30573 ? 1   U   A N1    1 
ATOM   142  C  C2    C U   A 1 2  ? -7.30419  2.68971   -13.45988 0.250 13.75964 ? 1   U   A C2    1 
ATOM   143  O  O2    C U   A 1 2  ? -8.37255  3.27864   -13.50427 0.250 17.78510 ? 1   U   A O2    1 
ATOM   144  N  N3    C U   A 1 2  ? -7.19963  1.34945   -13.16346 0.250 22.93001 ? 1   U   A N3    1 
ATOM   145  C  C4    C U   A 1 2  ? -6.04101  0.59950   -13.09994 0.250 17.28010 ? 1   U   A C4    1 
ATOM   146  O  O4    C U   A 1 2  ? -6.06764  -0.59335  -12.81275 0.250 24.37421 ? 1   U   A O4    1 
ATOM   147  C  C5    C U   A 1 2  ? -4.84009  1.32712   -13.36928 0.250 13.11320 ? 1   U   A C5    1 
ATOM   148  C  C6    C U   A 1 2  ? -4.91265  2.62581   -13.66472 0.250 12.92045 ? 1   U   A C6    1 
ATOM   149  P  P     D A   A 1 2  ? -0.96827  3.92654   -13.70255 0.250 36.22096 ? 1   A   A P     1 
ATOM   150  O  OP1   D A   A 1 2  ? 0.25467   4.77562   -13.65816 0.250 37.25317 ? 1   A   A OP1   1 
ATOM   151  O  OP2   D A   A 1 2  ? -1.09638  2.75787   -12.78149 0.250 29.20724 ? 1   A   A OP2   1 
ATOM   152  O  "O5'" D A   A 1 2  ? -2.23180  4.87206   -13.45683 0.250 17.06676 ? 1   A   A "O5'" 1 
ATOM   153  C  "C5'" D A   A 1 2  ? -2.38600  6.10551   -14.14878 0.250 15.93912 ? 1   A   A "C5'" 1 
ATOM   154  C  "C4'" D A   A 1 2  ? -3.71230  6.71711   -13.81013 0.250 18.58361 ? 1   A   A "C4'" 1 
ATOM   155  O  "O4'" D A   A 1 2  ? -4.72355  6.16787   -14.69259 0.250 14.70559 ? 1   A   A "O4'" 1 
ATOM   156  C  "C3'" D A   A 1 2  ? -4.22079  6.38281   -12.42063 0.250 16.94809 ? 1   A   A "C3'" 1 
ATOM   157  O  "O3'" D A   A 1 2  ? -3.66176  7.19040   -11.39985 0.250 16.24321 ? 1   A   A "O3'" 1 
ATOM   158  C  "C2'" D A   A 1 2  ? -5.72165  6.51769   -12.58180 0.250 16.18698 ? 1   A   A "C2'" 1 
ATOM   159  O  "O2'" D A   A 1 2  ? -6.11256  7.87802   -12.57466 0.250 14.89308 ? 1   A   A "O2'" 1 
ATOM   160  C  "C1'" D A   A 1 2  ? -5.91714  5.94027   -13.97492 0.250 12.38839 ? 1   A   A "C1'" 1 
ATOM   161  N  N9    D A   A 1 2  ? -6.12409  4.48252   -13.89228 0.250 16.91556 ? 1   A   A N9    1 
ATOM   162  C  C8    D A   A 1 2  ? -5.22258  3.48744   -14.17818 0.250 14.51187 ? 1   A   A C8    1 
ATOM   163  N  N7    D A   A 1 2  ? -5.70483  2.27825   -13.99300 0.250 21.11185 ? 1   A   A N7    1 
ATOM   164  C  C5    D A   A 1 2  ? -7.00515  2.48844   -13.54228 0.250 17.84704 ? 1   A   A C5    1 
ATOM   165  C  C6    D A   A 1 2  ? -8.04634  1.61361   -13.17845 0.250 19.57119 ? 1   A   A C6    1 
ATOM   166  N  N6    D A   A 1 2  ? -7.92867  0.29077   -13.18737 0.250 27.42765 ? 1   A   A N6    1 
ATOM   167  N  N1    D A   A 1 2  ? -9.21852  2.13955   -12.77245 0.250 15.12077 ? 1   A   A N1    1 
ATOM   168  C  C2    D A   A 1 2  ? -9.33371  3.47318   -12.76455 0.250 20.37071 ? 1   A   A C2    1 
ATOM   169  N  N3    D A   A 1 2  ? -8.43802  4.39659   -13.10458 0.250 14.38694 ? 1   A   A N3    1 
ATOM   170  C  C4    D A   A 1 2  ? -7.27444  3.84099   -13.48265 0.250 17.99547 ? 1   A   A C4    1 
ATOM   171  O  "O5'" A G   A 1 3  ? -5.25380  6.62215   -9.05601  0.250 20.27151 ? 2   G   A "O5'" 1 
ATOM   172  C  "C5'" A G   A 1 3  ? -6.39296  7.43101   -9.32270  0.250 24.64915 ? 2   G   A "C5'" 1 
ATOM   173  C  "C4'" A G   A 1 3  ? -7.68816  6.66962   -9.14894  0.250 27.13598 ? 2   G   A "C4'" 1 
ATOM   174  O  "O4'" A G   A 1 3  ? -7.62548  5.37241   -9.81082  0.250 24.86220 ? 2   G   A "O4'" 1 
ATOM   175  C  "C3'" A G   A 1 3  ? -8.05363  6.33198   -7.71315  0.250 24.49688 ? 2   G   A "C3'" 1 
ATOM   176  O  "O3'" A G   A 1 3  ? -8.60888  7.41531   -7.00460  0.250 29.37885 ? 2   G   A "O3'" 1 
ATOM   177  C  "C2'" A G   A 1 3  ? -8.98004  5.13629   -7.87538  0.250 17.79036 ? 2   G   A "C2'" 1 
ATOM   178  O  "O2'" A G   A 1 3  ? -10.28179 5.55393   -8.28791  0.250 19.67630 ? 2   G   A "O2'" 1 
ATOM   179  C  "C1'" A G   A 1 3  ? -8.28546  4.39663   -9.02358  0.250 24.90777 ? 2   G   A "C1'" 1 
ATOM   180  N  N9    A G   A 1 3  ? -7.26348  3.44801   -8.51856  0.250 27.57208 ? 2   G   A N9    1 
ATOM   181  C  C8    A G   A 1 3  ? -6.40059  3.65758   -7.45774  0.250 30.34906 ? 2   G   A C8    1 
ATOM   182  N  N7    A G   A 1 3  ? -5.58939  2.66719   -7.20763  0.250 25.87364 ? 2   G   A N7    1 
ATOM   183  C  C5    A G   A 1 3  ? -5.91457  1.72241   -8.17359  0.250 29.63858 ? 2   G   A C5    1 
ATOM   184  C  C6    A G   A 1 3  ? -5.36108  0.42943   -8.40783  0.250 34.74765 ? 2   G   A C6    1 
ATOM   185  O  O6    A G   A 1 3  ? -4.45151  -0.13597  -7.77633  0.250 35.41919 ? 2   G   A O6    1 
ATOM   186  N  N1    A G   A 1 3  ? -5.96867  -0.20588  -9.49820  0.250 11.88129 ? 2   G   A N1    1 
ATOM   187  C  C2    A G   A 1 3  ? -6.98789  0.35528   -10.23338 0.250 19.85002 ? 2   G   A C2    1 
ATOM   188  N  N2    A G   A 1 3  ? -7.48075  -0.40177  -11.21739 0.250 32.34763 ? 2   G   A N2    1 
ATOM   189  N  N3    A G   A 1 3  ? -7.51865  1.54719   -10.02511 0.250 23.36299 ? 2   G   A N3    1 
ATOM   190  C  C4    A G   A 1 3  ? -6.93899  2.18576   -8.98839  0.250 29.58178 ? 2   G   A C4    1 
HETATM 191  P  P     B CBV A 1 3  ? -4.21976  6.89787   -9.95547  0.250 11.09441 ? 2   CBV A P     1 
HETATM 192  O  O1P   B CBV A 1 3  ? -3.68232  8.19591   -9.35011  0.250 9.45179  ? 2   CBV A O1P   1 
HETATM 193  O  O2P   B CBV A 1 3  ? -3.59013  5.61517   -9.55611  0.250 15.73519 ? 2   CBV A O2P   1 
HETATM 194  O  "O5'" B CBV A 1 3  ? -5.77399  6.77020   -9.63938  0.250 17.20003 ? 2   CBV A "O5'" 1 
HETATM 195  C  "C5'" B CBV A 1 3  ? -6.64562  7.89319   -9.58345  0.250 10.94765 ? 2   CBV A "C5'" 1 
HETATM 196  C  "C4'" B CBV A 1 3  ? -8.03799  7.43276   -9.22783  0.250 17.67865 ? 2   CBV A "C4'" 1 
HETATM 197  O  "O4'" B CBV A 1 3  ? -8.48357  6.39515   -10.15278 0.250 21.47370 ? 2   CBV A "O4'" 1 
HETATM 198  C  "C3'" B CBV A 1 3  ? -8.18818  6.75856   -7.87305  0.250 27.51713 ? 2   CBV A "C3'" 1 
HETATM 199  O  "O3'" B CBV A 1 3  ? -8.15351  7.63014   -6.77080  0.250 25.80608 ? 2   CBV A "O3'" 1 
HETATM 200  C  "C2'" B CBV A 1 3  ? -9.49199  6.00668   -8.04267  0.250 15.70888 ? 2   CBV A "C2'" 1 
HETATM 201  O  "O2'" B CBV A 1 3  ? -10.58612 6.90705   -8.04672  0.250 17.88428 ? 2   CBV A "O2'" 1 
HETATM 202  C  "C1'" B CBV A 1 3  ? -9.30012  5.46268   -9.45976  0.250 14.58062 ? 2   CBV A "C1'" 1 
HETATM 203  N  N1    B CBV A 1 3  ? -8.58706  4.17136   -9.41502  0.250 20.53734 ? 2   CBV A N1    1 
HETATM 204  C  C2    B CBV A 1 3  ? -9.27097  3.08683   -9.00191  0.250 18.01959 ? 2   CBV A C2    1 
HETATM 205  O  O2    B CBV A 1 3  ? -10.46958 3.17882   -8.68843  0.250 11.29444 ? 2   CBV A O2    1 
HETATM 206  N  N3    B CBV A 1 3  ? -8.61099  1.85430   -8.92846  0.250 16.33376 ? 2   CBV A N3    1 
HETATM 207  C  C4    B CBV A 1 3  ? -7.24492  1.78358   -9.27889  0.250 24.80940 ? 2   CBV A C4    1 
HETATM 208  N  N4    B CBV A 1 3  ? -6.54556  0.65773   -9.24832  0.250 14.64082 ? 2   CBV A N4    1 
HETATM 209  C  C5    B CBV A 1 3  ? -6.53508  2.90915   -9.67794  0.250 14.44810 ? 2   CBV A C5    1 
HETATM 210  C  C6    B CBV A 1 3  ? -7.21541  4.10874   -9.74627  0.250 19.10206 ? 2   CBV A C6    1 
HETATM 211  BR BR    B CBV A 1 3  ? -4.70068  2.76581   -10.11935 0.250 29.87171 ? 2   CBV A BR    1 
HETATM 212  P  P     C TFT A 1 3  ? -4.74899  7.70800   -10.06310 0.250 21.08225 ? 2   TFT A P     1 
HETATM 213  O  OP1   C TFT A 1 3  ? -4.59539  8.98583   -9.33674  0.250 28.87932 ? 2   TFT A OP1   1 
HETATM 214  O  OP2   C TFT A 1 3  ? -3.54162  6.91074   -10.35999 0.250 18.28270 ? 2   TFT A OP2   1 
HETATM 215  O  O3T   C TFT A 1 3  ? -5.80618  6.86292   -9.23398  0.250 24.13217 ? 2   TFT A O3T   1 
HETATM 216  N  N1    C TFT A 1 3  ? -8.55146  4.62161   -9.11394  0.250 26.24971 ? 2   TFT A N1    1 
HETATM 217  C  C6    C TFT A 1 3  ? -7.30590  4.05895   -9.40208  0.250 19.47234 ? 2   TFT A C6    1 
HETATM 218  C  C2    C TFT A 1 3  ? -9.62942  3.86026   -8.84349  0.250 25.86068 ? 2   TFT A C2    1 
HETATM 219  O  O2    C TFT A 1 3  ? -10.72500 4.37960   -8.59765  0.250 22.25639 ? 2   TFT A O2    1 
HETATM 220  N  N3    C TFT A 1 3  ? -9.50784  2.46345   -8.86289  0.250 16.50249 ? 2   TFT A N3    1 
HETATM 221  C  C4    C TFT A 1 3  ? -8.27862  1.88507   -9.15893  0.250 16.26623 ? 2   TFT A C4    1 
HETATM 222  O  O4    C TFT A 1 3  ? -8.15052  0.66614   -9.17519  0.250 15.43558 ? 2   TFT A O4    1 
HETATM 223  C  C5    C TFT A 1 3  ? -7.18348  2.68410   -9.42560  0.250 20.55118 ? 2   TFT A C5    1 
HETATM 224  C  C5M   C TFT A 1 3  ? -5.84244  2.01170   -9.73080  0.250 15.65122 ? 2   TFT A C5M   1 
HETATM 225  C  C2T   C TFT A 1 3  ? -7.87717  6.72233   -7.92434  0.250 28.64662 ? 2   TFT A C2T   1 
HETATM 226  C  C4T   C TFT A 1 3  ? -7.75947  7.99443   -9.80506  0.250 14.11313 ? 2   TFT A C4T   1 
HETATM 227  O  O4T   C TFT A 1 3  ? -8.01734  6.63051   -10.24259 0.250 17.18957 ? 2   TFT A O4T   1 
HETATM 228  C  C1T   C TFT A 1 3  ? -8.65301  6.08597   -9.08821  0.250 25.45639 ? 2   TFT A C1T   1 
HETATM 229  C  C3T   C TFT A 1 3  ? -6.88850  7.60819   -8.66427  0.250 25.35796 ? 2   TFT A C3T   1 
HETATM 230  O  O2T   C TFT A 1 3  ? -8.79163  7.58243   -7.25529  0.250 32.35066 ? 2   TFT A O2T   1 
ATOM   231  P  P     D U   A 1 3  ? -3.42225  6.54982   -9.94700  0.250 21.37391 ? 2   U   A P     1 
ATOM   232  O  OP1   D U   A 1 3  ? -3.03083  7.64640   -9.02954  0.250 27.67451 ? 2   U   A OP1   1 
ATOM   233  O  OP2   D U   A 1 3  ? -2.52783  5.37352   -10.09443 0.250 27.93655 ? 2   U   A OP2   1 
ATOM   234  O  "O5'" D U   A 1 3  ? -4.87737  6.05292   -9.51908  0.250 17.89204 ? 2   U   A "O5'" 1 
ATOM   235  C  "C5'" D U   A 1 3  ? -5.83731  6.96492   -8.97743  0.250 25.82091 ? 2   U   A "C5'" 1 
ATOM   236  C  "C4'" D U   A 1 3  ? -7.21503  6.81925   -9.60020  0.250 14.43994 ? 2   U   A "C4'" 1 
ATOM   237  O  "O4'" D U   A 1 3  ? -7.33040  5.53869   -10.27865 0.250 19.96752 ? 2   U   A "O4'" 1 
ATOM   238  C  "C3'" D U   A 1 3  ? -8.39061  6.88778   -8.63427  0.250 36.80073 ? 2   U   A "C3'" 1 
ATOM   239  O  "O3'" D U   A 1 3  ? -9.51859  7.45348   -9.30384  0.250 35.79291 ? 2   U   A "O3'" 1 
ATOM   240  C  "C2'" D U   A 1 3  ? -8.66013  5.41522   -8.33504  0.250 24.44963 ? 2   U   A "C2'" 1 
ATOM   241  O  "O2'" D U   A 1 3  ? -9.98036  5.13942   -7.91218  0.250 27.56245 ? 2   U   A "O2'" 1 
ATOM   242  C  "C1'" D U   A 1 3  ? -8.34972  4.75983   -9.68199  0.250 19.85361 ? 2   U   A "C1'" 1 
ATOM   243  N  N1    D U   A 1 3  ? -7.85344  3.37213   -9.60026  0.250 16.54806 ? 2   U   A N1    1 
ATOM   244  C  C2    D U   A 1 3  ? -8.70184  2.36534   -9.17001  0.250 14.20628 ? 2   U   A C2    1 
ATOM   245  O  O2    D U   A 1 3  ? -9.84540  2.55703   -8.80528  0.250 23.51782 ? 2   U   A O2    1 
ATOM   246  N  N3    D U   A 1 3  ? -8.15769  1.10463   -9.14948  0.250 15.97019 ? 2   U   A N3    1 
ATOM   247  C  C4    D U   A 1 3  ? -6.88528  0.72933   -9.52822  0.250 14.66253 ? 2   U   A C4    1 
ATOM   248  O  O4    D U   A 1 3  ? -6.56181  -0.46567  -9.46215  0.250 18.67563 ? 2   U   A O4    1 
ATOM   249  C  C5    D U   A 1 3  ? -6.07165  1.81932   -9.97159  0.250 16.44834 ? 2   U   A C5    1 
ATOM   250  C  C6    D U   A 1 3  ? -6.56497  3.07251   -9.98856  0.250 16.40502 ? 2   U   A C6    1 
ATOM   251  P  P     A A   A 1 4  ? -8.03060  7.72829   -5.55385  0.250 28.71216 ? 3   A   A P     1 
ATOM   252  O  OP1   A A   A 1 4  ? -8.22133  9.17219   -5.23879  0.250 34.21665 ? 3   A   A OP1   1 
ATOM   253  O  OP2   A A   A 1 4  ? -6.65349  7.12701   -5.58291  0.250 11.62629 ? 3   A   A OP2   1 
ATOM   254  O  "O5'" A A   A 1 4  ? -8.94557  6.83071   -4.60156  0.250 28.80551 ? 3   A   A "O5'" 1 
ATOM   255  C  "C5'" A A   A 1 4  ? -10.35762 6.83791   -4.75189  0.250 32.48855 ? 3   A   A "C5'" 1 
ATOM   256  C  "C4'" A A   A 1 4  ? -11.02572 5.61197   -4.16974  0.250 22.00657 ? 3   A   A "C4'" 1 
ATOM   257  O  "O4'" A A   A 1 4  ? -11.10222 4.53442   -5.13789  0.250 15.64754 ? 3   A   A "O4'" 1 
ATOM   258  C  "C3'" A A   A 1 4  ? -10.36665 4.95139   -2.98148  0.250 23.52369 ? 3   A   A "C3'" 1 
ATOM   259  O  "O3'" A A   A 1 4  ? -10.54421 5.66305   -1.78510  0.250 15.03688 ? 3   A   A "O3'" 1 
ATOM   260  C  "C2'" A A   A 1 4  ? -11.04788 3.59606   -2.97735  0.250 11.91136 ? 3   A   A "C2'" 1 
ATOM   261  O  "O2'" A A   A 1 4  ? -12.39529 3.73939   -2.55755  0.250 9.87455  ? 3   A   A "O2'" 1 
ATOM   262  C  "C1'" A A   A 1 4  ? -11.06441 3.28960   -4.46353  0.250 12.89121 ? 3   A   A "C1'" 1 
ATOM   263  N  N9    A A   A 1 4  ? -9.87115  2.52215   -4.87839  0.250 19.04393 ? 3   A   A N9    1 
ATOM   264  C  C8    A A   A 1 4  ? -8.60905  2.96085   -5.19697  0.250 24.26940 ? 3   A   A C8    1 
ATOM   265  N  N7    A A   A 1 4  ? -7.77419  1.98736   -5.51832  0.250 11.58294 ? 3   A   A N7    1 
ATOM   266  C  C5    A A   A 1 4  ? -8.54028  0.83115   -5.40722  0.250 15.17318 ? 3   A   A C5    1 
ATOM   267  C  C6    A A   A 1 4  ? -8.23615  -0.52808  -5.62394  0.250 14.73611 ? 3   A   A C6    1 
ATOM   268  N  N6    A A   A 1 4  ? -7.04385  -0.98143  -6.02451  0.250 13.25256 ? 3   A   A N6    1 
ATOM   269  N  N1    A A   A 1 4  ? -9.24213  -1.40077  -5.40508  0.250 26.85620 ? 3   A   A N1    1 
ATOM   270  C  C2    A A   A 1 4  ? -10.43833 -0.94248  -5.01432  0.250 26.69759 ? 3   A   A C2    1 
ATOM   271  N  N3    A A   A 1 4  ? -10.84372 0.30294   -4.78518  0.250 19.34330 ? 3   A   A N3    1 
ATOM   272  C  C4    A A   A 1 4  ? -9.83003  1.15537   -5.00105  0.250 21.75046 ? 3   A   A C4    1 
ATOM   273  P  P     B G   A 1 4  ? -7.71394  7.05942   -5.34477  0.250 13.12424 ? 3   G   A P     1 
ATOM   274  O  OP1   B G   A 1 4  ? -7.63229  8.28599   -4.50902  0.250 28.49404 ? 3   G   A OP1   1 
ATOM   275  O  OP2   B G   A 1 4  ? -6.51470  6.18924   -5.43889  0.250 17.50273 ? 3   G   A OP2   1 
ATOM   276  O  "O5'" B G   A 1 4  ? -8.95547  6.18352   -4.84134  0.250 18.01939 ? 3   G   A "O5'" 1 
ATOM   277  C  "C5'" B G   A 1 4  ? -10.25264 6.75766   -4.69823  0.250 32.05303 ? 3   G   A "C5'" 1 
ATOM   278  C  "C4'" B G   A 1 4  ? -11.31735 5.69158   -4.59228  0.250 25.33724 ? 3   G   A "C4'" 1 
ATOM   279  O  "O4'" B G   A 1 4  ? -11.09318 4.70068   -5.61219  0.250 31.10109 ? 3   G   A "O4'" 1 
ATOM   280  C  "C3'" B G   A 1 4  ? -11.32119 4.93220   -3.27973  0.250 27.97557 ? 3   G   A "C3'" 1 
ATOM   281  O  "O3'" B G   A 1 4  ? -12.21009 5.51829   -2.34319  0.250 36.50736 ? 3   G   A "O3'" 1 
ATOM   282  C  "C2'" B G   A 1 4  ? -11.68253 3.49917   -3.64095  0.250 18.26301 ? 3   G   A "C2'" 1 
ATOM   283  O  "O2'" B G   A 1 4  ? -13.08055 3.28758   -3.56193  0.250 27.20793 ? 3   G   A "O2'" 1 
ATOM   284  C  "C1'" B G   A 1 4  ? -11.24979 3.40420   -5.09981  0.250 19.63906 ? 3   G   A "C1'" 1 
ATOM   285  N  N9    B G   A 1 4  ? -9.98197  2.68840   -5.31060  0.250 20.85879 ? 3   G   A N9    1 
ATOM   286  C  C8    B G   A 1 4  ? -8.82176  3.20258   -5.83405  0.250 23.12812 ? 3   G   A C8    1 
ATOM   287  N  N7    B G   A 1 4  ? -7.87002  2.31009   -5.95400  0.250 25.04048 ? 3   G   A N7    1 
ATOM   288  C  C5    B G   A 1 4  ? -8.45436  1.13796   -5.48694  0.250 20.75050 ? 3   G   A C5    1 
ATOM   289  C  C6    B G   A 1 4  ? -7.91982  -0.16814  -5.36533  0.250 19.19349 ? 3   G   A C6    1 
ATOM   290  O  O6    B G   A 1 4  ? -6.78366  -0.55721  -5.65806  0.250 23.56235 ? 3   G   A O6    1 
ATOM   291  N  N1    B G   A 1 4  ? -8.87275  -1.03859  -4.84178  0.250 17.58540 ? 3   G   A N1    1 
ATOM   292  C  C2    B G   A 1 4  ? -10.16080 -0.69600  -4.48507  0.250 16.90942 ? 3   G   A C2    1 
ATOM   293  N  N2    B G   A 1 4  ? -10.95895 -1.65521  -3.99882  0.250 13.51225 ? 3   G   A N2    1 
ATOM   294  N  N3    B G   A 1 4  ? -10.66817 0.51092   -4.59209  0.250 20.00144 ? 3   G   A N3    1 
ATOM   295  C  C4    B G   A 1 4  ? -9.76157  1.36327   -5.09388  0.250 22.14766 ? 3   G   A C4    1 
ATOM   296  P  P     C C   A 1 4  ? -7.99968  7.97013   -4.49869  0.250 38.34425 ? 3   C   A P     1 
ATOM   297  O  OP1   C C   A 1 4  ? -9.04795  8.89753   -4.99159  0.250 24.05634 ? 3   C   A OP1   1 
ATOM   298  O  OP2   C C   A 1 4  ? -6.67059  7.95449   -5.17702  0.250 24.69917 ? 3   C   A OP2   1 
ATOM   299  O  "O5'" C C   A 1 4  ? -8.66229  6.51688   -4.53036  0.250 29.34595 ? 3   C   A "O5'" 1 
ATOM   300  C  "C5'" C C   A 1 4  ? -10.07227 6.39084   -4.65761  0.250 29.49355 ? 3   C   A "C5'" 1 
ATOM   301  C  "C4'" C C   A 1 4  ? -10.59024 5.04085   -4.22618  0.250 27.72537 ? 3   C   A "C4'" 1 
ATOM   302  O  "O4'" C C   A 1 4  ? -10.47197 4.07633   -5.30455  0.250 17.71897 ? 3   C   A "O4'" 1 
ATOM   303  C  "C3'" C C   A 1 4  ? -9.87017  4.36775   -3.07690  0.250 21.19144 ? 3   C   A "C3'" 1 
ATOM   304  O  "O3'" C C   A 1 4  ? -10.17570 4.91658   -1.81402  0.250 18.08464 ? 3   C   A "O3'" 1 
ATOM   305  C  "C2'" C C   A 1 4  ? -10.29434 2.91886   -3.25628  0.250 20.50875 ? 3   C   A "C2'" 1 
ATOM   306  O  "O2'" C C   A 1 4  ? -11.66029 2.75922   -2.90006  0.250 20.80232 ? 3   C   A "O2'" 1 
ATOM   307  C  "C1'" C C   A 1 4  ? -10.20410 2.79493   -4.77049  0.250 25.46088 ? 3   C   A "C1'" 1 
ATOM   308  N  N1    C C   A 1 4  ? -8.85180  2.38072   -5.21723  0.250 22.65456 ? 3   C   A N1    1 
ATOM   309  C  C2    C C   A 1 4  ? -8.51002  1.01631   -5.27754  0.250 18.78615 ? 3   C   A C2    1 
ATOM   310  O  O2    C C   A 1 4  ? -9.34481  0.16549   -4.94674  0.250 16.04468 ? 3   C   A O2    1 
ATOM   311  N  N3    C C   A 1 4  ? -7.27143  0.65874   -5.70252  0.250 21.91526 ? 3   C   A N3    1 
ATOM   312  C  C4    C C   A 1 4  ? -6.39361  1.60111   -6.05199  0.250 22.78347 ? 3   C   A C4    1 
ATOM   313  N  N4    C C   A 1 4  ? -5.19260  1.21376   -6.45991  0.250 16.62238 ? 3   C   A N4    1 
ATOM   314  C  C5    C C   A 1 4  ? -6.70357  2.98501   -5.99918  0.250 23.87515 ? 3   C   A C5    1 
ATOM   315  C  C6    C C   A 1 4  ? -7.92647  3.32409   -5.58659  0.250 24.58650 ? 3   C   A C6    1 
HETATM 316  P  P     D TFT A 1 4  ? -7.28593  6.37356   -5.35438  0.250 26.98130 ? 3   TFT A P     1 
HETATM 317  O  OP1   D TFT A 1 4  ? -8.09108  7.61522   -5.55844  0.250 27.86553 ? 3   TFT A OP1   1 
HETATM 318  O  OP2   D TFT A 1 4  ? -5.82045  6.45915   -5.25584  0.250 19.44025 ? 3   TFT A OP2   1 
HETATM 319  O  O3T   D TFT A 1 4  ? -7.88665  5.42725   -4.17557  0.250 26.05065 ? 3   TFT A O3T   1 
HETATM 320  N  N1    D TFT A 1 4  ? -8.95903  2.47505   -4.93218  0.250 19.60359 ? 3   TFT A N1    1 
HETATM 321  C  C6    D TFT A 1 4  ? -7.67436  2.86639   -5.36205  0.250 20.28567 ? 3   TFT A C6    1 
HETATM 322  C  C2    D TFT A 1 4  ? -9.32383  1.18577   -4.96923  0.250 24.12396 ? 3   TFT A C2    1 
HETATM 323  O  O2    D TFT A 1 4  ? -10.46098 0.88698   -4.59463  0.250 22.07573 ? 3   TFT A O2    1 
HETATM 324  N  N3    D TFT A 1 4  ? -8.41017  0.20550   -5.42559  0.250 19.00113 ? 3   TFT A N3    1 
HETATM 325  C  C4    D TFT A 1 4  ? -7.11888  0.58953   -5.84974  0.250 20.69621 ? 3   TFT A C4    1 
HETATM 326  O  O4    D TFT A 1 4  ? -6.31508  -0.24517  -6.25631  0.250 13.03058 ? 3   TFT A O4    1 
HETATM 327  C  C5    D TFT A 1 4  ? -6.76064  1.93032   -5.81011  0.250 17.10318 ? 3   TFT A C5    1 
HETATM 328  C  C5M   D TFT A 1 4  ? -5.36543  2.36496   -6.25670  0.250 12.20524 ? 3   TFT A C5M   1 
HETATM 329  C  C2T   D TFT A 1 4  ? -9.74238  4.15634   -3.20393  0.250 19.75733 ? 3   TFT A C2T   1 
HETATM 330  C  C4T   D TFT A 1 4  ? -10.22275 5.69354   -4.70525  0.250 22.63224 ? 3   TFT A C4T   1 
HETATM 331  O  O4T   D TFT A 1 4  ? -9.92498  4.52581   -5.43742  0.250 25.93802 ? 3   TFT A O4T   1 
HETATM 332  C  C1T   D TFT A 1 4  ? -9.97118  3.45439   -4.47922  0.250 22.06096 ? 3   TFT A C1T   1 
HETATM 333  C  C3T   D TFT A 1 4  ? -9.22609  5.50808   -3.62163  0.250 23.24483 ? 3   TFT A C3T   1 
HETATM 334  O  O2T   D TFT A 1 4  ? -11.06813 4.36454   -2.75581  0.250 19.24921 ? 3   TFT A O2T   1 
ATOM   335  P  P     A A   A 1 5  ? -9.38868  5.63489   -0.68565  0.250 18.06458 ? 4   A   A P     1 
ATOM   336  P  P     B A   A 1 5  ? -10.00913 5.25269   -0.53153  0.250 11.75877 ? 4   A   A P     1 
ATOM   337  O  OP1   A A   A 1 5  ? -9.77523  6.56734   0.38335   0.250 14.64552 ? 4   A   A OP1   1 
ATOM   338  O  OP1   B A   A 1 5  ? -10.56037 6.21488   0.42621   0.250 13.12097 ? 4   A   A OP1   1 
ATOM   339  O  OP2   A A   A 1 5  ? -8.06329  5.83382   -1.31569  0.250 25.59057 ? 4   A   A OP2   1 
ATOM   340  O  OP2   B A   A 1 5  ? -8.61111  5.33735   -1.02605  0.250 9.80979  ? 4   A   A OP2   1 
ATOM   341  O  "O5'" A A   A 1 5  ? -9.47902  4.14201   -0.10248  0.250 23.69075 ? 4   A   A "O5'" 1 
ATOM   342  O  "O5'" B A   A 1 5  ? -10.17093 3.75979   -0.05557  0.250 10.14109 ? 4   A   A "O5'" 1 
ATOM   343  C  "C5'" A A   A 1 5  ? -10.63071 3.63254   0.57776   0.250 16.63024 ? 4   A   A "C5'" 1 
ATOM   344  C  "C5'" B A   A 1 5  ? -11.41575 3.28322   0.41032   0.250 9.61435  ? 4   A   A "C5'" 1 
ATOM   345  C  "C4'" A A   A 1 5  ? -10.64394 2.11466   0.61216   0.250 13.94577 ? 4   A   A "C4'" 1 
ATOM   346  C  "C4'" B A   A 1 5  ? -11.41701 1.78090   0.50058   0.250 10.71539 ? 4   A   A "C4'" 1 
ATOM   347  O  "O4'" A A   A 1 5  ? -10.39229 1.60454   -0.72937  0.250 16.82975 ? 4   A   A "O4'" 1 
ATOM   348  O  "O4'" B A   A 1 5  ? -11.00681 1.21787   -0.77595  0.250 10.64274 ? 4   A   A "O4'" 1 
ATOM   349  C  "C3'" A A   A 1 5  ? -9.60208  1.43241   1.50376   0.250 13.98511 ? 4   A   A "C3'" 1 
ATOM   350  C  "C3'" B A   A 1 5  ? -10.42266 1.19732   1.48277   0.250 23.85369 ? 4   A   A "C3'" 1 
ATOM   351  O  "O3'" A A   A 1 5  ? -10.08735 1.21099   2.83090   0.250 11.55934 ? 4   A   A "O3'" 1 
ATOM   352  O  "O3'" B A   A 1 5  ? -10.87895 1.25078   2.82799   0.250 9.43712  ? 4   A   A "O3'" 1 
ATOM   353  C  "C2'" A A   A 1 5  ? -9.29446  0.13441   0.76022   0.250 16.67860 ? 4   A   A "C2'" 1 
ATOM   354  C  "C2'" B A   A 1 5  ? -10.20757 -0.21384  0.94976   0.250 13.75225 ? 4   A   A "C2'" 1 
ATOM   355  O  "O2'" A A   A 1 5  ? -10.27240 -0.84791  1.06311   0.250 17.69420 ? 4   A   A "O2'" 1 
ATOM   356  O  "O2'" B A   A 1 5  ? -11.25445 -1.07099  1.37627   0.250 9.40089  ? 4   A   A "O2'" 1 
ATOM   357  C  "C1'" A A   A 1 5  ? -9.46960  0.54797   -0.69985  0.250 16.63380 ? 4   A   A "C1'" 1 
ATOM   358  C  "C1'" B A   A 1 5  ? -10.32652 0.00061   -0.56764  0.250 7.48670  ? 4   A   A "C1'" 1 
ATOM   359  N  N9    A A   A 1 5  ? -8.22321  1.03760   -1.33989  0.250 15.86973 ? 4   A   A N9    1 
ATOM   360  N  N9    B A   A 1 5  ? -9.01379  0.03948   -1.25541  0.250 10.10849 ? 4   A   A N9    1 
ATOM   361  C  C8    A A   A 1 5  ? -7.92368  2.36233   -1.50869  0.250 34.29270 ? 4   A   A C8    1 
ATOM   362  C  C8    B A   A 1 5  ? -8.30166  1.12822   -1.70470  0.250 15.58115 ? 4   A   A C8    1 
ATOM   363  N  N7    A A   A 1 5  ? -6.79368  2.62117   -2.10572  0.250 32.43904 ? 4   A   A N7    1 
ATOM   364  N  N7    B A   A 1 5  ? -7.17764  0.82564   -2.28673  0.250 11.30162 ? 4   A   A N7    1 
ATOM   365  C  C5    A A   A 1 5  ? -6.30907  1.36042   -2.37194  0.250 30.51004 ? 4   A   A C5    1 
ATOM   366  C  C5    B A   A 1 5  ? -7.12809  -0.57063  -2.25048  0.250 16.84851 ? 4   A   A C5    1 
ATOM   367  C  C6    A A   A 1 5  ? -5.12240  0.97739   -2.99573  0.250 24.39757 ? 4   A   A C6    1 
ATOM   368  C  C6    B A   A 1 5  ? -6.20330  -1.54830  -2.70710  0.250 16.06711 ? 4   A   A C6    1 
ATOM   369  N  N6    A A   A 1 5  ? -4.25512  1.86427   -3.44844  0.250 18.31437 ? 4   A   A N6    1 
ATOM   370  N  N6    B A   A 1 5  ? -5.05584  -1.29593  -3.33643  0.250 8.33252  ? 4   A   A N6    1 
ATOM   371  N  N1    A A   A 1 5  ? -4.88246  -0.34118  -3.13570  0.250 27.73505 ? 4   A   A N1    1 
ATOM   372  N  N1    B A   A 1 5  ? -6.48886  -2.85932  -2.49448  0.250 8.81590  ? 4   A   A N1    1 
ATOM   373  C  C2    A A   A 1 5  ? -5.79867  -1.19431  -2.66386  0.250 14.89333 ? 4   A   A C2    1 
ATOM   374  C  C2    B A   A 1 5  ? -7.61062  -3.16153  -1.85519  0.250 7.45675  ? 4   A   A C2    1 
ATOM   375  N  N3    A A   A 1 5  ? -6.95102  -0.95107  -2.03977  0.250 13.93604 ? 4   A   A N3    1 
ATOM   376  N  N3    B A   A 1 5  ? -8.56865  -2.34803  -1.41447  0.250 11.39538 ? 4   A   A N3    1 
ATOM   377  C  C4    A A   A 1 5  ? -7.16474  0.37194   -1.91991  0.250 14.49616 ? 4   A   A C4    1 
ATOM   378  C  C4    B A   A 1 5  ? -8.25762  -1.05868  -1.60847  0.250 9.25823  ? 4   A   A C4    1 
ATOM   379  P  P     C G   A 1 5  ? -9.17940  4.65597   -0.59162  0.250 13.75158 ? 4   G   A P     1 
ATOM   380  O  OP1   C G   A 1 5  ? -9.59288  5.63186   0.44659   0.250 21.79116 ? 4   G   A OP1   1 
ATOM   381  O  OP2   C G   A 1 5  ? -7.76754  4.76901   -1.03417  0.250 15.53204 ? 4   G   A OP2   1 
ATOM   382  O  "O5'" C G   A 1 5  ? -9.55668  3.17786   -0.10759  0.250 15.79677 ? 4   G   A "O5'" 1 
ATOM   383  C  "C5'" C G   A 1 5  ? -10.65457 2.97059   0.78241   0.250 17.10326 ? 4   G   A "C5'" 1 
ATOM   384  C  "C4'" C G   A 1 5  ? -10.92325 1.50674   1.04732   0.250 9.85155  ? 4   G   A "C4'" 1 
ATOM   385  O  "O4'" C G   A 1 5  ? -10.94422 0.76116   -0.20202  0.250 14.40241 ? 4   G   A "O4'" 1 
ATOM   386  C  "C3'" C G   A 1 5  ? -9.88863  0.77051   1.89102   0.250 11.06528 ? 4   G   A "C3'" 1 
ATOM   387  O  "O3'" C G   A 1 5  ? -10.01242 1.02027   3.29190   0.250 11.93586 ? 4   G   A "O3'" 1 
ATOM   388  C  "C2'" C G   A 1 5  ? -10.13133 -0.67910  1.48858   0.250 16.71387 ? 4   G   A "C2'" 1 
ATOM   389  O  "O2'" C G   A 1 5  ? -11.31558 -1.17914  2.09702   0.250 16.58066 ? 4   G   A "O2'" 1 
ATOM   390  C  "C1'" C G   A 1 5  ? -10.40063 -0.52472  -0.00630  0.250 15.40354 ? 4   G   A "C1'" 1 
ATOM   391  N  N9    C G   A 1 5  ? -9.16084  -0.62457  -0.79839  0.250 19.80193 ? 4   G   A N9    1 
ATOM   392  C  C8    C G   A 1 5  ? -8.42128  0.39621   -1.33704  0.250 13.24089 ? 4   G   A C8    1 
ATOM   393  N  N7    C G   A 1 5  ? -7.37511  -0.01976  -1.99166  0.250 21.06768 ? 4   G   A N7    1 
ATOM   394  C  C5    C G   A 1 5  ? -7.43520  -1.40438  -1.86878  0.250 14.19352 ? 4   G   A C5    1 
ATOM   395  C  C6    C G   A 1 5  ? -6.58245  -2.40670  -2.37295  0.250 18.38958 ? 4   G   A C6    1 
ATOM   396  O  O6    C G   A 1 5  ? -5.55195  -2.27320  -3.03785  0.250 20.66863 ? 4   G   A O6    1 
ATOM   397  N  N1    C G   A 1 5  ? -7.01871  -3.66955  -2.01652  0.250 18.84039 ? 4   G   A N1    1 
ATOM   398  C  C2    C G   A 1 5  ? -8.13923  -3.95270  -1.27936  0.250 17.52281 ? 4   G   A C2    1 
ATOM   399  N  N2    C G   A 1 5  ? -8.40980  -5.24488  -1.02236  0.250 17.41848 ? 4   G   A N2    1 
ATOM   400  N  N3    C G   A 1 5  ? -8.94480  -3.02371  -0.81262  0.250 17.38554 ? 4   G   A N3    1 
ATOM   401  C  C4    C G   A 1 5  ? -8.52894  -1.78603  -1.14876  0.250 13.25835 ? 4   G   A C4    1 
ATOM   402  P  P     D C   A 1 5  ? -8.20056  4.21352   -0.16613  0.250 30.62979 ? 4   C   A P     1 
ATOM   403  O  OP1   D C   A 1 5  ? -8.68725  5.59992   -0.38853  0.250 20.95699 ? 4   C   A OP1   1 
ATOM   404  O  OP2   D C   A 1 5  ? -6.89505  4.00373   0.52485   0.250 29.47812 ? 4   C   A OP2   1 
ATOM   405  O  "O5'" D C   A 1 5  ? -9.34627  3.37821   0.56860   0.250 17.04664 ? 4   C   A "O5'" 1 
ATOM   406  C  "C5'" D C   A 1 5  ? -10.56584 3.07006   -0.10391  0.250 17.45515 ? 4   C   A "C5'" 1 
ATOM   407  C  "C4'" D C   A 1 5  ? -11.06722 1.70585   0.27850   0.250 21.52924 ? 4   C   A "C4'" 1 
ATOM   408  O  "O4'" D C   A 1 5  ? -11.11869 0.80859   -0.87015  0.250 17.54203 ? 4   C   A "O4'" 1 
ATOM   409  C  "C3'" D C   A 1 5  ? -10.17821 0.98032   1.24867   0.250 6.65268  ? 4   C   A "C3'" 1 
ATOM   410  O  "O3'" D C   A 1 5  ? -10.30390 1.50587   2.55352   0.250 16.91226 ? 4   C   A "O3'" 1 
ATOM   411  C  "C2'" D C   A 1 5  ? -10.62101 -0.46228  1.05531   0.250 11.39223 ? 4   C   A "C2'" 1 
ATOM   412  O  "O2'" D C   A 1 5  ? -11.88013 -0.71214  1.64857   0.250 13.00652 ? 4   C   A "O2'" 1 
ATOM   413  C  "C1'" D C   A 1 5  ? -10.79535 -0.50125  -0.46399  0.250 11.95897 ? 4   C   A "C1'" 1 
ATOM   414  N  N1    D C   A 1 5  ? -9.52798  -0.87970  -1.13221  0.250 13.95162 ? 4   C   A N1    1 
ATOM   415  C  C2    D C   A 1 5  ? -9.10379  -2.21518  -1.12874  0.250 16.58519 ? 4   C   A C2    1 
ATOM   416  O  O2    D C   A 1 5  ? -9.81799  -3.06872  -0.55010  0.250 19.50618 ? 4   C   A O2    1 
ATOM   417  N  N3    D C   A 1 5  ? -7.92473  -2.52910  -1.72885  0.250 16.78732 ? 4   C   A N3    1 
ATOM   418  C  C4    D C   A 1 5  ? -7.18497  -1.58733  -2.31449  0.250 22.49165 ? 4   C   A C4    1 
ATOM   419  N  N4    D C   A 1 5  ? -6.03470  -1.93006  -2.90452  0.250 17.59478 ? 4   C   A N4    1 
ATOM   420  C  C5    D C   A 1 5  ? -7.59698  -0.22568  -2.33517  0.250 20.95272 ? 4   C   A C5    1 
ATOM   421  C  C6    D C   A 1 5  ? -8.75365  0.07263   -1.73611  0.250 19.37402 ? 4   C   A C6    1 
ATOM   422  P  P     A U   A 1 6  ? -9.07158  1.05945   4.06096   0.250 6.16580  ? 5   U   A P     1 
ATOM   423  O  OP1   A U   A 1 6  ? -9.73373  1.16168   5.36887   0.250 9.89119  ? 5   U   A OP1   1 
ATOM   424  O  OP2   A U   A 1 6  ? -8.09746  2.10505   3.73144   0.250 12.86643 ? 5   U   A OP2   1 
ATOM   425  O  "O5'" A U   A 1 6  ? -8.47495  -0.39919  3.87155   0.250 15.67781 ? 5   U   A "O5'" 1 
ATOM   426  C  "C5'" A U   A 1 6  ? -9.32865  -1.51660  4.03215   0.250 9.62187  ? 5   U   A "C5'" 1 
ATOM   427  C  "C4'" A U   A 1 6  ? -8.69406  -2.80958  3.59023   0.250 13.88328 ? 5   U   A "C4'" 1 
ATOM   428  O  "O4'" A U   A 1 6  ? -8.41422  -2.80806  2.17077   0.250 16.44657 ? 5   U   A "O4'" 1 
ATOM   429  C  "C3'" A U   A 1 6  ? -7.37218  -3.16899  4.21602   0.250 14.65271 ? 5   U   A "C3'" 1 
ATOM   430  O  "O3'" A U   A 1 6  ? -7.55847  -3.67384  5.51544   0.250 24.78922 ? 5   U   A "O3'" 1 
ATOM   431  C  "C2'" A U   A 1 6  ? -6.85446  -4.22342  3.25849   0.250 10.98870 ? 5   U   A "C2'" 1 
ATOM   432  O  "O2'" A U   A 1 6  ? -7.55415  -5.43605  3.48149   0.250 19.03248 ? 5   U   A "O2'" 1 
ATOM   433  C  "C1'" A U   A 1 6  ? -7.31514  -3.65541  1.91297   0.250 13.51713 ? 5   U   A "C1'" 1 
ATOM   434  N  N1    A U   A 1 6  ? -6.24884  -2.85851  1.27306   0.250 19.79048 ? 5   U   A N1    1 
ATOM   435  C  C2    A U   A 1 6  ? -5.15979  -3.52425  0.75027   0.250 8.35987  ? 5   U   A C2    1 
ATOM   436  O  O2    A U   A 1 6  ? -5.03602  -4.74086  0.75220   0.250 19.62968 ? 5   U   A O2    1 
ATOM   437  N  N3    A U   A 1 6  ? -4.20855  -2.69334  0.21213   0.250 20.57239 ? 5   U   A N3    1 
ATOM   438  C  C4    A U   A 1 6  ? -4.23113  -1.31294  0.14935   0.250 20.09983 ? 5   U   A C4    1 
ATOM   439  O  O4    A U   A 1 6  ? -3.28797  -0.70961  -0.37179  0.250 21.58587 ? 5   U   A O4    1 
ATOM   440  C  C5    A U   A 1 6  ? -5.38672  -0.71729  0.71867   0.250 21.46449 ? 5   U   A C5    1 
ATOM   441  C  C6    A U   A 1 6  ? -6.32694  -1.49303  1.24944   0.250 22.02441 ? 5   U   A C6    1 
ATOM   442  P  P     B A   A 1 6  ? -7.98227  1.23077   3.73219   0.250 25.32125 ? 5   A   A P     1 
ATOM   443  O  OP1   B A   A 1 6  ? -6.68520  1.72408   3.19942   0.250 34.42696 ? 5   A   A OP1   1 
ATOM   444  O  OP2   B A   A 1 6  ? -8.65364  1.95204   4.84094   0.250 19.81057 ? 5   A   A OP2   1 
ATOM   445  O  "O5'" B A   A 1 6  ? -7.78572  -0.25100  4.26794   0.250 20.53708 ? 5   A   A "O5'" 1 
ATOM   446  C  "C5'" B A   A 1 6  ? -8.86049  -0.96068  4.86899   0.250 19.50117 ? 5   A   A "C5'" 1 
ATOM   447  C  "C4'" B A   A 1 6  ? -8.73105  -2.43303  4.60210   0.250 19.32645 ? 5   A   A "C4'" 1 
ATOM   448  O  "O4'" B A   A 1 6  ? -8.89153  -2.69010  3.18308   0.250 21.61007 ? 5   A   A "O4'" 1 
ATOM   449  C  "C3'" B A   A 1 6  ? -7.36865  -3.01052  4.91462   0.250 14.85313 ? 5   A   A "C3'" 1 
ATOM   450  O  "O3'" B A   A 1 6  ? -7.18164  -3.24856  6.28805   0.250 18.52435 ? 5   A   A "O3'" 1 
ATOM   451  C  "C2'" B A   A 1 6  ? -7.32331  -4.23413  4.01562   0.250 8.36875  ? 5   A   A "C2'" 1 
ATOM   452  O  "O2'" B A   A 1 6  ? -8.15938  -5.25281  4.52118   0.250 10.98558 ? 5   A   A "O2'" 1 
ATOM   453  C  "C1'" B A   A 1 6  ? -7.95970  -3.66071  2.76570   0.250 8.23391  ? 5   A   A "C1'" 1 
ATOM   454  N  N9    B A   A 1 6  ? -6.91783  -2.98166  1.98802   0.250 13.50123 ? 5   A   A N9    1 
ATOM   455  C  C8    B A   A 1 6  ? -6.45781  -1.68878  2.03502   0.250 23.18138 ? 5   A   A C8    1 
ATOM   456  N  N7    B A   A 1 6  ? -5.47608  -1.43376  1.19367   0.250 17.08566 ? 5   A   A N7    1 
ATOM   457  C  C5    B A   A 1 6  ? -5.27578  -2.65293  0.58329   0.250 17.46959 ? 5   A   A C5    1 
ATOM   458  C  C6    B A   A 1 6  ? -4.38028  -3.05836  -0.40542  0.250 25.98943 ? 5   A   A C6    1 
ATOM   459  N  N6    B A   A 1 6  ? -3.48073  -2.23715  -0.95405  0.250 16.66574 ? 5   A   A N6    1 
ATOM   460  N  N1    B A   A 1 6  ? -4.45540  -4.34612  -0.79334  0.250 20.09794 ? 5   A   A N1    1 
ATOM   461  C  C2    B A   A 1 6  ? -5.37505  -5.13297  -0.21570  0.250 20.89210 ? 5   A   A C2    1 
ATOM   462  N  N3    B A   A 1 6  ? -6.25806  -4.88664  0.72153   0.250 21.02165 ? 5   A   A N3    1 
ATOM   463  C  C4    B A   A 1 6  ? -6.14941  -3.60333  1.06525   0.250 21.79322 ? 5   A   A C4    1 
HETATM 464  O  "O5'" C CBV A 1 6  ? -8.30866  -0.94171  4.01893   0.250 13.98892 ? 5   CBV A "O5'" 1 
HETATM 465  C  "C5'" C CBV A 1 6  ? -9.29163  -1.83691  4.50727   0.250 13.30998 ? 5   CBV A "C5'" 1 
HETATM 466  C  "C4'" C CBV A 1 6  ? -8.83545  -3.24467  4.29322   0.250 10.82152 ? 5   CBV A "C4'" 1 
HETATM 467  O  "O4'" C CBV A 1 6  ? -8.76675  -3.57455  2.88127   0.250 17.69493 ? 5   CBV A "O4'" 1 
HETATM 468  C  "C3'" C CBV A 1 6  ? -7.43862  -3.52787  4.76427   0.250 19.21216 ? 5   CBV A "C3'" 1 
HETATM 469  O  "O3'" C CBV A 1 6  ? -7.34206  -3.56102  6.15673   0.250 15.60960 ? 5   CBV A "O3'" 1 
HETATM 470  C  "C2'" C CBV A 1 6  ? -7.14447  -4.82669  4.05017   0.250 10.81445 ? 5   CBV A "C2'" 1 
HETATM 471  O  "O2'" C CBV A 1 6  ? -7.93635  -5.86342  4.60840   0.250 13.88629 ? 5   CBV A "O2'" 1 
HETATM 472  C  "C1'" C CBV A 1 6  ? -7.69261  -4.47623  2.66907   0.250 9.68144  ? 5   CBV A "C1'" 1 
HETATM 473  N  N1    C CBV A 1 6  ? -6.64557  -3.78595  1.87364   0.250 14.52406 ? 5   CBV A N1    1 
HETATM 474  C  C2    C CBV A 1 6  ? -5.72668  -4.53753  1.22238   0.250 10.53458 ? 5   CBV A C2    1 
HETATM 475  O  O2    C CBV A 1 6  ? -5.77382  -5.76879  1.26164   0.250 10.63905 ? 5   CBV A O2    1 
HETATM 476  N  N3    C CBV A 1 6  ? -4.72175  -3.93157  0.44856   0.250 13.20425 ? 5   CBV A N3    1 
HETATM 477  C  C4    C CBV A 1 6  ? -4.63430  -2.53836  0.37772   0.250 13.49769 ? 5   CBV A C4    1 
HETATM 478  N  N4    C CBV A 1 6  ? -3.68423  -1.92888  -0.33138  0.250 13.51960 ? 5   CBV A N4    1 
HETATM 479  C  C5    C CBV A 1 6  ? -5.56331  -1.74694  1.03971   0.250 11.67517 ? 5   CBV A C5    1 
HETATM 480  C  C6    C CBV A 1 6  ? -6.56640  -2.37066  1.78835   0.250 13.26784 ? 5   CBV A C6    1 
HETATM 481  BR BR    C CBV A 1 6  ? -5.48784  0.15572   0.97392   0.250 32.38933 ? 5   CBV A BR    1 
ATOM   482  P  P     D G   A 1 6  ? -9.03940  1.50142   3.52473   0.250 12.86302 ? 5   G   A P     1 
ATOM   483  O  OP1   D G   A 1 6  ? -9.56570  1.75660   4.88906   0.250 9.02727  ? 5   G   A OP1   1 
ATOM   484  O  OP2   D G   A 1 6  ? -7.86287  2.14522   2.93562   0.250 11.23237 ? 5   G   A OP2   1 
ATOM   485  O  "O5'" D G   A 1 6  ? -8.61579  -0.03264  3.55379   0.250 14.06422 ? 5   G   A "O5'" 1 
ATOM   486  C  "C5'" D G   A 1 6  ? -9.31337  -0.97680  4.36002   0.250 12.99043 ? 5   G   A "C5'" 1 
ATOM   487  C  "C4'" D G   A 1 6  ? -8.74840  -2.38393  4.26662   0.250 16.99095 ? 5   G   A "C4'" 1 
ATOM   488  O  "O4'" D G   A 1 6  ? -8.60533  -2.79304  2.88538   0.250 12.50294 ? 5   G   A "O4'" 1 
ATOM   489  C  "C3'" D G   A 1 6  ? -7.37422  -2.64235  4.86185   0.250 20.76688 ? 5   G   A "C3'" 1 
ATOM   490  O  "O3'" D G   A 1 6  ? -7.40123  -2.77726  6.27170   0.250 19.72030 ? 5   G   A "O3'" 1 
ATOM   491  C  "C2'" D G   A 1 6  ? -6.95132  -3.92364  4.15571   0.250 14.77656 ? 5   G   A "C2'" 1 
ATOM   492  O  "O2'" D G   A 1 6  ? -7.55631  -5.05406  4.76814   0.250 15.74624 ? 5   G   A "O2'" 1 
ATOM   493  C  "C1'" D G   A 1 6  ? -7.56736  -3.72996  2.77110   0.250 13.41185 ? 5   G   A "C1'" 1 
ATOM   494  N  N9    D G   A 1 6  ? -6.58237  -3.20262  1.82582   0.250 13.08106 ? 5   G   A N9    1 
ATOM   495  C  C8    D G   A 1 6  ? -6.39698  -1.92874  1.34838   0.250 8.92513  ? 5   G   A C8    1 
ATOM   496  N  N7    D G   A 1 6  ? -5.39694  -1.78943  0.51496   0.250 11.11096 ? 5   G   A N7    1 
ATOM   497  C  C5    D G   A 1 6  ? -4.91816  -3.09345  0.43668   0.250 15.43053 ? 5   G   A C5    1 
ATOM   498  C  C6    D G   A 1 6  ? -3.85258  -3.63731  -0.30909  0.250 17.02280 ? 5   G   A C6    1 
ATOM   499  O  O6    D G   A 1 6  ? -3.08275  -3.05264  -1.06982  0.250 16.24746 ? 5   G   A O6    1 
ATOM   500  N  N1    D G   A 1 6  ? -3.73502  -4.99947  -0.09685  0.250 9.30464  ? 5   G   A N1    1 
ATOM   501  C  C2    D G   A 1 6  ? -4.51775  -5.73690  0.73735   0.250 9.61414  ? 5   G   A C2    1 
ATOM   502  N  N2    D G   A 1 6  ? -4.23401  -7.02831  0.84211   0.250 9.06011  ? 5   G   A N2    1 
ATOM   503  N  N3    D G   A 1 6  ? -5.50364  -5.25823  1.45089   0.250 14.41999 ? 5   G   A N3    1 
ATOM   504  C  C4    D G   A 1 6  ? -5.62793  -3.95248  1.24006   0.250 8.96621  ? 5   G   A C4    1 
HETATM 505  P  P     A TFT A 1 7  ? -5.63372  -4.17834  7.47570   0.250 33.58336 ? 6   TFT A P     1 
HETATM 506  O  OP1   A TFT A 1 7  ? -5.85450  -4.46686  8.91197   0.250 32.24592 ? 6   TFT A OP1   1 
HETATM 507  O  OP2   A TFT A 1 7  ? -5.56674  -2.76132  6.99007   0.250 27.52875 ? 6   TFT A OP2   1 
HETATM 508  O  O3T   A TFT A 1 7  ? -4.37071  -5.02964  6.83148   0.250 32.14907 ? 6   TFT A O3T   1 
HETATM 509  N  N1    A TFT A 1 7  ? -2.74268  -5.78061  3.87407   0.250 20.14532 ? 6   TFT A N1    1 
HETATM 510  C  C6    A TFT A 1 7  ? -3.22037  -4.47448  4.10800   0.250 15.62496 ? 6   TFT A C6    1 
HETATM 511  C  C2    A TFT A 1 7  ? -1.75416  -5.96664  2.97324   0.250 15.23459 ? 6   TFT A C2    1 
HETATM 512  O  O2    A TFT A 1 7  ? -1.30273  -7.08098  2.71259   0.250 12.84734 ? 6   TFT A O2    1 
HETATM 513  N  N3    A TFT A 1 7  ? -1.20504  -4.86369  2.30143   0.250 13.80435 ? 6   TFT A N3    1 
HETATM 514  C  C4    A TFT A 1 7  ? -1.66899  -3.57351  2.53286   0.250 12.26980 ? 6   TFT A C4    1 
HETATM 515  O  O4    A TFT A 1 7  ? -1.13053  -2.65515  1.91845   0.250 16.12655 ? 6   TFT A O4    1 
HETATM 516  C  C5    A TFT A 1 7  ? -2.69531  -3.37050  3.46053   0.250 15.23409 ? 6   TFT A C5    1 
HETATM 517  C  C5M   A TFT A 1 7  ? -3.26449  -1.96769  3.78486   0.250 5.97461  ? 6   TFT A C5M   1 
HETATM 518  C  C2T   A TFT A 1 7  ? -3.08667  -7.05520  6.07632   0.250 24.98686 ? 6   TFT A C2T   1 
HETATM 519  C  C4T   A TFT A 1 7  ? -5.34359  -6.99640  5.76751   0.250 29.25790 ? 6   TFT A C4T   1 
HETATM 520  O  O4T   A TFT A 1 7  ? -4.75995  -6.47402  4.55368   0.250 20.06964 ? 6   TFT A O4T   1 
HETATM 521  C  C1T   A TFT A 1 7  ? -3.37989  -6.91230  4.58670   0.250 22.73426 ? 6   TFT A C1T   1 
HETATM 522  C  C3T   A TFT A 1 7  ? -4.34369  -6.48865  6.76679   0.250 23.67312 ? 6   TFT A C3T   1 
HETATM 523  O  O2T   A TFT A 1 7  ? -3.03219  -8.46498  6.37100   0.250 27.07697 ? 6   TFT A O2T   1 
ATOM   524  P  P     B U   A 1 7  ? -5.86937  -2.66415  6.98769   0.250 21.39130 ? 6   U   A P     1 
ATOM   525  O  OP1   B U   A 1 7  ? -6.09219  -2.74540  8.45551   0.250 25.02697 ? 6   U   A OP1   1 
ATOM   526  O  OP2   B U   A 1 7  ? -5.49590  -1.34790  6.39459   0.250 25.08119 ? 6   U   A OP2   1 
ATOM   527  O  "O5'" B U   A 1 7  ? -4.79698  -3.76966  6.57968   0.250 12.62804 ? 6   U   A "O5'" 1 
ATOM   528  C  "C5'" B U   A 1 7  ? -5.15961  -5.13999  6.68936   0.250 26.99055 ? 6   U   A "C5'" 1 
ATOM   529  C  "C4'" B U   A 1 7  ? -4.36568  -6.03480  5.77905   0.250 21.64779 ? 6   U   A "C4'" 1 
ATOM   530  O  "O4'" B U   A 1 7  ? -4.32294  -5.49646  4.44124   0.250 20.22275 ? 6   U   A "O4'" 1 
ATOM   531  C  "C3'" B U   A 1 7  ? -2.90695  -6.22107  6.14779   0.250 23.09817 ? 6   U   A "C3'" 1 
ATOM   532  O  "O3'" B U   A 1 7  ? -2.74311  -7.16374  7.19026   0.250 17.23543 ? 6   U   A "O3'" 1 
ATOM   533  C  "C2'" B U   A 1 7  ? -2.26746  -6.64720  4.82967   0.250 21.83461 ? 6   U   A "C2'" 1 
ATOM   534  O  "O2'" B U   A 1 7  ? -2.40302  -8.04698  4.61655   0.250 18.18280 ? 6   U   A "O2'" 1 
ATOM   535  C  "C1'" B U   A 1 7  ? -3.13152  -5.90519  3.80297   0.250 18.16545 ? 6   U   A "C1'" 1 
ATOM   536  N  N1    B U   A 1 7  ? -2.45851  -4.72537  3.20712   0.250 18.42319 ? 6   U   A N1    1 
ATOM   537  C  C2    B U   A 1 7  ? -1.49264  -4.99672  2.26470   0.250 15.10646 ? 6   U   A C2    1 
ATOM   538  O  O2    B U   A 1 7  ? -1.18329  -6.13213  1.95646   0.250 17.01221 ? 6   U   A O2    1 
ATOM   539  N  N3    B U   A 1 7  ? -0.88769  -3.91577  1.69910   0.250 16.85678 ? 6   U   A N3    1 
ATOM   540  C  C4    B U   A 1 7  ? -1.15520  -2.60782  1.96962   0.250 15.79229 ? 6   U   A C4    1 
ATOM   541  O  O4    B U   A 1 7  ? -0.49324  -1.78413  1.34233   0.250 10.29414 ? 6   U   A O4    1 
ATOM   542  C  C5    B U   A 1 7  ? -2.19156  -2.39076  2.95349   0.250 8.67319  ? 6   U   A C5    1 
ATOM   543  C  C6    B U   A 1 7  ? -2.80163  -3.44069  3.53370   0.250 14.00739 ? 6   U   A C6    1 
ATOM   544  P  P     C G   A 1 7  ? -5.93936  -3.30298  6.84412   0.250 11.49649 ? 6   G   A P     1 
ATOM   545  O  OP1   C G   A 1 7  ? -6.27294  -3.26885  8.27722   0.250 12.28360 ? 6   G   A OP1   1 
ATOM   546  O  OP2   C G   A 1 7  ? -5.07271  -2.27486  6.21926   0.250 18.47296 ? 6   G   A OP2   1 
ATOM   547  O  "O5'" C G   A 1 7  ? -5.19173  -4.70588  6.60614   0.250 18.92695 ? 6   G   A "O5'" 1 
ATOM   548  C  "C5'" C G   A 1 7  ? -5.66577  -5.88914  7.25790   0.250 16.68594 ? 6   G   A "C5'" 1 
ATOM   549  C  "C4'" C G   A 1 7  ? -5.16458  -7.20394  6.67493   0.250 20.43457 ? 6   G   A "C4'" 1 
ATOM   550  O  "O4'" C G   A 1 7  ? -5.44853  -7.29868  5.24676   0.250 32.19176 ? 6   G   A "O4'" 1 
ATOM   551  C  "C3'" C G   A 1 7  ? -3.67260  -7.47942  6.74062   0.250 26.98235 ? 6   G   A "C3'" 1 
ATOM   552  O  "O3'" C G   A 1 7  ? -3.16417  -7.79058  8.01145   0.250 23.94913 ? 6   G   A "O3'" 1 
ATOM   553  C  "C2'" C G   A 1 7  ? -3.51328  -8.56205  5.69087   0.250 31.26473 ? 6   G   A "C2'" 1 
ATOM   554  O  "O2'" C G   A 1 7  ? -4.13023  -9.77033  6.11351   0.250 24.97121 ? 6   G   A "O2'" 1 
ATOM   555  C  "C1'" C G   A 1 7  ? -4.36685  -7.95076  4.59387   0.250 28.08518 ? 6   G   A "C1'" 1 
ATOM   556  N  N9    C G   A 1 7  ? -3.58596  -6.89312  3.94243   0.250 15.81316 ? 6   G   A N9    1 
ATOM   557  C  C8    C G   A 1 7  ? -3.94103  -5.57155  3.94188   0.250 24.43228 ? 6   G   A C8    1 
ATOM   558  N  N7    C G   A 1 7  ? -3.08967  -4.79398  3.34918   0.250 12.72200 ? 6   G   A N7    1 
ATOM   559  C  C5    C G   A 1 7  ? -2.08721  -5.67648  2.96777   0.250 21.07007 ? 6   G   A C5    1 
ATOM   560  C  C6    C G   A 1 7  ? -0.89839  -5.39294  2.27625   0.250 16.26705 ? 6   G   A C6    1 
ATOM   561  O  O6    C G   A 1 7  ? -0.55712  -4.26908  1.90744   0.250 12.17323 ? 6   G   A O6    1 
ATOM   562  N  N1    C G   A 1 7  ? -0.12869  -6.54175  2.05822   0.250 10.34701 ? 6   G   A N1    1 
ATOM   563  C  C2    C G   A 1 7  ? -0.47970  -7.80873  2.45728   0.250 21.01800 ? 6   G   A C2    1 
ATOM   564  N  N2    C G   A 1 7  ? 0.40935   -8.77006  2.14586   0.250 20.46699 ? 6   G   A N2    1 
ATOM   565  N  N3    C G   A 1 7  ? -1.60264  -8.09064  3.11037   0.250 19.06782 ? 6   G   A N3    1 
ATOM   566  C  C4    C G   A 1 7  ? -2.35373  -6.97768  3.33627   0.250 23.41736 ? 6   G   A C4    1 
HETATM 567  O  "O5'" D CBV A 1 7  ? -5.52048  -4.78333  6.70755   0.250 25.56778 ? 6   CBV A "O5'" 1 
HETATM 568  C  "C5'" D CBV A 1 7  ? -5.63236  -6.16793  7.00416   0.250 17.16176 ? 6   CBV A "C5'" 1 
HETATM 569  C  "C4'" D CBV A 1 7  ? -4.63598  -6.99459  6.22729   0.250 24.18661 ? 6   CBV A "C4'" 1 
HETATM 570  O  "O4'" D CBV A 1 7  ? -4.57554  -6.55878  4.84111   0.250 20.60594 ? 6   CBV A "O4'" 1 
HETATM 571  C  "C3'" D CBV A 1 7  ? -3.18886  -6.93044  6.69082   0.250 25.41467 ? 6   CBV A "C3'" 1 
HETATM 572  O  "O3'" D CBV A 1 7  ? -2.93319  -7.72995  7.82291   0.250 22.15346 ? 6   CBV A "O3'" 1 
HETATM 573  C  "C2'" D CBV A 1 7  ? -2.43530  -7.37270  5.44845   0.250 20.88236 ? 6   CBV A "C2'" 1 
HETATM 574  O  "O2'" D CBV A 1 7  ? -2.59246  -8.77670  5.26361   0.250 18.35434 ? 6   CBV A "O2'" 1 
HETATM 575  C  "C1'" D CBV A 1 7  ? -3.24383  -6.65179  4.36908   0.250 21.27808 ? 6   CBV A "C1'" 1 
HETATM 576  N  N1    D CBV A 1 7  ? -2.76699  -5.27161  4.11168   0.250 20.79111 ? 6   CBV A N1    1 
HETATM 577  C  C2    D CBV A 1 7  ? -1.66843  -5.04429  3.37088   0.250 22.74874 ? 6   CBV A C2    1 
HETATM 578  O  O2    D CBV A 1 7  ? -1.01580  -5.99356  2.93462   0.250 15.79387 ? 6   CBV A O2    1 
HETATM 579  N  N3    D CBV A 1 7  ? -1.25401  -3.72142  3.10172   0.250 29.36103 ? 6   CBV A N3    1 
HETATM 580  C  C4    D CBV A 1 7  ? -1.99142  -2.63672  3.60872   0.250 21.66345 ? 6   CBV A C4    1 
HETATM 581  N  N4    D CBV A 1 7  ? -1.66909  -1.36336  3.41651   0.250 34.49314 ? 6   CBV A N4    1 
HETATM 582  C  C5    D CBV A 1 7  ? -3.13105  -2.86493  4.34762   0.250 21.96412 ? 6   CBV A C5    1 
HETATM 583  C  C6    D CBV A 1 7  ? -3.51319  -4.17986  4.57987   0.250 17.75024 ? 6   CBV A C6    1 
HETATM 584  BR BR    D CBV A 1 7  ? -4.12249  -1.41634  5.03477   0.250 74.46910 ? 6   CBV A BR    1 
ATOM   585  P  P     A C   A 1 8  ? -1.40796  -5.95567  8.76465   0.250 27.38684 ? 7   C   A P     1 
ATOM   586  O  OP1   A C   A 1 8  ? -2.66075  -6.35603  9.45534   0.250 35.81363 ? 7   C   A OP1   1 
ATOM   587  O  OP2   A C   A 1 8  ? -0.74308  -4.67795  9.13694   0.250 30.09901 ? 7   C   A OP2   1 
ATOM   588  O  "O5'" A C   A 1 8  ? -0.30820  -7.09883  8.93772   0.250 29.60204 ? 7   C   A "O5'" 1 
ATOM   589  C  "C5'" A C   A 1 8  ? -0.52124  -8.41843  8.46483   0.250 23.49470 ? 7   C   A "C5'" 1 
ATOM   590  C  "C4'" A C   A 1 8  ? 0.55051   -8.81086  7.47974   0.250 25.08125 ? 7   C   A "C4'" 1 
ATOM   591  O  "O4'" A C   A 1 8  ? 0.22768   -8.29124  6.16960   0.250 21.04501 ? 7   C   A "O4'" 1 
ATOM   592  C  "C3'" A C   A 1 8  ? 1.93503   -8.25709  7.75639   0.250 22.83932 ? 7   C   A "C3'" 1 
ATOM   593  O  "O3'" A C   A 1 8  ? 2.63208   -9.00765  8.71989   0.250 14.64421 ? 7   C   A "O3'" 1 
ATOM   594  C  "C2'" A C   A 1 8  ? 2.58631   -8.28456  6.38524   0.250 19.31627 ? 7   C   A "C2'" 1 
ATOM   595  O  "O2'" A C   A 1 8  ? 2.98880   -9.60481  6.04931   0.250 24.18026 ? 7   C   A "O2'" 1 
ATOM   596  C  "C1'" A C   A 1 8  ? 1.40876   -7.89904  5.50045   0.250 14.97085 ? 7   C   A "C1'" 1 
ATOM   597  N  N1    A C   A 1 8  ? 1.34955   -6.43438  5.27762   0.250 17.05071 ? 7   C   A N1    1 
ATOM   598  C  C2    A C   A 1 8  ? 2.13606   -5.84167  4.27687   0.250 21.18923 ? 7   C   A C2    1 
ATOM   599  O  O2    A C   A 1 8  ? 2.88318   -6.55096  3.57992   0.250 23.35065 ? 7   C   A O2    1 
ATOM   600  N  N3    A C   A 1 8  ? 2.06157   -4.50351  4.09142   0.250 14.84587 ? 7   C   A N3    1 
ATOM   601  C  C4    A C   A 1 8  ? 1.25256   -3.76107  4.85177   0.250 24.53236 ? 7   C   A C4    1 
ATOM   602  N  N4    A C   A 1 8  ? 1.21478   -2.44357  4.62786   0.250 28.22081 ? 7   C   A N4    1 
ATOM   603  C  C5    A C   A 1 8  ? 0.44837   -4.32903  5.87490   0.250 17.81122 ? 7   C   A C5    1 
ATOM   604  C  C6    A C   A 1 8  ? 0.52671   -5.65271  6.04337   0.250 17.95887 ? 7   C   A C6    1 
HETATM 605  P  P     B TFT A 1 8  ? -0.91949  -6.17260  9.12468   0.250 45.53778 ? 7   TFT A P     1 
HETATM 606  O  OP1   B TFT A 1 8  ? -1.82069  -5.04432  8.77172   0.250 14.89342 ? 7   TFT A OP1   1 
HETATM 607  O  OP2   B TFT A 1 8  ? -1.49632  -7.48500  9.52596   0.250 31.74661 ? 7   TFT A OP2   1 
HETATM 608  O  O3T   B TFT A 1 8  ? 0.11707   -6.45507  7.93717   0.250 24.36338 ? 7   TFT A O3T   1 
HETATM 609  N  N1    B TFT A 1 8  ? 2.05062   -6.00018  5.29449   0.250 21.81765 ? 7   TFT A N1    1 
HETATM 610  C  C6    B TFT A 1 8  ? 1.12351   -5.03798  5.71753   0.250 16.39888 ? 7   TFT A C6    1 
HETATM 611  C  C2    B TFT A 1 8  ? 2.90861   -5.73834  4.28023   0.250 19.61514 ? 7   TFT A C2    1 
HETATM 612  O  O2    B TFT A 1 8  ? 3.71557   -6.59924  3.91250   0.250 26.28881 ? 7   TFT A O2    1 
HETATM 613  N  N3    B TFT A 1 8  ? 2.90360   -4.49381  3.65768   0.250 18.86612 ? 7   TFT A N3    1 
HETATM 614  C  C4    B TFT A 1 8  ? 1.98857   -3.52883  4.09146   0.250 13.43910 ? 7   TFT A C4    1 
HETATM 615  O  O4    B TFT A 1 8  ? 1.94734   -2.43238  3.57285   0.250 13.56303 ? 7   TFT A O4    1 
HETATM 616  C  C5    B TFT A 1 8  ? 1.09662   -3.80206  5.11514   0.250 20.56518 ? 7   TFT A C5    1 
HETATM 617  C  C5M   B TFT A 1 8  ? 0.09868   -2.73217  5.55766   0.250 12.75220 ? 7   TFT A C5M   1 
HETATM 618  C  C2T   B TFT A 1 8  ? 2.33963   -7.32966  7.43005   0.250 19.72488 ? 7   TFT A C2T   1 
HETATM 619  C  C4T   B TFT A 1 8  ? 0.54600   -8.61034  7.08579   0.250 23.50763 ? 7   TFT A C4T   1 
HETATM 620  O  O4T   B TFT A 1 8  ? 0.74894   -7.91379  5.85045   0.250 19.49175 ? 7   TFT A O4T   1 
HETATM 621  C  C1T   B TFT A 1 8  ? 2.06174   -7.33672  5.94419   0.250 20.64207 ? 7   TFT A C1T   1 
HETATM 622  C  C3T   B TFT A 1 8  ? 0.98128   -7.57758  8.04874   0.250 20.91988 ? 7   TFT A C3T   1 
HETATM 623  O  O2T   B TFT A 1 8  ? 3.10935   -8.49250  7.64058   0.250 24.86239 ? 7   TFT A O2T   1 
ATOM   624  P  P     C A   A 1 8  ? -2.04417  -6.81363  8.59110   0.250 21.08096 ? 7   A   A P     1 
ATOM   625  O  OP1   C A   A 1 8  ? -2.07867  -7.01153  10.06600  0.250 34.40756 ? 7   A   A OP1   1 
ATOM   626  O  OP2   C A   A 1 8  ? -2.30629  -5.48326  7.98773   0.250 26.83234 ? 7   A   A OP2   1 
ATOM   627  O  "O5'" C A   A 1 8  ? -0.67444  -7.36290  7.99754   0.250 21.71655 ? 7   A   A "O5'" 1 
ATOM   628  C  "C5'" C A   A 1 8  ? -0.48109  -8.75949  7.86199   0.250 23.67525 ? 7   A   A "C5'" 1 
ATOM   629  C  "C4'" C A   A 1 8  ? 0.80678   -9.06996  7.15372   0.250 23.82834 ? 7   A   A "C4'" 1 
ATOM   630  O  "O4'" C A   A 1 8  ? 0.71366   -8.70214  5.75719   0.250 16.55014 ? 7   A   A "O4'" 1 
ATOM   631  C  "C3'" C A   A 1 8  ? 2.02455   -8.31711  7.64185   0.250 22.00168 ? 7   A   A "C3'" 1 
ATOM   632  O  "O3'" C A   A 1 8  ? 2.54917   -8.87073  8.83299   0.250 20.81716 ? 7   A   A "O3'" 1 
ATOM   633  C  "C2'" C A   A 1 8  ? 2.95086   -8.41676  6.44328   0.250 17.05590 ? 7   A   A "C2'" 1 
ATOM   634  O  "O2'" C A   A 1 8  ? 3.50223   -9.72534  6.34646   0.250 19.35172 ? 7   A   A "O2'" 1 
ATOM   635  C  "C1'" C A   A 1 8  ? 1.95843   -8.22316  5.30516   0.250 17.94495 ? 7   A   A "C1'" 1 
ATOM   636  N  N9    C A   A 1 8  ? 1.80330   -6.79841  4.94063   0.250 13.72276 ? 7   A   A N9    1 
ATOM   637  C  C8    C A   A 1 8  ? 0.80629   -5.93565  5.33699   0.250 22.11338 ? 7   A   A C8    1 
ATOM   638  N  N7    C A   A 1 8  ? 0.93029   -4.72555  4.84746   0.250 18.19991 ? 7   A   A N7    1 
ATOM   639  C  C5    C A   A 1 8  ? 2.07469   -4.79169  4.06724   0.250 14.19355 ? 7   A   A C5    1 
ATOM   640  C  C6    C A   A 1 8  ? 2.75270   -3.84180  3.28259   0.250 14.42413 ? 7   A   A C6    1 
ATOM   641  N  N6    C A   A 1 8  ? 2.38337   -2.57948  3.10034   0.250 16.02139 ? 7   A   A N6    1 
ATOM   642  N  N1    C A   A 1 8  ? 3.86523   -4.23708  2.65106   0.250 17.54674 ? 7   A   A N1    1 
ATOM   643  C  C2    C A   A 1 8  ? 4.26652   -5.50102  2.79579   0.250 18.34169 ? 7   A   A C2    1 
ATOM   644  N  N3    C A   A 1 8  ? 3.73370   -6.49047  3.48971   0.250 18.09611 ? 7   A   A N3    1 
ATOM   645  C  C4    C A   A 1 8  ? 2.62365   -6.06180  4.11584   0.250 17.95184 ? 7   A   A C4    1 
ATOM   646  P  P     D G   A 1 8  ? -1.67139  -7.41402  8.74528   0.250 20.60047 ? 7   G   A P     1 
ATOM   647  O  OP1   D G   A 1 8  ? -1.85939  -8.25124  9.95874   0.250 28.46821 ? 7   G   A OP1   1 
ATOM   648  O  OP2   D G   A 1 8  ? -1.59540  -5.93234  8.84872   0.250 22.88559 ? 7   G   A OP2   1 
ATOM   649  O  "O5'" D G   A 1 8  ? -0.41366  -7.96838  7.92557   0.250 14.55300 ? 7   G   A "O5'" 1 
ATOM   650  C  "C5'" D G   A 1 8  ? -0.25667  -9.37169  7.76741   0.250 20.19121 ? 7   G   A "C5'" 1 
ATOM   651  C  "C4'" D G   A 1 8  ? 0.97692   -9.72165  6.97667   0.250 24.01762 ? 7   G   A "C4'" 1 
ATOM   652  O  "O4'" D G   A 1 8  ? 0.88268   -9.16165  5.65209   0.250 17.65337 ? 7   G   A "O4'" 1 
ATOM   653  C  "C3'" D G   A 1 8  ? 2.28316   -9.17995  7.51914   0.250 30.38151 ? 7   G   A "C3'" 1 
ATOM   654  O  "O3'" D G   A 1 8  ? 2.80309   -9.99339  8.55888   0.250 28.70308 ? 7   G   A "O3'" 1 
ATOM   655  C  "C2'" D G   A 1 8  ? 3.17075   -9.11787  6.28406   0.250 20.80288 ? 7   G   A "C2'" 1 
ATOM   656  O  "O2'" D G   A 1 8  ? 3.71568   -10.39707 5.99837   0.250 20.69453 ? 7   G   A "O2'" 1 
ATOM   657  C  "C1'" D G   A 1 8  ? 2.15606   -8.77408  5.19529   0.250 23.16780 ? 7   G   A "C1'" 1 
ATOM   658  N  N9    D G   A 1 8  ? 2.11523   -7.33713  4.87471   0.250 21.91976 ? 7   G   A N9    1 
ATOM   659  C  C8    D G   A 1 8  ? 1.17705   -6.41935  5.28771   0.250 17.37594 ? 7   G   A C8    1 
ATOM   660  N  N7    D G   A 1 8  ? 1.39734   -5.21650  4.81993   0.250 15.93721 ? 7   G   A N7    1 
ATOM   661  C  C5    D G   A 1 8  ? 2.54250   -5.35834  4.05303   0.250 11.51688 ? 7   G   A C5    1 
ATOM   662  C  C6    D G   A 1 8  ? 3.23242   -4.38348  3.31302   0.250 19.10676 ? 7   G   A C6    1 
ATOM   663  O  O6    D G   A 1 8  ? 2.96674   -3.18543  3.18424   0.250 19.96621 ? 7   G   A O6    1 
ATOM   664  N  N1    D G   A 1 8  ? 4.33066   -4.93638  2.68826   0.250 18.97179 ? 7   G   A N1    1 
ATOM   665  C  C2    D G   A 1 8  ? 4.70655   -6.25378  2.76066   0.250 17.86357 ? 7   G   A C2    1 
ATOM   666  N  N2    D G   A 1 8  ? 5.80856   -6.56396  2.06648   0.250 24.73534 ? 7   G   A N2    1 
ATOM   667  N  N3    D G   A 1 8  ? 4.06365   -7.18710  3.44342   0.250 17.55032 ? 7   G   A N3    1 
ATOM   668  C  C4    D G   A 1 8  ? 2.99300   -6.66223  4.06788   0.250 22.52491 ? 7   G   A C4    1 
ATOM   669  P  P     A G   A 1 9  ? 3.55086   -8.24621  9.77370   0.250 9.85822  ? 8   G   A P     1 
ATOM   670  O  OP1   A G   A 1 9  ? 3.92029   -9.24223  10.77547  0.250 8.18640  ? 8   G   A OP1   1 
ATOM   671  O  OP2   A G   A 1 9  ? 2.85960   -7.01636  10.21596  0.250 9.51565  ? 8   G   A OP2   1 
ATOM   672  O  "O5'" A G   A 1 9  ? 4.84027   -7.88685  8.95185   0.250 10.62096 ? 8   G   A "O5'" 1 
ATOM   673  C  "C5'" A G   A 1 9  ? 5.76845   -8.89831  8.66980   0.250 8.13171  ? 8   G   A "C5'" 1 
ATOM   674  C  "C4'" A G   A 1 9  ? 6.85275   -8.40460  7.76719   0.250 8.10560  ? 8   G   A "C4'" 1 
ATOM   675  O  "O4'" A G   A 1 9  ? 6.26297   -7.98032  6.50214   0.250 10.84215 ? 8   G   A "O4'" 1 
ATOM   676  C  "C3'" A G   A 1 9  ? 7.61629   -7.17420  8.22599   0.250 9.11292  ? 8   G   A "C3'" 1 
ATOM   677  O  "O3'" A G   A 1 9  ? 8.58032   -7.43003  9.23854   0.250 11.42856 ? 8   G   A "O3'" 1 
ATOM   678  C  "C2'" A G   A 1 9  ? 8.19475   -6.68065  6.90990   0.250 13.20284 ? 8   G   A "C2'" 1 
ATOM   679  O  "O2'" A G   A 1 9  ? 9.19881   -7.57724  6.46903   0.250 9.77228  ? 8   G   A "O2'" 1 
ATOM   680  C  "C1'" A G   A 1 9  ? 6.99047   -6.87871  5.99179   0.250 7.75503  ? 8   G   A "C1'" 1 
ATOM   681  N  N9    A G   A 1 9  ? 6.11213   -5.69673  5.97985   0.250 13.52624 ? 8   G   A N9    1 
ATOM   682  C  C8    A G   A 1 9  ? 4.93061   -5.54447  6.66336   0.250 18.21802 ? 8   G   A C8    1 
ATOM   683  N  N7    A G   A 1 9  ? 4.39635   -4.37113  6.46441   0.250 11.63458 ? 8   G   A N7    1 
ATOM   684  C  C5    A G   A 1 9  ? 5.27476   -3.71254  5.61154   0.250 15.73168 ? 8   G   A C5    1 
ATOM   685  C  C6    A G   A 1 9  ? 5.22138   -2.40503  5.05501   0.250 14.76536 ? 8   G   A C6    1 
ATOM   686  O  O6    A G   A 1 9  ? 4.32990   -1.53956  5.21769   0.250 16.23952 ? 8   G   A O6    1 
ATOM   687  N  N1    A G   A 1 9  ? 6.34294   -2.15446  4.24504   0.250 15.11702 ? 8   G   A N1    1 
ATOM   688  C  C2    A G   A 1 9  ? 7.38009   -3.03816  4.00134   0.250 9.23447  ? 8   G   A C2    1 
ATOM   689  N  N2    A G   A 1 9  ? 8.38383   -2.63015  3.19165   0.250 16.71823 ? 8   G   A N2    1 
ATOM   690  N  N3    A G   A 1 9  ? 7.41121   -4.26263  4.51728   0.250 10.63394 ? 8   G   A N3    1 
ATOM   691  C  C4    A G   A 1 9  ? 6.35393   -4.51714  5.31815   0.250 17.39045 ? 8   G   A C4    1 
ATOM   692  P  P     B C   A 1 9  ? 3.82677   -7.77928  8.82560   0.250 24.29887 ? 8   C   A P     1 
ATOM   693  O  OP1   B C   A 1 9  ? 3.53913   -9.01379  9.58879   0.250 18.49385 ? 8   C   A OP1   1 
ATOM   694  O  OP2   B C   A 1 9  ? 3.52459   -6.44152  9.39553   0.250 26.35063 ? 8   C   A OP2   1 
ATOM   695  O  "O5'" B C   A 1 9  ? 5.39108   -7.76874  8.55338   0.250 16.34653 ? 8   C   A "O5'" 1 
ATOM   696  C  "C5'" B C   A 1 9  ? 6.03852   -8.81677  7.85654   0.250 16.41808 ? 8   C   A "C5'" 1 
ATOM   697  C  "C4'" B C   A 1 9  ? 7.24201   -8.29934  7.11165   0.250 8.59936  ? 8   C   A "C4'" 1 
ATOM   698  O  "O4'" B C   A 1 9  ? 6.82105   -7.67497  5.86500   0.250 18.91409 ? 8   C   A "O4'" 1 
ATOM   699  C  "C3'" B C   A 1 9  ? 8.03193   -7.20646  7.80702   0.250 14.64348 ? 8   C   A "C3'" 1 
ATOM   700  O  "O3'" B C   A 1 9  ? 8.86478   -7.64667  8.87109   0.250 8.42826  ? 8   C   A "O3'" 1 
ATOM   701  C  "C2'" B C   A 1 9  ? 8.77681   -6.57135  6.64092   0.250 6.94617  ? 8   C   A "C2'" 1 
ATOM   702  O  "O2'" B C   A 1 9  ? 9.88336   -7.37717  6.24813   0.250 11.82822 ? 8   C   A "O2'" 1 
ATOM   703  C  "C1'" B C   A 1 9  ? 7.69831   -6.61356  5.54946   0.250 10.78805 ? 8   C   A "C1'" 1 
ATOM   704  N  N1    B C   A 1 9  ? 6.93361   -5.34714  5.53615   0.250 15.53087 ? 8   C   A N1    1 
ATOM   705  C  C2    B C   A 1 9  ? 7.47120   -4.29251  4.82162   0.250 19.11283 ? 8   C   A C2    1 
ATOM   706  O  O2    B C   A 1 9  ? 8.52682   -4.49382  4.21602   0.250 15.14840 ? 8   C   A O2    1 
ATOM   707  N  N3    B C   A 1 9  ? 6.83629   -3.10565  4.80766   0.250 23.11273 ? 8   C   A N3    1 
ATOM   708  C  C4    B C   A 1 9  ? 5.70450   -2.94445  5.48612   0.250 12.30056 ? 8   C   A C4    1 
ATOM   709  N  N4    B C   A 1 9  ? 5.11710   -1.75148  5.42111   0.250 21.15496 ? 8   C   A N4    1 
ATOM   710  C  C5    B C   A 1 9  ? 5.13114   -4.00914  6.23447   0.250 20.05701 ? 8   C   A C5    1 
ATOM   711  C  C6    B C   A 1 9  ? 5.78136   -5.17964  6.24097   0.250 14.04660 ? 8   C   A C6    1 
ATOM   712  P  P     C A   A 1 9  ? 2.84218   -7.93615  10.09764  0.250 21.10521 ? 8   A   A P     1 
ATOM   713  P  P     D A   A 1 9  ? 3.60948   -7.16474  9.78198   0.250 16.42108 ? 8   A   A P     1 
ATOM   714  O  OP1   C A   A 1 9  ? 3.18768   -8.83772  11.21292  0.250 13.90240 ? 8   A   A OP1   1 
ATOM   715  O  OP1   D A   A 1 9  ? 3.80773   -8.12800  10.88234  0.250 12.62720 ? 8   A   A OP1   1 
ATOM   716  O  OP2   C A   A 1 9  ? 1.75530   -6.94918  10.29389  0.250 35.12242 ? 8   A   A OP2   1 
ATOM   717  O  OP2   D A   A 1 9  ? 3.06528   -5.81780  10.09634  0.250 22.56637 ? 8   A   A OP2   1 
ATOM   718  O  "O5'" C A   A 1 9  ? 4.20517   -7.21259  9.68477   0.250 26.76113 ? 8   A   A "O5'" 1 
ATOM   719  O  "O5'" D A   A 1 9  ? 4.99029   -6.94952  9.00936   0.250 13.77688 ? 8   A   A "O5'" 1 
ATOM   720  C  "C5'" C A   A 1 9  ? 5.39721   -7.97238  9.54450   0.250 19.92522 ? 8   A   A "C5'" 1 
ATOM   721  C  "C5'" D A   A 1 9  ? 5.86862   -8.04432  8.75504   0.250 21.39637 ? 8   A   A "C5'" 1 
ATOM   722  C  "C4'" C A   A 1 9  ? 6.20428   -7.59677  8.32169   0.250 22.71535 ? 8   A   A "C4'" 1 
ATOM   723  C  "C4'" D A   A 1 9  ? 6.85138   -7.72741  7.65091   0.250 8.27353  ? 8   A   A "C4'" 1 
ATOM   724  O  "O4'" C A   A 1 9  ? 5.34423   -7.13753  7.24722   0.250 25.28014 ? 8   A   A "O4'" 1 
ATOM   725  O  "O4'" D A   A 1 9  ? 6.12948   -7.31360  6.46068   0.250 7.53637  ? 8   A   A "O4'" 1 
ATOM   726  C  "C3'" C A   A 1 9  ? 7.20661   -6.46988  8.46531   0.250 12.13695 ? 8   A   A "C3'" 1 
ATOM   727  C  "C3'" D A   A 1 9  ? 7.81587   -6.57855  7.91456   0.250 9.32929  ? 8   A   A "C3'" 1 
ATOM   728  O  "O3'" C A   A 1 9  ? 8.37582   -6.85690  9.15668   0.250 16.14296 ? 8   A   A "O3'" 1 
ATOM   729  O  "O3'" D A   A 1 9  ? 8.94307   -6.94681  8.67389   0.250 14.84155 ? 8   A   A "O3'" 1 
ATOM   730  C  "C2'" C A   A 1 9  ? 7.45152   -6.10083  7.01037   0.250 14.45106 ? 8   A   A "C2'" 1 
ATOM   731  C  "C2'" D A   A 1 9  ? 8.18666   -6.13156  6.50815   0.250 10.48827 ? 8   A   A "C2'" 1 
ATOM   732  O  "O2'" C A   A 1 9  ? 8.22344   -7.11847  6.39281   0.250 17.00762 ? 8   A   A "O2'" 1 
ATOM   733  O  "O2'" D A   A 1 9  ? 9.13102   -7.01296  5.92259   0.250 14.98843 ? 8   A   A "O2'" 1 
ATOM   734  C  "C1'" C A   A 1 9  ? 6.03714   -6.19815  6.45237   0.250 20.79974 ? 8   A   A "C1'" 1 
ATOM   735  C  "C1'" D A   A 1 9  ? 6.85722   -6.30556  5.78515   0.250 8.70621  ? 8   A   A "C1'" 1 
ATOM   736  N  N9    C A   A 1 9  ? 5.32050   -4.91336  6.52995   0.250 19.44160 ? 8   A   A N9    1 
ATOM   737  N  N9    D A   A 1 9  ? 6.08273   -5.05476  5.83031   0.250 14.71105 ? 8   A   A N9    1 
ATOM   738  C  C8    C A   A 1 9  ? 4.27615   -4.60831  7.36064   0.250 27.21916 ? 8   A   A C8    1 
ATOM   739  C  C8    D A   A 1 9  ? 4.97936   -4.76842  6.58992   0.250 17.24638 ? 8   A   A C8    1 
ATOM   740  N  N7    C A   A 1 9  ? 3.81202   -3.39138  7.21520   0.250 32.72784 ? 8   A   A N7    1 
ATOM   741  N  N7    D A   A 1 9  ? 4.52284   -3.55488  6.39696   0.250 11.72420 ? 8   A   A N7    1 
ATOM   742  C  C5    C A   A 1 9  ? 4.60031   -2.85690  6.20816   0.250 21.30801 ? 8   A   A C5    1 
ATOM   743  C  C5    D A   A 1 9  ? 5.38338   -2.99679  5.46954   0.250 12.41228 ? 8   A   A C5    1 
ATOM   744  C  C6    C A   A 1 9  ? 4.58683   -1.58509  5.61655   0.250 20.49399 ? 8   A   A C6    1 
ATOM   745  C  C6    D A   A 1 9  ? 5.43440   -1.73659  4.84182   0.250 16.69854 ? 8   A   A C6    1 
ATOM   746  N  N6    C A   A 1 9  ? 3.74013   -0.60116  5.95019   0.250 22.79519 ? 8   A   A N6    1 
ATOM   747  N  N6    D A   A 1 9  ? 4.56704   -0.74679  5.08481   0.250 12.56087 ? 8   A   A N6    1 
ATOM   748  N  N1    C A   A 1 9  ? 5.50296   -1.36911  4.65825   0.250 18.35375 ? 8   A   A N1    1 
ATOM   749  N  N1    D A   A 1 9  ? 6.43083   -1.52158  3.95557   0.250 18.14579 ? 8   A   A N1    1 
ATOM   750  C  C2    C A   A 1 9  ? 6.35106   -2.36054  4.33995   0.250 17.93517 ? 8   A   A C2    1 
ATOM   751  C  C2    D A   A 1 9  ? 7.29494   -2.51560  3.72543   0.250 14.15748 ? 8   A   A C2    1 
ATOM   752  N  N3    C A   A 1 9  ? 6.46303   -3.59919  4.82609   0.250 17.20343 ? 8   A   A N3    1 
ATOM   753  N  N3    D A   A 1 9  ? 7.34442   -3.74511  4.23264   0.250 17.67044 ? 8   A   A N3    1 
ATOM   754  C  C4    C A   A 1 9  ? 5.53619   -3.78395  5.77619   0.250 17.39038 ? 8   A   A C4    1 
ATOM   755  C  C4    D A   A 1 9  ? 6.35575   -3.91768  5.11856   0.250 12.68002 ? 8   A   A C4    1 
HETATM 756  O  "O5'" A CBV A 1 10 ? 10.64829  -4.61098  9.15648   0.250 14.61529 ? 9   CBV A "O5'" 1 
HETATM 757  C  "C5'" A CBV A 1 10 ? 11.66283  -5.26062  8.41002   0.250 12.07837 ? 9   CBV A "C5'" 1 
HETATM 758  C  "C4'" A CBV A 1 10 ? 12.30361  -4.30550  7.44165   0.250 11.85000 ? 9   CBV A "C4'" 1 
HETATM 759  O  "O4'" A CBV A 1 10 ? 11.34578  -3.93782  6.41052   0.250 19.93508 ? 9   CBV A "O4'" 1 
HETATM 760  C  "C3'" A CBV A 1 10 ? 12.75664  -2.97755  8.02204   0.250 15.70866 ? 9   CBV A "C3'" 1 
HETATM 761  O  "O3'" A CBV A 1 10 ? 14.00420  -3.07253  8.71153   0.250 26.45587 ? 9   CBV A "O3'" 1 
HETATM 762  C  "C2'" A CBV A 1 10 ? 12.77040  -2.08077  6.79138   0.250 15.41491 ? 9   CBV A "C2'" 1 
HETATM 763  O  "O2'" A CBV A 1 10 ? 13.90735  -2.37871  5.99377   0.250 12.68836 ? 9   CBV A "O2'" 1 
HETATM 764  C  "C1'" A CBV A 1 10 ? 11.52982  -2.58699  6.04426   0.250 14.54841 ? 9   CBV A "C1'" 1 
HETATM 765  N  N1    A CBV A 1 10 ? 10.29692  -1.83864  6.38909   0.250 19.49393 ? 9   CBV A N1    1 
HETATM 766  C  C2    A CBV A 1 10 ? 10.06957  -0.65960  5.77773   0.250 11.46421 ? 9   CBV A C2    1 
HETATM 767  O  O2    A CBV A 1 10 ? 10.85508  -0.18567  4.95252   0.250 10.87376 ? 9   CBV A O2    1 
HETATM 768  N  N3    A CBV A 1 10 ? 8.90763   0.05795   6.06557   0.250 18.14818 ? 9   CBV A N3    1 
HETATM 769  C  C4    A CBV A 1 10 ? 7.97420   -0.43038  6.97814   0.250 14.65004 ? 9   CBV A C4    1 
HETATM 770  N  N4    A CBV A 1 10 ? 6.86445   0.24097   7.27389   0.250 15.37858 ? 9   CBV A N4    1 
HETATM 771  C  C5    A CBV A 1 10 ? 8.18365   -1.64500  7.60883   0.250 15.07126 ? 9   CBV A C5    1 
HETATM 772  C  C6    A CBV A 1 10 ? 9.35118   -2.35144  7.31208   0.250 16.61707 ? 9   CBV A C6    1 
HETATM 773  BR BR    A CBV A 1 10 ? 6.90837   -2.33459  8.86059   0.250 45.42238 ? 9   CBV A BR    1 
ATOM   774  P  P     B G   A 1 10 ? 9.34753   -6.58029  9.97411   0.250 6.73482  ? 9   G   A P     1 
ATOM   775  O  OP1   B G   A 1 10 ? 10.37264  -7.27132  10.78400  0.250 9.56156  ? 9   G   A OP1   1 
ATOM   776  O  OP2   B G   A 1 10 ? 8.17506   -5.95479  10.60901  0.250 7.29918  ? 9   G   A OP2   1 
ATOM   777  O  "O5'" B G   A 1 10 ? 10.11614  -5.46974  9.16472   0.250 10.11627 ? 9   G   A "O5'" 1 
ATOM   778  C  "C5'" B G   A 1 10 ? 11.43075  -5.72065  8.71185   0.250 12.31819 ? 9   G   A "C5'" 1 
ATOM   779  C  "C4'" B G   A 1 10 ? 12.00568  -4.56829  7.92948   0.250 16.60304 ? 9   G   A "C4'" 1 
ATOM   780  O  "O4'" B G   A 1 10 ? 11.14037  -4.20372  6.81982   0.250 10.72885 ? 9   G   A "O4'" 1 
ATOM   781  C  "C3'" B G   A 1 10 ? 12.21781  -3.25285  8.66824   0.250 16.60661 ? 9   G   A "C3'" 1 
ATOM   782  O  "O3'" B G   A 1 10 ? 13.34770  -3.25680  9.53368   0.250 12.61129 ? 9   G   A "O3'" 1 
ATOM   783  C  "C2'" B G   A 1 10 ? 12.36434  -2.27755  7.51424   0.250 11.21188 ? 9   G   A "C2'" 1 
ATOM   784  O  "O2'" B G   A 1 10 ? 13.65885  -2.42412  6.94045   0.250 9.94868  ? 9   G   A "O2'" 1 
ATOM   785  C  "C1'" B G   A 1 10 ? 11.31631  -2.82771  6.53446   0.250 13.02751 ? 9   G   A "C1'" 1 
ATOM   786  N  N9    B G   A 1 10 ? 10.03130  -2.12660  6.68555   0.250 11.63098 ? 9   G   A N9    1 
ATOM   787  C  C8    B G   A 1 10 ? 8.89096   -2.46898  7.38005   0.250 11.57729 ? 9   G   A C8    1 
ATOM   788  N  N7    B G   A 1 10 ? 7.95026   -1.55937  7.31147   0.250 12.29488 ? 9   G   A N7    1 
ATOM   789  C  C5    B G   A 1 10 ? 8.51698   -0.56119  6.53783   0.250 13.01305 ? 9   G   A C5    1 
ATOM   790  C  C6    B G   A 1 10 ? 7.97758   0.67634   6.10617   0.250 23.64350 ? 9   G   A C6    1 
ATOM   791  O  O6    B G   A 1 10 ? 6.86436   1.16736   6.33306   0.250 18.77398 ? 9   G   A O6    1 
ATOM   792  N  N1    B G   A 1 10 ? 8.89075   1.36213   5.32041   0.250 8.95705  ? 9   G   A N1    1 
ATOM   793  C  C2    B G   A 1 10 ? 10.16324  0.92966   5.02599   0.250 8.63266  ? 9   G   A C2    1 
ATOM   794  N  N2    B G   A 1 10 ? 10.91812  1.72582   4.27589   0.250 11.53642 ? 9   G   A N2    1 
ATOM   795  N  N3    B G   A 1 10 ? 10.67587  -0.21909  5.40567   0.250 16.73256 ? 9   G   A N3    1 
ATOM   796  C  C4    B G   A 1 10 ? 9.79887   -0.89223  6.16152   0.250 10.97457 ? 9   G   A C4    1 
ATOM   797  P  P     C U   A 1 10 ? 9.06988   -5.86616  10.19810  0.250 9.95155  ? 9   U   A P     1 
ATOM   798  O  OP1   C U   A 1 10 ? 10.00184  -6.70803  10.98593  0.250 13.70497 ? 9   U   A OP1   1 
ATOM   799  O  OP2   C U   A 1 10 ? 8.00632   -5.02912  10.76606  0.250 11.91985 ? 9   U   A OP2   1 
ATOM   800  O  "O5'" C U   A 1 10 ? 9.82305   -4.81872  9.28109   0.250 11.94843 ? 9   U   A "O5'" 1 
ATOM   801  C  "C5'" C U   A 1 10 ? 10.99709  -5.19735  8.60386   0.250 7.66813  ? 9   U   A "C5'" 1 
ATOM   802  C  "C4'" C U   A 1 10 ? 11.42899  -4.12017  7.65731   0.250 12.47692 ? 9   U   A "C4'" 1 
ATOM   803  O  "O4'" C U   A 1 10 ? 10.38811  -3.87703  6.67182   0.250 14.57242 ? 9   U   A "O4'" 1 
ATOM   804  C  "C3'" C U   A 1 10 ? 11.67988  -2.74559  8.23620   0.250 10.87784 ? 9   U   A "C3'" 1 
ATOM   805  O  "O3'" C U   A 1 10 ? 12.88940  -2.64679  8.96794   0.250 13.70317 ? 9   U   A "O3'" 1 
ATOM   806  C  "C2'" C U   A 1 10 ? 11.64105  -1.89095  6.97849   0.250 15.96006 ? 9   U   A "C2'" 1 
ATOM   807  O  "O2'" C U   A 1 10 ? 12.79342  -2.09892  6.17104   0.250 15.98209 ? 9   U   A "O2'" 1 
ATOM   808  C  "C1'" C U   A 1 10 ? 10.46126  -2.52625  6.24410   0.250 15.20363 ? 9   U   A "C1'" 1 
ATOM   809  N  N1    C U   A 1 10 ? 9.21601   -1.80655  6.58891   0.250 14.74364 ? 9   U   A N1    1 
ATOM   810  C  C2    C U   A 1 10 ? 9.06157   -0.51497  6.09864   0.250 8.20029  ? 9   U   A C2    1 
ATOM   811  O  O2    C U   A 1 10 ? 9.86718   0.04783   5.36248   0.250 12.82979 ? 9   U   A O2    1 
ATOM   812  N  N3    C U   A 1 10 ? 7.90792   0.11161   6.50108   0.250 21.77751 ? 9   U   A N3    1 
ATOM   813  C  C4    C U   A 1 10 ? 6.91976   -0.38951  7.31464   0.250 20.17277 ? 9   U   A C4    1 
ATOM   814  O  O4    C U   A 1 10 ? 5.93391   0.30282   7.58452   0.250 27.38105 ? 9   U   A O4    1 
ATOM   815  C  C5    C U   A 1 10 ? 7.16559   -1.70438  7.78124   0.250 21.82992 ? 9   U   A C5    1 
ATOM   816  C  C6    C U   A 1 10 ? 8.27203   -2.35108  7.41004   0.250 13.41441 ? 9   U   A C6    1 
ATOM   817  P  P     D A   A 1 10 ? 9.98592   -6.28975  11.11799  0.250 33.45801 ? 9   A   A P     1 
ATOM   818  O  OP1   D A   A 1 10 ? 8.70560   -5.74922  11.63879  0.250 25.61241 ? 9   A   A OP1   1 
ATOM   819  O  OP2   D A   A 1 10 ? 11.09421  -6.69673  12.03045  0.250 31.23777 ? 9   A   A OP2   1 
ATOM   820  O  "O5'" D A   A 1 10 ? 10.50141  -5.25406  10.01448  0.250 34.89191 ? 9   A   A "O5'" 1 
ATOM   821  C  "C5'" D A   A 1 10 ? 11.72537  -5.49811  9.34110   0.250 19.46971 ? 9   A   A "C5'" 1 
ATOM   822  C  "C4'" D A   A 1 10 ? 11.96735  -4.58789  8.16284   0.250 17.01195 ? 9   A   A "C4'" 1 
ATOM   823  O  "O4'" D A   A 1 10 ? 10.84764  -4.56767  7.24103   0.250 22.05198 ? 9   A   A "O4'" 1 
ATOM   824  C  "C3'" D A   A 1 10 ? 12.20764  -3.11804  8.42963   0.250 13.55380 ? 9   A   A "C3'" 1 
ATOM   825  O  "O3'" D A   A 1 10 ? 13.46097  -2.83731  9.02238   0.250 15.00969 ? 9   A   A "O3'" 1 
ATOM   826  C  "C2'" D A   A 1 10 ? 12.06843  -2.55155  7.03379   0.250 15.19343 ? 9   A   A "C2'" 1 
ATOM   827  O  "O2'" D A   A 1 10 ? 13.19147  -2.91697  6.25536   0.250 12.13981 ? 9   A   A "O2'" 1 
ATOM   828  C  "C1'" D A   A 1 10 ? 10.86521  -3.34097  6.53212   0.250 10.95106 ? 9   A   A "C1'" 1 
ATOM   829  N  N9    D A   A 1 10 ? 9.65418   -2.57808  6.83025   0.250 14.55262 ? 9   A   A N9    1 
ATOM   830  C  C8    D A   A 1 10 ? 8.78087   -2.65515  7.88002   0.250 17.57073 ? 9   A   A C8    1 
ATOM   831  N  N7    D A   A 1 10 ? 7.83604   -1.74178  7.84125   0.250 16.02724 ? 9   A   A N7    1 
ATOM   832  C  C5    D A   A 1 10 ? 8.16405   -1.00997  6.72005   0.250 19.78858 ? 9   A   A C5    1 
ATOM   833  C  C6    D A   A 1 10 ? 7.57492   0.09546   6.12480   0.250 25.39761 ? 9   A   A C6    1 
ATOM   834  N  N6    D A   A 1 10 ? 6.47477   0.68587   6.60364   0.250 20.52886 ? 9   A   A N6    1 
ATOM   835  N  N1    D A   A 1 10 ? 8.16770   0.55669   4.99967   0.250 22.74273 ? 9   A   A N1    1 
ATOM   836  C  C2    D A   A 1 10 ? 9.27072   -0.04528  4.52655   0.250 24.33052 ? 9   A   A C2    1 
ATOM   837  N  N3    D A   A 1 10 ? 9.93049   -1.07307  5.00102   0.250 19.80297 ? 9   A   A N3    1 
ATOM   838  C  C4    D A   A 1 10 ? 9.29341   -1.50338  6.10475   0.250 18.08917 ? 9   A   A C4    1 
ATOM   839  P  P     A G   A 1 11 ? 14.40293  -2.05877  9.90591   0.250 20.93448 ? 10  G   A P     1 
ATOM   840  O  OP1   A G   A 1 11 ? 15.77369  -2.39426  10.35394  0.250 25.43104 ? 10  G   A OP1   1 
ATOM   841  O  OP2   A G   A 1 11 ? 13.30769  -1.97055  10.91036  0.250 28.83141 ? 10  G   A OP2   1 
ATOM   842  O  "O5'" A G   A 1 11 ? 14.50475  -0.65429  9.18372   0.250 13.47802 ? 10  G   A "O5'" 1 
ATOM   843  C  "C5'" A G   A 1 11 ? 15.50231  -0.39322  8.20298   0.250 12.22483 ? 10  G   A "C5'" 1 
ATOM   844  C  "C4'" A G   A 1 11 ? 15.21910  0.90499   7.48431   0.250 18.27987 ? 10  G   A "C4'" 1 
ATOM   845  O  "O4'" A G   A 1 11 ? 13.94169  0.82568   6.78571   0.250 19.51358 ? 10  G   A "O4'" 1 
ATOM   846  C  "C3'" A G   A 1 11 ? 15.06367  2.11768   8.38736   0.250 25.38184 ? 10  G   A "C3'" 1 
ATOM   847  O  "O3'" A G   A 1 11 ? 16.29915  2.68008   8.76663   0.250 16.77627 ? 10  G   A "O3'" 1 
ATOM   848  C  "C2'" A G   A 1 11 ? 14.19969  3.05501   7.55504   0.250 23.13428 ? 10  G   A "C2'" 1 
ATOM   849  O  "O2'" A G   A 1 11 ? 14.98892  3.68183   6.56240   0.250 17.17178 ? 10  G   A "O2'" 1 
ATOM   850  C  "C1'" A G   A 1 11 ? 13.26501  2.06735   6.86191   0.250 10.55468 ? 10  G   A "C1'" 1 
ATOM   851  N  N9    A G   A 1 11 ? 12.01069  1.86217   7.61738   0.250 13.18415 ? 10  G   A N9    1 
ATOM   852  C  C8    A G   A 1 11 ? 11.70377  0.75381   8.36361   0.250 24.50798 ? 10  G   A C8    1 
ATOM   853  N  N7    A G   A 1 11 ? 10.52781  0.81515   8.92305   0.250 20.49962 ? 10  G   A N7    1 
ATOM   854  C  C5    A G   A 1 11 ? 10.01911  2.03910   8.53040   0.250 24.27335 ? 10  G   A C5    1 
ATOM   855  C  C6    A G   A 1 11 ? 8.77518   2.63169   8.84964   0.250 17.95274 ? 10  G   A C6    1 
ATOM   856  O  O6    A G   A 1 11 ? 7.86301   2.18072   9.55862   0.250 17.58610 ? 10  G   A O6    1 
ATOM   857  N  N1    A G   A 1 11 ? 8.64202   3.88003   8.25716   0.250 17.98053 ? 10  G   A N1    1 
ATOM   858  C  C2    A G   A 1 11 ? 9.59366   4.46728   7.45653   0.250 22.73067 ? 10  G   A C2    1 
ATOM   859  N  N2    A G   A 1 11 ? 9.26097   5.67932   6.98943   0.250 26.88329 ? 10  G   A N2    1 
ATOM   860  N  N3    A G   A 1 11 ? 10.77098  3.92189   7.14957   0.250 17.76601 ? 10  G   A N3    1 
ATOM   861  C  C4    A G   A 1 11 ? 10.91977  2.70662   7.72644   0.250 18.00996 ? 10  G   A C4    1 
HETATM 862  O  "O5'" B CBV A 1 11 ? 14.07463  -0.25995  9.82508   0.250 12.80528 ? 10  CBV A "O5'" 1 
HETATM 863  C  "C5'" B CBV A 1 11 ? 15.22406  -0.25753  8.97924   0.250 18.88823 ? 10  CBV A "C5'" 1 
HETATM 864  C  "C4'" B CBV A 1 11 ? 15.29614  0.94424   8.04964   0.250 16.45690 ? 10  CBV A "C4'" 1 
HETATM 865  O  "O4'" B CBV A 1 11 ? 14.24943  0.91807   7.02649   0.250 22.00434 ? 10  CBV A "O4'" 1 
HETATM 866  C  "C3'" B CBV A 1 11 ? 15.12336  2.32495   8.66507   0.250 18.39560 ? 10  CBV A "C3'" 1 
HETATM 867  O  "O3'" B CBV A 1 11 ? 16.16315  2.76063   9.50267   0.250 19.83804 ? 10  CBV A "O3'" 1 
HETATM 868  C  "C2'" B CBV A 1 11 ? 14.82984  3.16653   7.43322   0.250 19.84125 ? 10  CBV A "C2'" 1 
HETATM 869  O  "O2'" B CBV A 1 11 ? 15.97194  3.24890   6.59195   0.250 16.23883 ? 10  CBV A "O2'" 1 
HETATM 870  C  "C1'" B CBV A 1 11 ? 13.81057  2.25116   6.76864   0.250 17.42736 ? 10  CBV A "C1'" 1 
HETATM 871  N  N1    B CBV A 1 11 ? 12.49451  2.42810   7.42601   0.250 11.59396 ? 10  CBV A N1    1 
HETATM 872  C  C2    B CBV A 1 11 ? 11.80737  3.58229   7.29556   0.250 20.20039 ? 10  CBV A C2    1 
HETATM 873  O  O2    B CBV A 1 11 ? 12.20819  4.51890   6.59348   0.250 14.78181 ? 10  CBV A O2    1 
HETATM 874  N  N3    B CBV A 1 11 ? 10.56958  3.71427   7.93949   0.250 14.00242 ? 10  CBV A N3    1 
HETATM 875  C  C4    B CBV A 1 11 ? 10.05642  2.67642   8.71815   0.250 20.49557 ? 10  CBV A C4    1 
HETATM 876  N  N4    B CBV A 1 11 ? 8.89420   2.76454   9.34984   0.250 20.66946 ? 10  CBV A N4    1 
HETATM 877  C  C5    B CBV A 1 11 ? 10.75364  1.49232   8.87732   0.250 13.92596 ? 10  CBV A C5    1 
HETATM 878  C  C6    B CBV A 1 11 ? 11.96984  1.37846   8.22044   0.250 20.76887 ? 10  CBV A C6    1 
HETATM 879  BR BR    B CBV A 1 11 ? 10.00251  0.08799   9.97053   0.250 32.41455 ? 10  CBV A BR    1 
HETATM 880  P  P     C TFT A 1 11 ? 13.17627  -2.22688  10.44360  0.250 14.96350 ? 10  TFT A P     1 
HETATM 881  O  OP1   C TFT A 1 11 ? 14.55445  -2.46418  10.91662  0.250 9.28588  ? 10  TFT A OP1   1 
HETATM 882  O  OP2   C TFT A 1 11 ? 12.05570  -2.56075  11.34974  0.250 19.50499 ? 10  TFT A OP2   1 
HETATM 883  O  O3T   C TFT A 1 11 ? 12.99435  -0.69113  9.99968   0.250 16.58904 ? 10  TFT A O3T   1 
HETATM 884  N  N1    C TFT A 1 11 ? 11.56007  2.12921   8.50986   0.250 17.15281 ? 10  TFT A N1    1 
HETATM 885  C  C6    C TFT A 1 11 ? 10.82234  1.36478   9.41727   0.250 16.70886 ? 10  TFT A C6    1 
HETATM 886  C  C2    C TFT A 1 11 ? 10.96737  3.08754   7.78211   0.250 20.55075 ? 10  TFT A C2    1 
HETATM 887  O  O2    C TFT A 1 11 ? 11.60522  3.77117   6.97938   0.250 16.16483 ? 10  TFT A O2    1 
HETATM 888  N  N3    C TFT A 1 11 ? 9.59972   3.31527   7.93352   0.250 12.89911 ? 10  TFT A N3    1 
HETATM 889  C  C4    C TFT A 1 11 ? 8.84367   2.55538   8.83958   0.250 17.48850 ? 10  TFT A C4    1 
HETATM 890  O  O4    C TFT A 1 11 ? 7.63813   2.77966   8.95716   0.250 25.29780 ? 10  TFT A O4    1 
HETATM 891  C  C5    C TFT A 1 11 ? 9.46561   1.57052   9.60163   0.250 9.19157  ? 10  TFT A C5    1 
HETATM 892  C  C5M   C TFT A 1 11 ? 8.67278   0.72180   10.60215  0.250 24.18048 ? 10  TFT A C5M   1 
HETATM 893  C  C2T   C TFT A 1 11 ? 13.70512  1.63675   9.74513   0.250 20.17803 ? 10  TFT A C2T   1 
HETATM 894  C  C4T   C TFT A 1 11 ? 14.44885  0.16126   8.23848   0.250 12.52937 ? 10  TFT A C4T   1 
HETATM 895  O  O4T   C TFT A 1 11 ? 13.23314  0.64781   7.65863   0.250 12.10191 ? 10  TFT A O4T   1 
HETATM 896  C  C1T   C TFT A 1 11 ? 13.00912  1.86065   8.38038   0.250 11.89761 ? 10  TFT A C1T   1 
HETATM 897  C  C3T   C TFT A 1 11 ? 14.10427  0.18401   9.71685   0.250 23.33327 ? 10  TFT A C3T   1 
HETATM 898  O  O2T   C TFT A 1 11 ? 14.89820  2.39079   9.70142   0.250 18.78291 ? 10  TFT A O2T   1 
ATOM   899  P  P     D U   A 1 11 ? 13.60533  -1.58133  10.01756  0.250 12.54771 ? 10  U   A P     1 
ATOM   900  O  OP1   D U   A 1 11 ? 14.95302  -1.62473  10.63869  0.250 19.94079 ? 10  U   A OP1   1 
ATOM   901  O  OP2   D U   A 1 11 ? 12.36122  -1.47803  10.82905  0.250 14.79448 ? 10  U   A OP2   1 
ATOM   902  O  "O5'" D U   A 1 11 ? 13.60751  -0.31957  9.05890   0.250 13.28377 ? 10  U   A "O5'" 1 
ATOM   903  C  "C5'" D U   A 1 11 ? 14.44838  -0.25168  7.91902   0.250 24.02719 ? 10  U   A "C5'" 1 
ATOM   904  C  "C4'" D U   A 1 11 ? 14.17949  1.00606   7.14198   0.250 21.18336 ? 10  U   A "C4'" 1 
ATOM   905  O  "O4'" D U   A 1 11 ? 12.78565  1.05198   6.76329   0.250 17.02362 ? 10  U   A "O4'" 1 
ATOM   906  C  "C3'" D U   A 1 11 ? 14.39682  2.28368   7.92366   0.250 21.39987 ? 10  U   A "C3'" 1 
ATOM   907  O  "O3'" D U   A 1 11 ? 15.75761  2.68146   7.91285   0.250 25.80040 ? 10  U   A "O3'" 1 
ATOM   908  C  "C2'" D U   A 1 11 ? 13.45649  3.28197   7.25621   0.250 18.90935 ? 10  U   A "C2'" 1 
ATOM   909  O  "O2'" D U   A 1 11 ? 14.06678  3.90432   6.14069   0.250 21.34352 ? 10  U   A "O2'" 1 
ATOM   910  C  "C1'" D U   A 1 11 ? 12.33189  2.38394   6.74914   0.250 16.84844 ? 10  U   A "C1'" 1 
ATOM   911  N  N1    D U   A 1 11 ? 11.07742  2.49668   7.53295   0.250 20.18203 ? 10  U   A N1    1 
ATOM   912  C  C2    D U   A 1 11 ? 10.41013  3.70225   7.42642   0.250 16.86210 ? 10  U   A C2    1 
ATOM   913  O  O2    D U   A 1 11 ? 10.83041  4.65687   6.78416   0.250 20.78585 ? 10  U   A O2    1 
ATOM   914  N  N3    D U   A 1 11 ? 9.24420   3.77731   8.13562   0.250 10.75086 ? 10  U   A N3    1 
ATOM   915  C  C4    D U   A 1 11 ? 8.65485   2.79131   8.89482   0.250 20.40574 ? 10  U   A C4    1 
ATOM   916  O  O4    D U   A 1 11 ? 7.57760   3.03236   9.45776   0.250 16.71704 ? 10  U   A O4    1 
ATOM   917  C  C5    D U   A 1 11 ? 9.39286   1.56437   8.93043   0.250 18.79460 ? 10  U   A C5    1 
ATOM   918  C  C6    D U   A 1 11 ? 10.54987  1.45692   8.25996   0.250 23.63177 ? 10  U   A C6    1 
ATOM   919  P  P     A A   A 1 12 ? 16.43932  3.34951   10.21103  0.250 16.22522 ? 11  A   A P     1 
ATOM   920  O  OP1   A A   A 1 12 ? 17.86846  3.20635   10.60620  0.250 27.61149 ? 11  A   A OP1   1 
ATOM   921  O  OP2   A A   A 1 12 ? 15.37904  2.77758   11.08025  0.250 16.88884 ? 11  A   A OP2   1 
ATOM   922  O  "O5'" A A   A 1 12 ? 16.10112  4.88723   9.98720   0.250 10.70949 ? 11  A   A "O5'" 1 
ATOM   923  C  "C5'" A A   A 1 12 ? 16.65628  5.67354   8.94401   0.250 22.25679 ? 11  A   A "C5'" 1 
ATOM   924  C  "C4'" A A   A 1 12 ? 15.76095  6.85775   8.68836   0.250 25.33504 ? 11  A   A "C4'" 1 
ATOM   925  O  "O4'" A A   A 1 12 ? 14.46639  6.36384   8.26836   0.250 15.49859 ? 11  A   A "O4'" 1 
ATOM   926  C  "C3'" A A   A 1 12 ? 15.46359  7.69801   9.92103   0.250 21.52668 ? 11  A   A "C3'" 1 
ATOM   927  O  "O3'" A A   A 1 12 ? 16.43869  8.70129   10.15622  0.250 21.62118 ? 11  A   A "O3'" 1 
ATOM   928  C  "C2'" A A   A 1 12 ? 14.06068  8.22632   9.66440   0.250 18.97014 ? 11  A   A "C2'" 1 
ATOM   929  O  "O2'" A A   A 1 12 ? 14.11288  9.33667   8.77551   0.250 24.91753 ? 11  A   A "O2'" 1 
ATOM   930  C  "C1'" A A   A 1 12 ? 13.42937  7.03743   8.94400   0.250 21.43974 ? 11  A   A "C1'" 1 
ATOM   931  N  N9    A A   A 1 12 ? 12.79077  6.06441   9.87143   0.250 18.23981 ? 11  A   A N9    1 
ATOM   932  C  C8    A A   A 1 12 ? 13.41581  5.07945   10.59575  0.250 32.38314 ? 11  A   A C8    1 
ATOM   933  N  N7    A A   A 1 12 ? 12.64735  4.32671   11.34462  0.250 26.01788 ? 11  A   A N7    1 
ATOM   934  C  C5    A A   A 1 12 ? 11.38835  4.83808   11.10615  0.250 20.45128 ? 11  A   A C5    1 
ATOM   935  C  C6    A A   A 1 12 ? 10.12025  4.47250   11.60800  0.250 24.63028 ? 11  A   A C6    1 
ATOM   936  N  N6    A A   A 1 12 ? 9.91711   3.47288   12.47244  0.250 25.32860 ? 11  A   A N6    1 
ATOM   937  N  N1    A A   A 1 12 ? 9.05932   5.18561   11.17316  0.250 17.41638 ? 11  A   A N1    1 
ATOM   938  C  C2    A A   A 1 12 ? 9.29797   6.18113   10.30038  0.250 20.53437 ? 11  A   A C2    1 
ATOM   939  N  N3    A A   A 1 12 ? 10.43313  6.62318   9.76281   0.250 22.48799 ? 11  A   A N3    1 
ATOM   940  C  C4    A A   A 1 12 ? 11.46283  5.90195   10.20957  0.250 17.28761 ? 11  A   A C4    1 
ATOM   941  P  P     B G   A 1 12 ? 15.96415  2.63667   11.09302  0.250 23.68637 ? 11  G   A P     1 
ATOM   942  O  OP1   B G   A 1 12 ? 17.15672  1.94180   11.64138  0.250 36.21947 ? 11  G   A OP1   1 
ATOM   943  O  OP2   B G   A 1 12 ? 14.60849  2.09813   11.35721  0.250 26.44701 ? 11  G   A OP2   1 
ATOM   944  O  "O5'" B G   A 1 12 ? 15.97388  4.14505   11.59941  0.250 35.64039 ? 11  G   A "O5'" 1 
ATOM   945  C  "C5'" B G   A 1 12 ? 17.00699  5.03899   11.20090  0.250 35.57266 ? 11  G   A "C5'" 1 
ATOM   946  C  "C4'" B G   A 1 12 ? 16.51612  6.03392   10.18008  0.250 22.60280 ? 11  G   A "C4'" 1 
ATOM   947  O  "O4'" B G   A 1 12 ? 15.49498  5.41031   9.36350   0.250 16.24019 ? 11  G   A "O4'" 1 
ATOM   948  C  "C3'" B G   A 1 12 ? 15.83309  7.27535   10.72521  0.250 22.84608 ? 11  G   A "C3'" 1 
ATOM   949  O  "O3'" B G   A 1 12 ? 16.74575  8.26778   11.12363  0.250 18.14357 ? 11  G   A "O3'" 1 
ATOM   950  C  "C2'" B G   A 1 12 ? 14.96241  7.70010   9.55946   0.250 26.39020 ? 11  G   A "C2'" 1 
ATOM   951  O  "O2'" B G   A 1 12 ? 15.73176  8.30636   8.53155   0.250 33.28278 ? 11  G   A "O2'" 1 
ATOM   952  C  "C1'" B G   A 1 12 ? 14.48921  6.34391   9.05395   0.250 17.46874 ? 11  G   A "C1'" 1 
ATOM   953  N  N9    B G   A 1 12 ? 13.24546  5.94956   9.74113   0.250 24.90457 ? 11  G   A N9    1 
ATOM   954  C  C8    B G   A 1 12 ? 12.93866  4.93922   10.62067  0.250 25.57837 ? 11  G   A C8    1 
ATOM   955  N  N7    B G   A 1 12 ? 11.69095  4.97511   11.02202  0.250 20.20767 ? 11  G   A N7    1 
ATOM   956  C  C5    B G   A 1 12 ? 11.14704  6.08373   10.37915  0.250 14.50289 ? 11  G   A C5    1 
ATOM   957  C  C6    B G   A 1 12 ? 9.85840   6.68688   10.38015  0.250 18.59433 ? 11  G   A C6    1 
ATOM   958  O  O6    B G   A 1 12 ? 8.79928   6.39308   10.95505  0.250 15.61633 ? 11  G   A O6    1 
ATOM   959  N  N1    B G   A 1 12 ? 9.86361   7.79740   9.55044   0.250 24.40540 ? 11  G   A N1    1 
ATOM   960  C  C2    B G   A 1 12 ? 10.90909  8.28881   8.81510   0.250 16.06213 ? 11  G   A C2    1 
ATOM   961  N  N2    B G   A 1 12 ? 10.74837  9.37516   8.03871   0.250 35.54643 ? 11  G   A N2    1 
ATOM   962  N  N3    B G   A 1 12 ? 12.07226  7.74366   8.81227   0.250 23.06722 ? 11  G   A N3    1 
ATOM   963  C  C4    B G   A 1 12 ? 12.11797  6.67777   9.60479   0.250 20.98711 ? 11  G   A C4    1 
ATOM   964  P  P     C C   A 1 12 ? 17.44108  3.61149   9.43109   0.250 26.78601 ? 11  C   A P     1 
ATOM   965  O  OP1   C C   A 1 12 ? 18.91486  3.58505   9.60588   0.250 37.17465 ? 11  C   A OP1   1 
ATOM   966  O  OP2   C C   A 1 12 ? 16.58029  3.19677   10.57043  0.250 26.04529 ? 11  C   A OP2   1 
ATOM   967  O  "O5'" C C   A 1 12 ? 16.99280  5.08777   9.02997   0.250 25.21676 ? 11  C   A "O5'" 1 
ATOM   968  C  "C5'" C C   A 1 12 ? 15.78321  5.31465   8.31296   0.250 30.01844 ? 11  C   A "C5'" 1 
ATOM   969  C  "C4'" C C   A 1 12 ? 15.50681  6.78787   8.17099   0.250 23.33396 ? 11  C   A "C4'" 1 
ATOM   970  O  "O4'" C C   A 1 12 ? 14.14078  7.00333   7.76895   0.250 25.34524 ? 11  C   A "O4'" 1 
ATOM   971  C  "C3'" C C   A 1 12 ? 15.63282  7.57282   9.45459   0.250 27.96923 ? 11  C   A "C3'" 1 
ATOM   972  O  "O3'" C C   A 1 12 ? 16.98099  7.88621   9.76033   0.250 31.93558 ? 11  C   A "O3'" 1 
ATOM   973  C  "C2'" C C   A 1 12 ? 14.73858  8.79288   9.22060   0.250 18.42744 ? 11  C   A "C2'" 1 
ATOM   974  O  "O2'" C C   A 1 12 ? 15.42988  9.82484   8.55383   0.250 15.94743 ? 11  C   A "O2'" 1 
ATOM   975  C  "C1'" C C   A 1 12 ? 13.68234  8.24093   8.26769   0.250 20.58725 ? 11  C   A "C1'" 1 
ATOM   976  N  N1    C C   A 1 12 ? 12.35384  8.08537   8.89421   0.250 28.57046 ? 11  C   A N1    1 
ATOM   977  C  C2    C C   A 1 12 ? 11.51084  9.19607   8.89352   0.250 23.35883 ? 11  C   A C2    1 
ATOM   978  O  O2    C C   A 1 12 ? 11.91197  10.25316  8.37606   0.250 32.90885 ? 11  C   A O2    1 
ATOM   979  N  N3    C C   A 1 12 ? 10.27968  9.08650   9.44851   0.250 23.01514 ? 11  C   A N3    1 
ATOM   980  C  C4    C C   A 1 12 ? 9.90469   7.92445   9.98343   0.250 17.48420 ? 11  C   A C4    1 
ATOM   981  N  N4    C C   A 1 12 ? 8.69291   7.85725   10.51524  0.250 13.60903 ? 11  C   A N4    1 
ATOM   982  C  C5    C C   A 1 12 ? 10.75181  6.77937   10.00069  0.250 12.89100 ? 11  C   A C5    1 
ATOM   983  C  C6    C C   A 1 12 ? 11.96069  6.90748   9.44279   0.250 19.34594 ? 11  C   A C6    1 
HETATM 984  P  P     D TFT A 1 12 ? 15.60349  3.77423   10.64525  0.250 20.87089 ? 11  TFT A P     1 
HETATM 985  O  OP1   D TFT A 1 12 ? 17.01817  3.98403   10.26294  0.250 23.75939 ? 11  TFT A OP1   1 
HETATM 986  O  OP2   D TFT A 1 12 ? 15.24028  3.25591   11.97314  0.250 19.90902 ? 11  TFT A OP2   1 
HETATM 987  O  O3T   D TFT A 1 12 ? 14.88025  5.16361   10.43541  0.250 23.29263 ? 11  TFT A O3T   1 
HETATM 988  N  N1    D TFT A 1 12 ? 12.21451  6.61869   9.69600   0.250 20.42490 ? 11  TFT A N1    1 
HETATM 989  C  C6    D TFT A 1 12 ? 12.15438  5.34549   10.27988  0.250 14.55256 ? 11  TFT A C6    1 
HETATM 990  C  C2    D TFT A 1 12 ? 11.13599  7.41617   9.74762   0.250 8.02011  ? 11  TFT A C2    1 
HETATM 991  O  O2    D TFT A 1 12 ? 11.18337  8.53216   9.25619   0.250 16.97380 ? 11  TFT A O2    1 
HETATM 992  N  N3    D TFT A 1 12 ? 9.96809   6.98215   10.40298  0.250 20.23349 ? 11  TFT A N3    1 
HETATM 993  C  C4    D TFT A 1 12 ? 9.90778   5.70698   10.98548  0.250 13.01263 ? 11  TFT A C4    1 
HETATM 994  O  O4    D TFT A 1 12 ? 8.86330   5.33221   11.53492  0.250 15.02346 ? 11  TFT A O4    1 
HETATM 995  C  C5    D TFT A 1 12 ? 11.02125  4.88205   10.91981  0.250 20.32098 ? 11  TFT A C5    1 
HETATM 996  C  C5M   D TFT A 1 12 ? 11.01947  3.47859   11.54234  0.250 15.15415 ? 11  TFT A C5M   1 
HETATM 997  C  C2T   D TFT A 1 12 ? 14.50845  7.50462   10.00071  0.250 20.59461 ? 11  TFT A C2T   1 
HETATM 998  C  C4T   D TFT A 1 12 ? 15.50780  6.25691   8.43413   0.250 21.68669 ? 11  TFT A C4T   1 
HETATM 999  O  O4T   D TFT A 1 12 ? 14.10990  6.05582   8.25539   0.250 24.60561 ? 11  TFT A O4T   1 
HETATM 1000 C  C1T   D TFT A 1 12 ? 13.44989  7.09122   9.02147   0.250 21.73973 ? 11  TFT A C1T   1 
HETATM 1001 C  C3T   D TFT A 1 12 ? 15.48577  6.33750   9.91264   0.250 21.04583 ? 11  TFT A C3T   1 
HETATM 1002 O  O2T   D TFT A 1 12 ? 15.13869  8.64181   9.41915   0.250 17.57522 ? 11  TFT A O2T   1 
HETATM 1003 O  O     . HOH B 2 .  ? 2.64720   -1.67713  7.65094   1.000 38.64709 ? 101 HOH A O     1 
HETATM 1004 O  O     . HOH B 2 .  ? -5.79494  10.16080  -12.07912 1.000 28.65626 ? 102 HOH A O     1 
HETATM 1005 O  O     . HOH B 2 .  ? 2.41663   2.83196   -14.20051 1.000 31.22136 ? 103 HOH A O     1 
HETATM 1006 O  O     . HOH B 2 .  ? -1.25370  8.06070   -17.24427 1.000 23.96438 ? 104 HOH A O     1 
HETATM 1007 O  O     . HOH B 2 .  ? -11.54023 0.07862   6.61462   1.000 23.70031 ? 105 HOH A O     1 
HETATM 1008 O  O     . HOH B 2 .  ? 16.01341  -3.55461  7.31738   1.000 33.93307 ? 106 HOH A O     1 
HETATM 1009 O  O     . HOH B 2 .  ? -3.84647  -2.94411  -15.34278 1.000 38.42409 ? 107 HOH A O     1 
HETATM 1010 O  O     . HOH B 2 .  ? 7.32156   -8.69679  2.05306   0.50  44.64990 ? 108 HOH A O     1 
HETATM 1011 O  O     . HOH B 2 .  ? -13.50521 -1.97744  -2.62862  1.000 39.99460 ? 109 HOH A O     1 
# 
